data_7XUY
# 
_entry.id   7XUY 
# 
_audit_conform.dict_name       mmcif_pdbx.dic 
_audit_conform.dict_version    5.380 
_audit_conform.dict_location   http://mmcif.pdb.org/dictionaries/ascii/mmcif_pdbx.dic 
# 
loop_
_database_2.database_id 
_database_2.database_code 
_database_2.pdbx_database_accession 
_database_2.pdbx_DOI 
PDB   7XUY         pdb_00007xuy 10.2210/pdb7xuy/pdb 
WWPDB D_1300028506 ?            ?                   
# 
_pdbx_database_status.status_code                     REL 
_pdbx_database_status.status_code_sf                  REL 
_pdbx_database_status.status_code_mr                  ? 
_pdbx_database_status.entry_id                        7XUY 
_pdbx_database_status.recvd_initial_deposition_date   2022-05-20 
_pdbx_database_status.SG_entry                        N 
_pdbx_database_status.deposit_site                    PDBJ 
_pdbx_database_status.process_site                    PDBJ 
_pdbx_database_status.status_code_cs                  ? 
_pdbx_database_status.status_code_nmr_data            ? 
_pdbx_database_status.methods_development_category    ? 
_pdbx_database_status.pdb_format_compatible           Y 
# 
loop_
_audit_author.name 
_audit_author.pdbx_ordinal 
_audit_author.identifier_ORCID 
'Ma, H.L.' 1 ?                   
'Li, D.F.' 2 0000-0001-8702-7158 
# 
_citation.abstract                  ? 
_citation.abstract_id_CAS           ? 
_citation.book_id_ISBN              ? 
_citation.book_publisher            ? 
_citation.book_publisher_city       ? 
_citation.book_title                ? 
_citation.coordinate_linkage        ? 
_citation.country                   US 
_citation.database_id_Medline       ? 
_citation.details                   ? 
_citation.id                        primary 
_citation.journal_abbrev            Biochem.Biophys.Res.Commun. 
_citation.journal_id_ASTM           BBRCA9 
_citation.journal_id_CSD            0146 
_citation.journal_id_ISSN           1090-2104 
_citation.journal_full              ? 
_citation.journal_issue             ? 
_citation.journal_volume            620 
_citation.language                  ? 
_citation.page_first                42 
_citation.page_last                 48 
_citation.title                     
'Structural insights into the substrate specificity of 5-chloro-2-hydroxymuconate tautomerase CnbG.' 
_citation.year                      2022 
_citation.database_id_CSD           ? 
_citation.pdbx_database_id_DOI      10.1016/j.bbrc.2022.06.058 
_citation.pdbx_database_id_PubMed   35777133 
_citation.pdbx_database_id_patent   ? 
_citation.unpublished_flag          ? 
# 
loop_
_citation_author.citation_id 
_citation_author.name 
_citation_author.ordinal 
_citation_author.identifier_ORCID 
primary 'Ma, H.L.' 1 ? 
primary 'Ding, M.' 2 ? 
primary 'Guo, L.'  3 ? 
primary 'Li, D.F.' 4 ? 
# 
_cell.angle_alpha                  90.000 
_cell.angle_alpha_esd              ? 
_cell.angle_beta                   90.000 
_cell.angle_beta_esd               ? 
_cell.angle_gamma                  120.000 
_cell.angle_gamma_esd              ? 
_cell.entry_id                     7XUY 
_cell.details                      ? 
_cell.formula_units_Z              ? 
_cell.length_a                     81.407 
_cell.length_a_esd                 ? 
_cell.length_b                     81.407 
_cell.length_b_esd                 ? 
_cell.length_c                     63.678 
_cell.length_c_esd                 ? 
_cell.volume                       ? 
_cell.volume_esd                   ? 
_cell.Z_PDB                        18 
_cell.reciprocal_angle_alpha       ? 
_cell.reciprocal_angle_beta        ? 
_cell.reciprocal_angle_gamma       ? 
_cell.reciprocal_angle_alpha_esd   ? 
_cell.reciprocal_angle_beta_esd    ? 
_cell.reciprocal_angle_gamma_esd   ? 
_cell.reciprocal_length_a          ? 
_cell.reciprocal_length_b          ? 
_cell.reciprocal_length_c          ? 
_cell.reciprocal_length_a_esd      ? 
_cell.reciprocal_length_b_esd      ? 
_cell.reciprocal_length_c_esd      ? 
_cell.pdbx_unique_axis             ? 
_cell.pdbx_esd_method              ? 
# 
_symmetry.entry_id                         7XUY 
_symmetry.cell_setting                     ? 
_symmetry.Int_Tables_number                155 
_symmetry.space_group_name_Hall            ? 
_symmetry.space_group_name_H-M             'H 3 2' 
_symmetry.pdbx_full_space_group_name_H-M   ? 
# 
loop_
_entity.id 
_entity.type 
_entity.src_method 
_entity.pdbx_description 
_entity.formula_weight 
_entity.pdbx_number_of_molecules 
_entity.pdbx_ec 
_entity.pdbx_mutation 
_entity.pdbx_fragment 
_entity.details 
1 polymer man Tautomerase 8111.257 1 5.3.2.- ? ? ? 
2 water   nat water       18.015   8 ?       ? ? ? 
# 
_entity_poly.entity_id                      1 
_entity_poly.type                           'polypeptide(L)' 
_entity_poly.nstd_linkage                   no 
_entity_poly.nstd_monomer                   no 
_entity_poly.pdbx_seq_one_letter_code       PFAQIYILEGRTPEQKKAVIEKVTQALHEATDAKKETIRVWIHEMPKENWGIAGVSAKDLGRLEHHHHHH 
_entity_poly.pdbx_seq_one_letter_code_can   PFAQIYILEGRTPEQKKAVIEKVTQALHEATDAKKETIRVWIHEMPKENWGIAGVSAKDLGRLEHHHHHH 
_entity_poly.pdbx_strand_id                 A 
_entity_poly.pdbx_target_identifier         ? 
# 
loop_
_entity_poly_seq.entity_id 
_entity_poly_seq.num 
_entity_poly_seq.mon_id 
_entity_poly_seq.hetero 
1 1  PRO n 
1 2  PHE n 
1 3  ALA n 
1 4  GLN n 
1 5  ILE n 
1 6  TYR n 
1 7  ILE n 
1 8  LEU n 
1 9  GLU n 
1 10 GLY n 
1 11 ARG n 
1 12 THR n 
1 13 PRO n 
1 14 GLU n 
1 15 GLN n 
1 16 LYS n 
1 17 LYS n 
1 18 ALA n 
1 19 VAL n 
1 20 ILE n 
1 21 GLU n 
1 22 LYS n 
1 23 VAL n 
1 24 THR n 
1 25 GLN n 
1 26 ALA n 
1 27 LEU n 
1 28 HIS n 
1 29 GLU n 
1 30 ALA n 
1 31 THR n 
1 32 ASP n 
1 33 ALA n 
1 34 LYS n 
1 35 LYS n 
1 36 GLU n 
1 37 THR n 
1 38 ILE n 
1 39 ARG n 
1 40 VAL n 
1 41 TRP n 
1 42 ILE n 
1 43 HIS n 
1 44 GLU n 
1 45 MET n 
1 46 PRO n 
1 47 LYS n 
1 48 GLU n 
1 49 ASN n 
1 50 TRP n 
1 51 GLY n 
1 52 ILE n 
1 53 ALA n 
1 54 GLY n 
1 55 VAL n 
1 56 SER n 
1 57 ALA n 
1 58 LYS n 
1 59 ASP n 
1 60 LEU n 
1 61 GLY n 
1 62 ARG n 
1 63 LEU n 
1 64 GLU n 
1 65 HIS n 
1 66 HIS n 
1 67 HIS n 
1 68 HIS n 
1 69 HIS n 
1 70 HIS n 
# 
_entity_src_gen.entity_id                          1 
_entity_src_gen.pdbx_src_id                        1 
_entity_src_gen.pdbx_alt_source_flag               sample 
_entity_src_gen.pdbx_seq_type                      'Biological sequence' 
_entity_src_gen.pdbx_beg_seq_num                   1 
_entity_src_gen.pdbx_end_seq_num                   70 
_entity_src_gen.gene_src_common_name               ? 
_entity_src_gen.gene_src_genus                     ? 
_entity_src_gen.pdbx_gene_src_gene                 cnbG 
_entity_src_gen.gene_src_species                   ? 
_entity_src_gen.gene_src_strain                    ? 
_entity_src_gen.gene_src_tissue                    ? 
_entity_src_gen.gene_src_tissue_fraction           ? 
_entity_src_gen.gene_src_details                   ? 
_entity_src_gen.pdbx_gene_src_fragment             ? 
_entity_src_gen.pdbx_gene_src_scientific_name      'Comamonas testosteroni CNB-1' 
_entity_src_gen.pdbx_gene_src_ncbi_taxonomy_id     543891 
_entity_src_gen.pdbx_gene_src_variant              ? 
_entity_src_gen.pdbx_gene_src_cell_line            ? 
_entity_src_gen.pdbx_gene_src_atcc                 ? 
_entity_src_gen.pdbx_gene_src_organ                ? 
_entity_src_gen.pdbx_gene_src_organelle            ? 
_entity_src_gen.pdbx_gene_src_cell                 ? 
_entity_src_gen.pdbx_gene_src_cellular_location    ? 
_entity_src_gen.host_org_common_name               ? 
_entity_src_gen.pdbx_host_org_scientific_name      'Escherichia coli BL21(DE3)' 
_entity_src_gen.pdbx_host_org_ncbi_taxonomy_id     469008 
_entity_src_gen.host_org_genus                     ? 
_entity_src_gen.pdbx_host_org_gene                 ? 
_entity_src_gen.pdbx_host_org_organ                ? 
_entity_src_gen.host_org_species                   ? 
_entity_src_gen.pdbx_host_org_tissue               ? 
_entity_src_gen.pdbx_host_org_tissue_fraction      ? 
_entity_src_gen.pdbx_host_org_strain               ? 
_entity_src_gen.pdbx_host_org_variant              ? 
_entity_src_gen.pdbx_host_org_cell_line            ? 
_entity_src_gen.pdbx_host_org_atcc                 ? 
_entity_src_gen.pdbx_host_org_culture_collection   ? 
_entity_src_gen.pdbx_host_org_cell                 ? 
_entity_src_gen.pdbx_host_org_organelle            ? 
_entity_src_gen.pdbx_host_org_cellular_location    ? 
_entity_src_gen.pdbx_host_org_vector_type          ? 
_entity_src_gen.pdbx_host_org_vector               ? 
_entity_src_gen.host_org_details                   ? 
_entity_src_gen.expression_system_id               ? 
_entity_src_gen.plasmid_name                       ? 
_entity_src_gen.plasmid_details                    ? 
_entity_src_gen.pdbx_description                   ? 
# 
_struct_ref.id                         1 
_struct_ref.db_name                    UNP 
_struct_ref.db_code                    Q38M36_COMTE 
_struct_ref.pdbx_db_accession          Q38M36 
_struct_ref.pdbx_db_isoform            ? 
_struct_ref.entity_id                  1 
_struct_ref.pdbx_seq_one_letter_code   PFAQIYILEGRTPEQKKAVIEKVTQALHEATDAKKETIRVWIHEMPKENWGIAGVSAKDLGR 
_struct_ref.pdbx_align_begin           2 
# 
_struct_ref_seq.align_id                      1 
_struct_ref_seq.ref_id                        1 
_struct_ref_seq.pdbx_PDB_id_code              7XUY 
_struct_ref_seq.pdbx_strand_id                A 
_struct_ref_seq.seq_align_beg                 1 
_struct_ref_seq.pdbx_seq_align_beg_ins_code   ? 
_struct_ref_seq.seq_align_end                 62 
_struct_ref_seq.pdbx_seq_align_end_ins_code   ? 
_struct_ref_seq.pdbx_db_accession             Q38M36 
_struct_ref_seq.db_align_beg                  2 
_struct_ref_seq.pdbx_db_align_beg_ins_code    ? 
_struct_ref_seq.db_align_end                  63 
_struct_ref_seq.pdbx_db_align_end_ins_code    ? 
_struct_ref_seq.pdbx_auth_seq_align_beg       1 
_struct_ref_seq.pdbx_auth_seq_align_end       62 
# 
loop_
_struct_ref_seq_dif.align_id 
_struct_ref_seq_dif.pdbx_pdb_id_code 
_struct_ref_seq_dif.mon_id 
_struct_ref_seq_dif.pdbx_pdb_strand_id 
_struct_ref_seq_dif.seq_num 
_struct_ref_seq_dif.pdbx_pdb_ins_code 
_struct_ref_seq_dif.pdbx_seq_db_name 
_struct_ref_seq_dif.pdbx_seq_db_accession_code 
_struct_ref_seq_dif.db_mon_id 
_struct_ref_seq_dif.pdbx_seq_db_seq_num 
_struct_ref_seq_dif.details 
_struct_ref_seq_dif.pdbx_auth_seq_num 
_struct_ref_seq_dif.pdbx_ordinal 
1 7XUY LEU A 63 ? UNP Q38M36 ? ? 'expression tag' 63 1 
1 7XUY GLU A 64 ? UNP Q38M36 ? ? 'expression tag' 64 2 
1 7XUY HIS A 65 ? UNP Q38M36 ? ? 'expression tag' 65 3 
1 7XUY HIS A 66 ? UNP Q38M36 ? ? 'expression tag' 66 4 
1 7XUY HIS A 67 ? UNP Q38M36 ? ? 'expression tag' 67 5 
1 7XUY HIS A 68 ? UNP Q38M36 ? ? 'expression tag' 68 6 
1 7XUY HIS A 69 ? UNP Q38M36 ? ? 'expression tag' 69 7 
1 7XUY HIS A 70 ? UNP Q38M36 ? ? 'expression tag' 70 8 
# 
loop_
_chem_comp.id 
_chem_comp.type 
_chem_comp.mon_nstd_flag 
_chem_comp.name 
_chem_comp.pdbx_synonyms 
_chem_comp.formula 
_chem_comp.formula_weight 
ALA 'L-peptide linking' y ALANINE         ? 'C3 H7 N O2'     89.093  
ARG 'L-peptide linking' y ARGININE        ? 'C6 H15 N4 O2 1' 175.209 
ASN 'L-peptide linking' y ASPARAGINE      ? 'C4 H8 N2 O3'    132.118 
ASP 'L-peptide linking' y 'ASPARTIC ACID' ? 'C4 H7 N O4'     133.103 
GLN 'L-peptide linking' y GLUTAMINE       ? 'C5 H10 N2 O3'   146.144 
GLU 'L-peptide linking' y 'GLUTAMIC ACID' ? 'C5 H9 N O4'     147.129 
GLY 'peptide linking'   y GLYCINE         ? 'C2 H5 N O2'     75.067  
HIS 'L-peptide linking' y HISTIDINE       ? 'C6 H10 N3 O2 1' 156.162 
HOH non-polymer         . WATER           ? 'H2 O'           18.015  
ILE 'L-peptide linking' y ISOLEUCINE      ? 'C6 H13 N O2'    131.173 
LEU 'L-peptide linking' y LEUCINE         ? 'C6 H13 N O2'    131.173 
LYS 'L-peptide linking' y LYSINE          ? 'C6 H15 N2 O2 1' 147.195 
MET 'L-peptide linking' y METHIONINE      ? 'C5 H11 N O2 S'  149.211 
PHE 'L-peptide linking' y PHENYLALANINE   ? 'C9 H11 N O2'    165.189 
PRO 'L-peptide linking' y PROLINE         ? 'C5 H9 N O2'     115.130 
SER 'L-peptide linking' y SERINE          ? 'C3 H7 N O3'     105.093 
THR 'L-peptide linking' y THREONINE       ? 'C4 H9 N O3'     119.119 
TRP 'L-peptide linking' y TRYPTOPHAN      ? 'C11 H12 N2 O2'  204.225 
TYR 'L-peptide linking' y TYROSINE        ? 'C9 H11 N O3'    181.189 
VAL 'L-peptide linking' y VALINE          ? 'C5 H11 N O2'    117.146 
# 
_exptl.absorpt_coefficient_mu     ? 
_exptl.absorpt_correction_T_max   ? 
_exptl.absorpt_correction_T_min   ? 
_exptl.absorpt_correction_type    ? 
_exptl.absorpt_process_details    ? 
_exptl.entry_id                   7XUY 
_exptl.crystals_number            1 
_exptl.details                    ? 
_exptl.method                     'X-RAY DIFFRACTION' 
_exptl.method_details             ? 
# 
_exptl_crystal.colour                       ? 
_exptl_crystal.density_diffrn               ? 
_exptl_crystal.density_Matthews             2.50 
_exptl_crystal.density_method               ? 
_exptl_crystal.density_percent_sol          50.86 
_exptl_crystal.description                  ? 
_exptl_crystal.F_000                        ? 
_exptl_crystal.id                           1 
_exptl_crystal.preparation                  ? 
_exptl_crystal.size_max                     ? 
_exptl_crystal.size_mid                     ? 
_exptl_crystal.size_min                     ? 
_exptl_crystal.size_rad                     ? 
_exptl_crystal.colour_lustre                ? 
_exptl_crystal.colour_modifier              ? 
_exptl_crystal.colour_primary               ? 
_exptl_crystal.density_meas                 ? 
_exptl_crystal.density_meas_esd             ? 
_exptl_crystal.density_meas_gt              ? 
_exptl_crystal.density_meas_lt              ? 
_exptl_crystal.density_meas_temp            ? 
_exptl_crystal.density_meas_temp_esd        ? 
_exptl_crystal.density_meas_temp_gt         ? 
_exptl_crystal.density_meas_temp_lt         ? 
_exptl_crystal.pdbx_crystal_image_url       ? 
_exptl_crystal.pdbx_crystal_image_format    ? 
_exptl_crystal.pdbx_mosaicity               ? 
_exptl_crystal.pdbx_mosaicity_esd           ? 
_exptl_crystal.pdbx_mosaic_method           ? 
_exptl_crystal.pdbx_mosaic_block_size       ? 
_exptl_crystal.pdbx_mosaic_block_size_esd   ? 
# 
_exptl_crystal_grow.apparatus       ? 
_exptl_crystal_grow.atmosphere      ? 
_exptl_crystal_grow.crystal_id      1 
_exptl_crystal_grow.details         ? 
_exptl_crystal_grow.method          'VAPOR DIFFUSION, HANGING DROP' 
_exptl_crystal_grow.method_ref      ? 
_exptl_crystal_grow.pH              8.5 
_exptl_crystal_grow.pressure        ? 
_exptl_crystal_grow.pressure_esd    ? 
_exptl_crystal_grow.seeding         ? 
_exptl_crystal_grow.seeding_ref     ? 
_exptl_crystal_grow.temp            310.15 
_exptl_crystal_grow.temp_details    ? 
_exptl_crystal_grow.temp_esd        ? 
_exptl_crystal_grow.time            ? 
_exptl_crystal_grow.pdbx_details    '2M (NH4)2SO4, 0.1 M Tris' 
_exptl_crystal_grow.pdbx_pH_range   ? 
# 
_diffrn.ambient_environment              ? 
_diffrn.ambient_temp                     95 
_diffrn.ambient_temp_details             ? 
_diffrn.ambient_temp_esd                 ? 
_diffrn.crystal_id                       1 
_diffrn.crystal_support                  ? 
_diffrn.crystal_treatment                ? 
_diffrn.details                          ? 
_diffrn.id                               1 
_diffrn.ambient_pressure                 ? 
_diffrn.ambient_pressure_esd             ? 
_diffrn.ambient_pressure_gt              ? 
_diffrn.ambient_pressure_lt              ? 
_diffrn.ambient_temp_gt                  ? 
_diffrn.ambient_temp_lt                  ? 
_diffrn.pdbx_serial_crystal_experiment   N 
# 
_diffrn_detector.details                      ? 
_diffrn_detector.detector                     CCD 
_diffrn_detector.diffrn_id                    1 
_diffrn_detector.type                         'ADSC QUANTUM 270' 
_diffrn_detector.area_resol_mean              ? 
_diffrn_detector.dtime                        ? 
_diffrn_detector.pdbx_frames_total            ? 
_diffrn_detector.pdbx_collection_time_total   ? 
_diffrn_detector.pdbx_collection_date         2007-12-11 
_diffrn_detector.pdbx_frequency               ? 
# 
_diffrn_radiation.collimation                      ? 
_diffrn_radiation.diffrn_id                        1 
_diffrn_radiation.filter_edge                      ? 
_diffrn_radiation.inhomogeneity                    ? 
_diffrn_radiation.monochromator                    ? 
_diffrn_radiation.polarisn_norm                    ? 
_diffrn_radiation.polarisn_ratio                   ? 
_diffrn_radiation.probe                            ? 
_diffrn_radiation.type                             ? 
_diffrn_radiation.xray_symbol                      ? 
_diffrn_radiation.wavelength_id                    1 
_diffrn_radiation.pdbx_monochromatic_or_laue_m_l   M 
_diffrn_radiation.pdbx_wavelength_list             ? 
_diffrn_radiation.pdbx_wavelength                  ? 
_diffrn_radiation.pdbx_diffrn_protocol             'SINGLE WAVELENGTH' 
_diffrn_radiation.pdbx_analyzer                    ? 
_diffrn_radiation.pdbx_scattering_type             x-ray 
# 
_diffrn_radiation_wavelength.id           1 
_diffrn_radiation_wavelength.wavelength   1.0000 
_diffrn_radiation_wavelength.wt           1.0 
# 
_diffrn_source.current                     ? 
_diffrn_source.details                     ? 
_diffrn_source.diffrn_id                   1 
_diffrn_source.power                       ? 
_diffrn_source.size                        ? 
_diffrn_source.source                      SYNCHROTRON 
_diffrn_source.target                      ? 
_diffrn_source.type                        'PHOTON FACTORY BEAMLINE BL-5A' 
_diffrn_source.voltage                     ? 
_diffrn_source.take-off_angle              ? 
_diffrn_source.pdbx_wavelength_list        1.0000 
_diffrn_source.pdbx_wavelength             ? 
_diffrn_source.pdbx_synchrotron_beamline   BL-5A 
_diffrn_source.pdbx_synchrotron_site       'Photon Factory' 
# 
_reflns.B_iso_Wilson_estimate                          40.5 
_reflns.entry_id                                       7XUY 
_reflns.data_reduction_details                         ? 
_reflns.data_reduction_method                          ? 
_reflns.d_resolution_high                              2.00 
_reflns.d_resolution_low                               47.26 
_reflns.details                                        ? 
_reflns.limit_h_max                                    ? 
_reflns.limit_h_min                                    ? 
_reflns.limit_k_max                                    ? 
_reflns.limit_k_min                                    ? 
_reflns.limit_l_max                                    ? 
_reflns.limit_l_min                                    ? 
_reflns.number_all                                     ? 
_reflns.number_obs                                     5614 
_reflns.observed_criterion                             ? 
_reflns.observed_criterion_F_max                       ? 
_reflns.observed_criterion_F_min                       ? 
_reflns.observed_criterion_I_max                       ? 
_reflns.observed_criterion_I_min                       ? 
_reflns.observed_criterion_sigma_F                     ? 
_reflns.observed_criterion_sigma_I                     ? 
_reflns.percent_possible_obs                           99.9 
_reflns.R_free_details                                 ? 
_reflns.Rmerge_F_all                                   ? 
_reflns.Rmerge_F_obs                                   ? 
_reflns.Friedel_coverage                               ? 
_reflns.number_gt                                      ? 
_reflns.threshold_expression                           ? 
_reflns.pdbx_redundancy                                5.4 
_reflns.pdbx_Rmerge_I_obs                              0.049 
_reflns.pdbx_Rmerge_I_all                              ? 
_reflns.pdbx_Rsym_value                                ? 
_reflns.pdbx_netI_over_av_sigmaI                       ? 
_reflns.pdbx_netI_over_sigmaI                          18.5 
_reflns.pdbx_res_netI_over_av_sigmaI_2                 ? 
_reflns.pdbx_res_netI_over_sigmaI_2                    ? 
_reflns.pdbx_chi_squared                               ? 
_reflns.pdbx_scaling_rejects                           ? 
_reflns.pdbx_d_res_high_opt                            ? 
_reflns.pdbx_d_res_low_opt                             ? 
_reflns.pdbx_d_res_opt_method                          ? 
_reflns.phase_calculation_details                      ? 
_reflns.pdbx_Rrim_I_all                                0.055 
_reflns.pdbx_Rpim_I_all                                ? 
_reflns.pdbx_d_opt                                     ? 
_reflns.pdbx_number_measured_all                       ? 
_reflns.pdbx_diffrn_id                                 1 
_reflns.pdbx_ordinal                                   1 
_reflns.pdbx_CC_half                                   0.997 
_reflns.pdbx_CC_star                                   ? 
_reflns.pdbx_R_split                                   ? 
_reflns.pdbx_aniso_diffraction_limit_axis_1_ortho[1]   ? 
_reflns.pdbx_aniso_diffraction_limit_axis_1_ortho[2]   ? 
_reflns.pdbx_aniso_diffraction_limit_axis_1_ortho[3]   ? 
_reflns.pdbx_aniso_diffraction_limit_axis_2_ortho[1]   ? 
_reflns.pdbx_aniso_diffraction_limit_axis_2_ortho[2]   ? 
_reflns.pdbx_aniso_diffraction_limit_axis_2_ortho[3]   ? 
_reflns.pdbx_aniso_diffraction_limit_axis_3_ortho[1]   ? 
_reflns.pdbx_aniso_diffraction_limit_axis_3_ortho[2]   ? 
_reflns.pdbx_aniso_diffraction_limit_axis_3_ortho[3]   ? 
_reflns.pdbx_aniso_diffraction_limit_1                 ? 
_reflns.pdbx_aniso_diffraction_limit_2                 ? 
_reflns.pdbx_aniso_diffraction_limit_3                 ? 
_reflns.pdbx_aniso_B_tensor_eigenvector_1_ortho[1]     ? 
_reflns.pdbx_aniso_B_tensor_eigenvector_1_ortho[2]     ? 
_reflns.pdbx_aniso_B_tensor_eigenvector_1_ortho[3]     ? 
_reflns.pdbx_aniso_B_tensor_eigenvector_2_ortho[1]     ? 
_reflns.pdbx_aniso_B_tensor_eigenvector_2_ortho[2]     ? 
_reflns.pdbx_aniso_B_tensor_eigenvector_2_ortho[3]     ? 
_reflns.pdbx_aniso_B_tensor_eigenvector_3_ortho[1]     ? 
_reflns.pdbx_aniso_B_tensor_eigenvector_3_ortho[2]     ? 
_reflns.pdbx_aniso_B_tensor_eigenvector_3_ortho[3]     ? 
_reflns.pdbx_aniso_B_tensor_eigenvalue_1               ? 
_reflns.pdbx_aniso_B_tensor_eigenvalue_2               ? 
_reflns.pdbx_aniso_B_tensor_eigenvalue_3               ? 
_reflns.pdbx_orthogonalization_convention              ? 
_reflns.pdbx_percent_possible_ellipsoidal              ? 
_reflns.pdbx_percent_possible_spherical                ? 
_reflns.pdbx_percent_possible_ellipsoidal_anomalous    ? 
_reflns.pdbx_percent_possible_spherical_anomalous      ? 
_reflns.pdbx_redundancy_anomalous                      ? 
_reflns.pdbx_CC_half_anomalous                         ? 
_reflns.pdbx_absDiff_over_sigma_anomalous              ? 
_reflns.pdbx_percent_possible_anomalous                ? 
_reflns.pdbx_observed_signal_threshold                 ? 
_reflns.pdbx_signal_type                               ? 
_reflns.pdbx_signal_details                            ? 
_reflns.pdbx_signal_software_id                        ? 
_reflns.pdbx_CC_split_method                           ? 
# 
_reflns_shell.d_res_high                                    2.00 
_reflns_shell.d_res_low                                     2.05 
_reflns_shell.meanI_over_sigI_all                           ? 
_reflns_shell.meanI_over_sigI_obs                           3.2 
_reflns_shell.number_measured_all                           ? 
_reflns_shell.number_measured_obs                           ? 
_reflns_shell.number_possible                               ? 
_reflns_shell.number_unique_all                             ? 
_reflns_shell.number_unique_obs                             409 
_reflns_shell.percent_possible_all                          ? 
_reflns_shell.percent_possible_obs                          ? 
_reflns_shell.Rmerge_F_all                                  ? 
_reflns_shell.Rmerge_F_obs                                  ? 
_reflns_shell.Rmerge_I_all                                  ? 
_reflns_shell.Rmerge_I_obs                                  0.524 
_reflns_shell.meanI_over_sigI_gt                            ? 
_reflns_shell.meanI_over_uI_all                             ? 
_reflns_shell.meanI_over_uI_gt                              ? 
_reflns_shell.number_measured_gt                            ? 
_reflns_shell.number_unique_gt                              ? 
_reflns_shell.percent_possible_gt                           ? 
_reflns_shell.Rmerge_F_gt                                   ? 
_reflns_shell.Rmerge_I_gt                                   ? 
_reflns_shell.pdbx_redundancy                               ? 
_reflns_shell.pdbx_Rsym_value                               ? 
_reflns_shell.pdbx_chi_squared                              ? 
_reflns_shell.pdbx_netI_over_sigmaI_all                     ? 
_reflns_shell.pdbx_netI_over_sigmaI_obs                     ? 
_reflns_shell.pdbx_Rrim_I_all                               0.580 
_reflns_shell.pdbx_Rpim_I_all                               ? 
_reflns_shell.pdbx_rejects                                  ? 
_reflns_shell.pdbx_ordinal                                  1 
_reflns_shell.pdbx_diffrn_id                                1 
_reflns_shell.pdbx_CC_half                                  0.857 
_reflns_shell.pdbx_CC_star                                  ? 
_reflns_shell.pdbx_R_split                                  ? 
_reflns_shell.pdbx_percent_possible_ellipsoidal             ? 
_reflns_shell.pdbx_percent_possible_spherical               ? 
_reflns_shell.pdbx_percent_possible_ellipsoidal_anomalous   ? 
_reflns_shell.pdbx_percent_possible_spherical_anomalous     ? 
_reflns_shell.pdbx_redundancy_anomalous                     ? 
_reflns_shell.pdbx_CC_half_anomalous                        ? 
_reflns_shell.pdbx_absDiff_over_sigma_anomalous             ? 
_reflns_shell.pdbx_percent_possible_anomalous               ? 
# 
_refine.aniso_B[1][1]                            ? 
_refine.aniso_B[1][2]                            ? 
_refine.aniso_B[1][3]                            ? 
_refine.aniso_B[2][2]                            ? 
_refine.aniso_B[2][3]                            ? 
_refine.aniso_B[3][3]                            ? 
_refine.B_iso_max                                115.690 
_refine.B_iso_mean                               59.7908 
_refine.B_iso_min                                34.000 
_refine.correlation_coeff_Fo_to_Fc               ? 
_refine.correlation_coeff_Fo_to_Fc_free          ? 
_refine.details                                  ? 
_refine.diff_density_max                         ? 
_refine.diff_density_max_esd                     ? 
_refine.diff_density_min                         ? 
_refine.diff_density_min_esd                     ? 
_refine.diff_density_rms                         ? 
_refine.diff_density_rms_esd                     ? 
_refine.entry_id                                 7XUY 
_refine.pdbx_refine_id                           'X-RAY DIFFRACTION' 
_refine.ls_abs_structure_details                 ? 
_refine.ls_abs_structure_Flack                   ? 
_refine.ls_abs_structure_Flack_esd               ? 
_refine.ls_abs_structure_Rogers                  ? 
_refine.ls_abs_structure_Rogers_esd              ? 
_refine.ls_d_res_high                            2.001 
_refine.ls_d_res_low                             30.840 
_refine.ls_extinction_coef                       ? 
_refine.ls_extinction_coef_esd                   ? 
_refine.ls_extinction_expression                 ? 
_refine.ls_extinction_method                     ? 
_refine.ls_goodness_of_fit_all                   ? 
_refine.ls_goodness_of_fit_all_esd               ? 
_refine.ls_goodness_of_fit_obs                   ? 
_refine.ls_goodness_of_fit_obs_esd               ? 
_refine.ls_hydrogen_treatment                    ? 
_refine.ls_matrix_type                           ? 
_refine.ls_number_constraints                    ? 
_refine.ls_number_parameters                     ? 
_refine.ls_number_reflns_all                     ? 
_refine.ls_number_reflns_obs                     5609 
_refine.ls_number_reflns_R_free                  292 
_refine.ls_number_reflns_R_work                  5317 
_refine.ls_number_restraints                     ? 
_refine.ls_percent_reflns_obs                    99.86 
_refine.ls_percent_reflns_R_free                 5 
_refine.ls_R_factor_all                          ? 
_refine.ls_R_factor_obs                          ? 
_refine.ls_R_factor_R_free                       0.2007 
_refine.ls_R_factor_R_free_error                 ? 
_refine.ls_R_factor_R_free_error_details         ? 
_refine.ls_R_factor_R_work                       0.1778 
_refine.ls_R_Fsqd_factor_obs                     ? 
_refine.ls_R_I_factor_obs                        ? 
_refine.ls_redundancy_reflns_all                 ? 
_refine.ls_redundancy_reflns_obs                 ? 
_refine.ls_restrained_S_all                      ? 
_refine.ls_restrained_S_obs                      ? 
_refine.ls_shift_over_esd_max                    ? 
_refine.ls_shift_over_esd_mean                   ? 
_refine.ls_structure_factor_coef                 ? 
_refine.ls_weighting_details                     ? 
_refine.ls_weighting_scheme                      ? 
_refine.ls_wR_factor_all                         ? 
_refine.ls_wR_factor_obs                         ? 
_refine.ls_wR_factor_R_free                      ? 
_refine.ls_wR_factor_R_work                      ? 
_refine.occupancy_max                            ? 
_refine.occupancy_min                            ? 
_refine.solvent_model_details                    'FLAT BULK SOLVENT MODEL' 
_refine.solvent_model_param_bsol                 ? 
_refine.solvent_model_param_ksol                 ? 
_refine.pdbx_R_complete                          ? 
_refine.ls_R_factor_gt                           ? 
_refine.ls_goodness_of_fit_gt                    ? 
_refine.ls_goodness_of_fit_ref                   ? 
_refine.ls_shift_over_su_max                     ? 
_refine.ls_shift_over_su_max_lt                  ? 
_refine.ls_shift_over_su_mean                    ? 
_refine.ls_shift_over_su_mean_lt                 ? 
_refine.pdbx_ls_sigma_I                          ? 
_refine.pdbx_ls_sigma_F                          ? 
_refine.pdbx_ls_sigma_Fsqd                       ? 
_refine.pdbx_data_cutoff_high_absF               ? 
_refine.pdbx_data_cutoff_high_rms_absF           ? 
_refine.pdbx_data_cutoff_low_absF                ? 
_refine.pdbx_isotropic_thermal_model             ? 
_refine.pdbx_ls_cross_valid_method               THROUGHOUT 
_refine.pdbx_method_to_determine_struct          'MOLECULAR REPLACEMENT' 
_refine.pdbx_starting_model                      4FAZ 
_refine.pdbx_stereochemistry_target_values       ML 
_refine.pdbx_R_Free_selection_details            Random 
_refine.pdbx_stereochem_target_val_spec_case     ? 
_refine.pdbx_overall_ESU_R                       ? 
_refine.pdbx_overall_ESU_R_Free                  ? 
_refine.pdbx_solvent_vdw_probe_radii             1.1100 
_refine.pdbx_solvent_ion_probe_radii             ? 
_refine.pdbx_solvent_shrinkage_radii             0.9000 
_refine.pdbx_real_space_R                        ? 
_refine.pdbx_density_correlation                 ? 
_refine.pdbx_pd_number_of_powder_patterns        ? 
_refine.pdbx_pd_number_of_points                 ? 
_refine.pdbx_pd_meas_number_of_points            ? 
_refine.pdbx_pd_proc_ls_prof_R_factor            ? 
_refine.pdbx_pd_proc_ls_prof_wR_factor           ? 
_refine.pdbx_pd_Marquardt_correlation_coeff      ? 
_refine.pdbx_pd_Fsqrd_R_factor                   ? 
_refine.pdbx_pd_ls_matrix_band_width             ? 
_refine.pdbx_overall_phase_error                 18.1400 
_refine.pdbx_overall_SU_R_free_Cruickshank_DPI   ? 
_refine.pdbx_overall_SU_R_free_Blow_DPI          ? 
_refine.pdbx_overall_SU_R_Blow_DPI               ? 
_refine.pdbx_TLS_residual_ADP_flag               ? 
_refine.pdbx_diffrn_id                           1 
_refine.overall_SU_B                             ? 
_refine.overall_SU_ML                            0.1600 
_refine.overall_SU_R_Cruickshank_DPI             ? 
_refine.overall_SU_R_free                        ? 
_refine.overall_FOM_free_R_set                   ? 
_refine.overall_FOM_work_R_set                   ? 
_refine.pdbx_average_fsc_overall                 ? 
_refine.pdbx_average_fsc_work                    ? 
_refine.pdbx_average_fsc_free                    ? 
# 
_refine_hist.pdbx_refine_id                   'X-RAY DIFFRACTION' 
_refine_hist.cycle_id                         final 
_refine_hist.details                          ? 
_refine_hist.d_res_high                       2.001 
_refine_hist.d_res_low                        30.840 
_refine_hist.number_atoms_solvent             8 
_refine_hist.number_atoms_total               520 
_refine_hist.number_reflns_all                ? 
_refine_hist.number_reflns_obs                ? 
_refine_hist.number_reflns_R_free             ? 
_refine_hist.number_reflns_R_work             ? 
_refine_hist.R_factor_all                     ? 
_refine_hist.R_factor_obs                     ? 
_refine_hist.R_factor_R_free                  ? 
_refine_hist.R_factor_R_work                  ? 
_refine_hist.pdbx_number_residues_total       64 
_refine_hist.pdbx_B_iso_mean_ligand           ? 
_refine_hist.pdbx_B_iso_mean_solvent          57.86 
_refine_hist.pdbx_number_atoms_protein        512 
_refine_hist.pdbx_number_atoms_nucleic_acid   0 
_refine_hist.pdbx_number_atoms_ligand         0 
_refine_hist.pdbx_number_atoms_lipid          ? 
_refine_hist.pdbx_number_atoms_carb           ? 
_refine_hist.pdbx_pseudo_atom_details         ? 
# 
loop_
_refine_ls_shell.pdbx_refine_id 
_refine_ls_shell.d_res_high 
_refine_ls_shell.d_res_low 
_refine_ls_shell.number_reflns_all 
_refine_ls_shell.number_reflns_obs 
_refine_ls_shell.number_reflns_R_free 
_refine_ls_shell.number_reflns_R_work 
_refine_ls_shell.percent_reflns_obs 
_refine_ls_shell.percent_reflns_R_free 
_refine_ls_shell.R_factor_all 
_refine_ls_shell.R_factor_obs 
_refine_ls_shell.R_factor_R_free 
_refine_ls_shell.R_factor_R_free_error 
_refine_ls_shell.R_factor_R_work 
_refine_ls_shell.redundancy_reflns_all 
_refine_ls_shell.redundancy_reflns_obs 
_refine_ls_shell.wR_factor_all 
_refine_ls_shell.wR_factor_obs 
_refine_ls_shell.wR_factor_R_free 
_refine_ls_shell.wR_factor_R_work 
_refine_ls_shell.pdbx_R_complete 
_refine_ls_shell.pdbx_total_number_of_bins_used 
_refine_ls_shell.pdbx_phase_error 
_refine_ls_shell.pdbx_fsc_work 
_refine_ls_shell.pdbx_fsc_free 
'X-RAY DIFFRACTION' 2.001  2.5202 . . 139 2632 100.0000 . . . 0.2363 0.0000 0.2153 . . . . . . . . . . . 
'X-RAY DIFFRACTION' 2.5202 30.83  . . 153 2685 100.0000 . . . 0.1948 0.0000 0.1705 . . . . . . . . . . . 
# 
_struct.entry_id                     7XUY 
_struct.title                        'Crystal structure of 5-chloro-2-hydroxymuconate tautomerase CnbG' 
_struct.pdbx_model_details           ? 
_struct.pdbx_formula_weight          ? 
_struct.pdbx_formula_weight_method   ? 
_struct.pdbx_model_type_details      ? 
_struct.pdbx_CASP_flag               N 
# 
_struct_keywords.entry_id        7XUY 
_struct_keywords.text            
'catechol meta-cleavage pathway, beta-alpha-beta block, chloronitrobenzene degradation, hexamer, ISOMERASE' 
_struct_keywords.pdbx_keywords   ISOMERASE 
# 
loop_
_struct_asym.id 
_struct_asym.pdbx_blank_PDB_chainid_flag 
_struct_asym.pdbx_modified 
_struct_asym.entity_id 
_struct_asym.details 
A N N 1 ? 
B N N 2 ? 
# 
loop_
_struct_conf.conf_type_id 
_struct_conf.id 
_struct_conf.pdbx_PDB_helix_id 
_struct_conf.beg_label_comp_id 
_struct_conf.beg_label_asym_id 
_struct_conf.beg_label_seq_id 
_struct_conf.pdbx_beg_PDB_ins_code 
_struct_conf.end_label_comp_id 
_struct_conf.end_label_asym_id 
_struct_conf.end_label_seq_id 
_struct_conf.pdbx_end_PDB_ins_code 
_struct_conf.beg_auth_comp_id 
_struct_conf.beg_auth_asym_id 
_struct_conf.beg_auth_seq_id 
_struct_conf.end_auth_comp_id 
_struct_conf.end_auth_asym_id 
_struct_conf.end_auth_seq_id 
_struct_conf.pdbx_PDB_helix_class 
_struct_conf.details 
_struct_conf.pdbx_PDB_helix_length 
HELX_P HELX_P1 AA1 THR A 12 ? ASP A 32 ? THR A 12 ASP A 32 1 ? 21 
HELX_P HELX_P2 AA2 LYS A 34 ? ILE A 38 ? LYS A 34 ILE A 38 5 ? 5  
HELX_P HELX_P3 AA3 PRO A 46 ? ASN A 49 ? PRO A 46 ASN A 49 5 ? 4  
HELX_P HELX_P4 AA4 ALA A 57 ? ARG A 62 ? ALA A 57 ARG A 62 1 ? 6  
# 
_struct_conf_type.id          HELX_P 
_struct_conf_type.criteria    ? 
_struct_conf_type.reference   ? 
# 
loop_
_struct_sheet.id 
_struct_sheet.type 
_struct_sheet.number_strands 
_struct_sheet.details 
AA1 ? 2 ? 
AA2 ? 2 ? 
# 
loop_
_struct_sheet_order.sheet_id 
_struct_sheet_order.range_id_1 
_struct_sheet_order.range_id_2 
_struct_sheet_order.offset 
_struct_sheet_order.sense 
AA1 1 2 ? parallel      
AA2 1 2 ? anti-parallel 
# 
loop_
_struct_sheet_range.sheet_id 
_struct_sheet_range.id 
_struct_sheet_range.beg_label_comp_id 
_struct_sheet_range.beg_label_asym_id 
_struct_sheet_range.beg_label_seq_id 
_struct_sheet_range.pdbx_beg_PDB_ins_code 
_struct_sheet_range.end_label_comp_id 
_struct_sheet_range.end_label_asym_id 
_struct_sheet_range.end_label_seq_id 
_struct_sheet_range.pdbx_end_PDB_ins_code 
_struct_sheet_range.beg_auth_comp_id 
_struct_sheet_range.beg_auth_asym_id 
_struct_sheet_range.beg_auth_seq_id 
_struct_sheet_range.end_auth_comp_id 
_struct_sheet_range.end_auth_asym_id 
_struct_sheet_range.end_auth_seq_id 
AA1 1 PHE A 2  ? LEU A 8  ? PHE A 2  LEU A 8  
AA1 2 ARG A 39 ? MET A 45 ? ARG A 39 MET A 45 
AA2 1 GLY A 51 ? ILE A 52 ? GLY A 51 ILE A 52 
AA2 2 VAL A 55 ? SER A 56 ? VAL A 55 SER A 56 
# 
loop_
_pdbx_struct_sheet_hbond.sheet_id 
_pdbx_struct_sheet_hbond.range_id_1 
_pdbx_struct_sheet_hbond.range_id_2 
_pdbx_struct_sheet_hbond.range_1_label_atom_id 
_pdbx_struct_sheet_hbond.range_1_label_comp_id 
_pdbx_struct_sheet_hbond.range_1_label_asym_id 
_pdbx_struct_sheet_hbond.range_1_label_seq_id 
_pdbx_struct_sheet_hbond.range_1_PDB_ins_code 
_pdbx_struct_sheet_hbond.range_1_auth_atom_id 
_pdbx_struct_sheet_hbond.range_1_auth_comp_id 
_pdbx_struct_sheet_hbond.range_1_auth_asym_id 
_pdbx_struct_sheet_hbond.range_1_auth_seq_id 
_pdbx_struct_sheet_hbond.range_2_label_atom_id 
_pdbx_struct_sheet_hbond.range_2_label_comp_id 
_pdbx_struct_sheet_hbond.range_2_label_asym_id 
_pdbx_struct_sheet_hbond.range_2_label_seq_id 
_pdbx_struct_sheet_hbond.range_2_PDB_ins_code 
_pdbx_struct_sheet_hbond.range_2_auth_atom_id 
_pdbx_struct_sheet_hbond.range_2_auth_comp_id 
_pdbx_struct_sheet_hbond.range_2_auth_asym_id 
_pdbx_struct_sheet_hbond.range_2_auth_seq_id 
AA1 1 2 N ILE A 7  ? N ILE A 7  O MET A 45 ? O MET A 45 
AA2 1 2 N ILE A 52 ? N ILE A 52 O VAL A 55 ? O VAL A 55 
# 
_atom_sites.entry_id                    7XUY 
_atom_sites.Cartn_transf_matrix[1][1]   ? 
_atom_sites.Cartn_transf_matrix[1][2]   ? 
_atom_sites.Cartn_transf_matrix[1][3]   ? 
_atom_sites.Cartn_transf_matrix[2][1]   ? 
_atom_sites.Cartn_transf_matrix[2][2]   ? 
_atom_sites.Cartn_transf_matrix[2][3]   ? 
_atom_sites.Cartn_transf_matrix[3][1]   ? 
_atom_sites.Cartn_transf_matrix[3][2]   ? 
_atom_sites.Cartn_transf_matrix[3][3]   ? 
_atom_sites.Cartn_transf_vector[1]      ? 
_atom_sites.Cartn_transf_vector[2]      ? 
_atom_sites.Cartn_transf_vector[3]      ? 
_atom_sites.fract_transf_matrix[1][1]   -0.00237274 
_atom_sites.fract_transf_matrix[1][2]   0.01337255 
_atom_sites.fract_transf_matrix[1][3]   -0.00409123 
_atom_sites.fract_transf_matrix[2][1]   0.00290874 
_atom_sites.fract_transf_matrix[2][2]   0.00396843 
_atom_sites.fract_transf_matrix[2][3]   -0.01330326 
_atom_sites.fract_transf_matrix[3][1]   -0.01457074 
_atom_sites.fract_transf_matrix[3][2]   -0.00391757 
_atom_sites.fract_transf_matrix[3][3]   -0.00435450 
_atom_sites.fract_transf_vector[1]      0.157594 
_atom_sites.fract_transf_vector[2]      0.041719 
_atom_sites.fract_transf_vector[3]      0.399643 
_atom_sites.solution_primary            ? 
_atom_sites.solution_secondary          ? 
_atom_sites.solution_hydrogens          ? 
_atom_sites.special_details             ? 
# 
loop_
_atom_type.symbol 
C 
N 
O 
S 
# 
loop_
_atom_site.group_PDB 
_atom_site.id 
_atom_site.type_symbol 
_atom_site.label_atom_id 
_atom_site.label_alt_id 
_atom_site.label_comp_id 
_atom_site.label_asym_id 
_atom_site.label_entity_id 
_atom_site.label_seq_id 
_atom_site.pdbx_PDB_ins_code 
_atom_site.Cartn_x 
_atom_site.Cartn_y 
_atom_site.Cartn_z 
_atom_site.occupancy 
_atom_site.B_iso_or_equiv 
_atom_site.pdbx_formal_charge 
_atom_site.auth_seq_id 
_atom_site.auth_comp_id 
_atom_site.auth_asym_id 
_atom_site.auth_atom_id 
_atom_site.pdbx_PDB_model_num 
ATOM   1   N N   . PRO A 1 1  ? -13.355 -6.040  8.354   1.00 54.81  ? 1   PRO A N   1 
ATOM   2   C CA  . PRO A 1 1  ? -12.802 -5.889  7.000   1.00 51.56  ? 1   PRO A CA  1 
ATOM   3   C C   . PRO A 1 1  ? -11.287 -5.720  7.030   1.00 47.74  ? 1   PRO A C   1 
ATOM   4   O O   . PRO A 1 1  ? -10.743 -5.064  7.925   1.00 50.58  ? 1   PRO A O   1 
ATOM   5   C CB  . PRO A 1 1  ? -13.497 -4.634  6.467   1.00 56.56  ? 1   PRO A CB  1 
ATOM   6   C CG  . PRO A 1 1  ? -14.086 -3.968  7.658   1.00 62.15  ? 1   PRO A CG  1 
ATOM   7   C CD  . PRO A 1 1  ? -14.399 -5.051  8.633   1.00 59.39  ? 1   PRO A CD  1 
ATOM   8   N N   . PHE A 1 2  ? -10.611 -6.343  6.075   1.00 41.94  ? 2   PHE A N   1 
ATOM   9   C CA  . PHE A 1 2  ? -9.162  -6.404  6.040   1.00 42.46  ? 2   PHE A CA  1 
ATOM   10  C C   . PHE A 1 2  ? -8.689  -5.773  4.749   1.00 42.68  ? 2   PHE A C   1 
ATOM   11  O O   . PHE A 1 2  ? -9.342  -5.934  3.722   1.00 38.43  ? 2   PHE A O   1 
ATOM   12  C CB  . PHE A 1 2  ? -8.668  -7.833  6.057   1.00 45.86  ? 2   PHE A CB  1 
ATOM   13  C CG  . PHE A 1 2  ? -9.012  -8.575  7.286   1.00 50.85  ? 2   PHE A CG  1 
ATOM   14  C CD1 . PHE A 1 2  ? -9.426  -7.903  8.433   1.00 52.48  ? 2   PHE A CD1 1 
ATOM   15  C CD2 . PHE A 1 2  ? -8.903  -9.946  7.312   1.00 53.34  ? 2   PHE A CD2 1 
ATOM   16  C CE1 . PHE A 1 2  ? -9.746  -8.597  9.576   1.00 57.82  ? 2   PHE A CE1 1 
ATOM   17  C CE2 . PHE A 1 2  ? -9.227  -10.651 8.472   1.00 58.66  ? 2   PHE A CE2 1 
ATOM   18  C CZ  . PHE A 1 2  ? -9.644  -9.974  9.587   1.00 59.77  ? 2   PHE A CZ  1 
ATOM   19  N N   . ALA A 1 3  ? -7.551  -5.083  4.790   1.00 41.96  ? 3   ALA A N   1 
ATOM   20  C CA  . ALA A 1 3  ? -6.941  -4.572  3.563   1.00 44.24  ? 3   ALA A CA  1 
ATOM   21  C C   . ALA A 1 3  ? -5.497  -5.042  3.496   1.00 40.66  ? 3   ALA A C   1 
ATOM   22  O O   . ALA A 1 3  ? -4.721  -4.828  4.435   1.00 42.46  ? 3   ALA A O   1 
ATOM   23  C CB  . ALA A 1 3  ? -6.999  -3.045  3.479   1.00 42.36  ? 3   ALA A CB  1 
ATOM   24  N N   . GLN A 1 4  ? -5.150  -5.674  2.397   1.00 36.87  ? 4   GLN A N   1 
ATOM   25  C CA  . GLN A 1 4  ? -3.782  -6.079  2.097   1.00 34.39  ? 4   GLN A CA  1 
ATOM   26  C C   . GLN A 1 4  ? -3.243  -5.096  1.066   1.00 34.00  ? 4   GLN A C   1 
ATOM   27  O O   . GLN A 1 4  ? -3.752  -5.036  -0.054  1.00 38.37  ? 4   GLN A O   1 
ATOM   28  C CB  . GLN A 1 4  ? -3.775  -7.509  1.558   1.00 38.00  ? 4   GLN A CB  1 
ATOM   29  C CG  . GLN A 1 4  ? -2.407  -8.090  1.205   1.00 44.21  ? 4   GLN A CG  1 
ATOM   30  C CD  . GLN A 1 4  ? -2.459  -9.635  1.148   1.00 45.31  ? 4   GLN A CD  1 
ATOM   31  O OE1 . GLN A 1 4  ? -3.516  -10.218 0.881   1.00 47.96  ? 4   GLN A OE1 1 
ATOM   32  N NE2 . GLN A 1 4  ? -1.359  -10.277 1.450   1.00 37.79  ? 4   GLN A NE2 1 
ATOM   33  N N   . ILE A 1 5  ? -2.245  -4.304  1.441   1.00 35.87  ? 5   ILE A N   1 
ATOM   34  C CA  . ILE A 1 5  ? -1.756  -3.215  0.598   1.00 36.38  ? 5   ILE A CA  1 
ATOM   35  C C   . ILE A 1 5  ? -0.434  -3.635  -0.015  1.00 34.09  ? 5   ILE A C   1 
ATOM   36  O O   . ILE A 1 5  ? 0.426   -4.192  0.676   1.00 35.46  ? 5   ILE A O   1 
ATOM   37  C CB  . ILE A 1 5  ? -1.573  -1.912  1.396   1.00 37.04  ? 5   ILE A CB  1 
ATOM   38  C CG1 . ILE A 1 5  ? -2.814  -1.628  2.252   1.00 41.35  ? 5   ILE A CG1 1 
ATOM   39  C CG2 . ILE A 1 5  ? -1.245  -0.742  0.437   1.00 37.96  ? 5   ILE A CG2 1 
ATOM   40  C CD1 . ILE A 1 5  ? -4.094  -1.652  1.455   1.00 41.75  ? 5   ILE A CD1 1 
ATOM   41  N N   . TYR A 1 6  ? -0.257  -3.342  -1.295  1.00 36.86  ? 6   TYR A N   1 
ATOM   42  C CA  . TYR A 1 6  ? 1.005   -3.577  -1.986  1.00 40.37  ? 6   TYR A CA  1 
ATOM   43  C C   . TYR A 1 6  ? 1.547   -2.240  -2.464  1.00 42.90  ? 6   TYR A C   1 
ATOM   44  O O   . TYR A 1 6  ? 0.894   -1.558  -3.266  1.00 43.41  ? 6   TYR A O   1 
ATOM   45  C CB  . TYR A 1 6  ? 0.824   -4.533  -3.166  1.00 40.76  ? 6   TYR A CB  1 
ATOM   46  C CG  . TYR A 1 6  ? 0.156   -5.835  -2.785  1.00 40.58  ? 6   TYR A CG  1 
ATOM   47  C CD1 . TYR A 1 6  ? 0.903   -6.912  -2.345  1.00 36.55  ? 6   TYR A CD1 1 
ATOM   48  C CD2 . TYR A 1 6  ? -1.230  -5.982  -2.864  1.00 42.36  ? 6   TYR A CD2 1 
ATOM   49  C CE1 . TYR A 1 6  ? 0.293   -8.099  -1.966  1.00 38.14  ? 6   TYR A CE1 1 
ATOM   50  C CE2 . TYR A 1 6  ? -1.841  -7.184  -2.518  1.00 42.29  ? 6   TYR A CE2 1 
ATOM   51  C CZ  . TYR A 1 6  ? -1.075  -8.226  -2.060  1.00 39.88  ? 6   TYR A CZ  1 
ATOM   52  O OH  . TYR A 1 6  ? -1.688  -9.415  -1.714  1.00 41.68  ? 6   TYR A OH  1 
ATOM   53  N N   . ILE A 1 7  ? 2.730   -1.860  -1.969  1.00 42.55  ? 7   ILE A N   1 
ATOM   54  C CA  . ILE A 1 7  ? 3.413   -0.646  -2.418  1.00 47.50  ? 7   ILE A CA  1 
ATOM   55  C C   . ILE A 1 7  ? 4.843   -1.007  -2.791  1.00 47.78  ? 7   ILE A C   1 
ATOM   56  O O   . ILE A 1 7  ? 5.395   -2.018  -2.340  1.00 42.23  ? 7   ILE A O   1 
ATOM   57  C CB  . ILE A 1 7  ? 3.435   0.479   -1.350  1.00 50.07  ? 7   ILE A CB  1 
ATOM   58  C CG1 . ILE A 1 7  ? 4.134   -0.008  -0.072  1.00 46.73  ? 7   ILE A CG1 1 
ATOM   59  C CG2 . ILE A 1 7  ? 2.021   0.978   -1.021  1.00 53.39  ? 7   ILE A CG2 1 
ATOM   60  C CD1 . ILE A 1 7  ? 4.334   1.081   0.997   1.00 45.66  ? 7   ILE A CD1 1 
ATOM   61  N N   . LEU A 1 8  ? 5.455   -0.138  -3.595  1.00 45.56  ? 8   LEU A N   1 
ATOM   62  C CA  . LEU A 1 8  ? 6.877   -0.266  -3.872  1.00 46.31  ? 8   LEU A CA  1 
ATOM   63  C C   . LEU A 1 8  ? 7.705   0.101   -2.641  1.00 51.73  ? 8   LEU A C   1 
ATOM   64  O O   . LEU A 1 8  ? 7.284   0.900   -1.796  1.00 55.24  ? 8   LEU A O   1 
ATOM   65  C CB  . LEU A 1 8  ? 7.263   0.622   -5.053  1.00 49.78  ? 8   LEU A CB  1 
ATOM   66  C CG  . LEU A 1 8  ? 6.938   0.066   -6.434  1.00 52.38  ? 8   LEU A CG  1 
ATOM   67  C CD1 . LEU A 1 8  ? 7.116   1.137   -7.517  1.00 57.67  ? 8   LEU A CD1 1 
ATOM   68  C CD2 . LEU A 1 8  ? 7.847   -1.121  -6.714  1.00 53.54  ? 8   LEU A CD2 1 
ATOM   69  N N   . GLU A 1 9  ? 8.892   -0.503  -2.536  1.00 48.76  ? 9   GLU A N   1 
ATOM   70  C CA  . GLU A 1 9  ? 9.867   -0.066  -1.551  1.00 52.07  ? 9   GLU A CA  1 
ATOM   71  C C   . GLU A 1 9  ? 10.191  1.413   -1.736  1.00 63.62  ? 9   GLU A C   1 
ATOM   72  O O   . GLU A 1 9  ? 10.049  1.981   -2.823  1.00 65.77  ? 9   GLU A O   1 
ATOM   73  C CB  . GLU A 1 9  ? 11.159  -0.878  -1.661  1.00 54.62  ? 9   GLU A CB  1 
ATOM   74  C CG  . GLU A 1 9  ? 11.023  -2.325  -1.203  1.00 63.43  ? 9   GLU A CG  1 
ATOM   75  C CD  . GLU A 1 9  ? 12.343  -3.076  -1.216  1.00 65.40  ? 9   GLU A CD  1 
ATOM   76  O OE1 . GLU A 1 9  ? 12.430  -4.112  -0.529  1.00 63.75  ? 9   GLU A OE1 1 
ATOM   77  O OE2 . GLU A 1 9  ? 13.292  -2.625  -1.892  1.00 68.20  ? 9   GLU A OE2 1 
ATOM   78  N N   . GLY A 1 10 ? 10.661  2.034   -0.663  1.00 65.71  ? 10  GLY A N   1 
ATOM   79  C CA  . GLY A 1 10 ? 11.174  3.384   -0.745  1.00 69.85  ? 10  GLY A CA  1 
ATOM   80  C C   . GLY A 1 10 ? 10.266  4.475   -0.224  1.00 68.22  ? 10  GLY A C   1 
ATOM   81  O O   . GLY A 1 10 ? 10.588  5.654   -0.399  1.00 75.58  ? 10  GLY A O   1 
ATOM   82  N N   . ARG A 1 11 ? 9.154   4.139   0.408   1.00 66.15  ? 11  ARG A N   1 
ATOM   83  C CA  . ARG A 1 11 ? 8.299   5.179   0.953   1.00 70.81  ? 11  ARG A CA  1 
ATOM   84  C C   . ARG A 1 11 ? 8.642   5.459   2.407   1.00 74.91  ? 11  ARG A C   1 
ATOM   85  O O   . ARG A 1 11 ? 9.129   4.585   3.130   1.00 73.79  ? 11  ARG A O   1 
ATOM   86  C CB  . ARG A 1 11 ? 6.834   4.795   0.820   1.00 66.74  ? 11  ARG A CB  1 
ATOM   87  C CG  . ARG A 1 11 ? 6.455   4.664   -0.618  1.00 72.27  ? 11  ARG A CG  1 
ATOM   88  C CD  . ARG A 1 11 ? 4.974   4.521   -0.804  1.00 73.66  ? 11  ARG A CD  1 
ATOM   89  N NE  . ARG A 1 11 ? 4.665   4.403   -2.225  1.00 77.77  ? 11  ARG A NE  1 
ATOM   90  C CZ  . ARG A 1 11 ? 4.713   5.413   -3.089  1.00 80.47  ? 11  ARG A CZ  1 
ATOM   91  N NH1 . ARG A 1 11 ? 5.059   6.632   -2.682  1.00 82.28  ? 11  ARG A NH1 1 
ATOM   92  N NH2 . ARG A 1 11 ? 4.411   5.199   -4.364  1.00 80.85  ? 11  ARG A NH2 1 
ATOM   93  N N   . THR A 1 12 ? 8.378   6.698   2.829   1.00 73.07  ? 12  THR A N   1 
ATOM   94  C CA  . THR A 1 12 ? 8.724   7.132   4.170   1.00 75.97  ? 12  THR A CA  1 
ATOM   95  C C   . THR A 1 12 ? 7.901   6.365   5.196   1.00 73.47  ? 12  THR A C   1 
ATOM   96  O O   . THR A 1 12 ? 6.830   5.837   4.883   1.00 71.54  ? 12  THR A O   1 
ATOM   97  C CB  . THR A 1 12 ? 8.466   8.630   4.340   1.00 76.14  ? 12  THR A CB  1 
ATOM   98  O OG1 . THR A 1 12 ? 7.055   8.863   4.377   1.00 73.50  ? 12  THR A OG1 1 
ATOM   99  C CG2 . THR A 1 12 ? 9.063   9.419   3.191   1.00 79.50  ? 12  THR A CG2 1 
ATOM   100 N N   . PRO A 1 13 ? 8.381   6.285   6.440   1.00 67.13  ? 13  PRO A N   1 
ATOM   101 C CA  . PRO A 1 13 ? 7.536   5.690   7.488   1.00 68.67  ? 13  PRO A CA  1 
ATOM   102 C C   . PRO A 1 13 ? 6.272   6.489   7.749   1.00 71.92  ? 13  PRO A C   1 
ATOM   103 O O   . PRO A 1 13 ? 5.238   5.900   8.091   1.00 71.27  ? 13  PRO A O   1 
ATOM   104 C CB  . PRO A 1 13 ? 8.460   5.657   8.716   1.00 65.44  ? 13  PRO A CB  1 
ATOM   105 C CG  . PRO A 1 13 ? 9.571   6.586   8.388   1.00 69.69  ? 13  PRO A CG  1 
ATOM   106 C CD  . PRO A 1 13 ? 9.748   6.532   6.913   1.00 66.43  ? 13  PRO A CD  1 
ATOM   107 N N   . GLU A 1 14 ? 6.317   7.810   7.560   1.00 71.81  ? 14  GLU A N   1 
ATOM   108 C CA  . GLU A 1 14 ? 5.114   8.623   7.710   1.00 72.15  ? 14  GLU A CA  1 
ATOM   109 C C   . GLU A 1 14 ? 4.055   8.236   6.683   1.00 67.01  ? 14  GLU A C   1 
ATOM   110 O O   . GLU A 1 14 ? 2.862   8.158   7.005   1.00 66.67  ? 14  GLU A O   1 
ATOM   111 C CB  . GLU A 1 14 ? 5.466   10.107  7.589   1.00 77.08  ? 14  GLU A CB  1 
ATOM   112 C CG  . GLU A 1 14 ? 6.418   10.632  8.660   1.00 88.73  ? 14  GLU A CG  1 
ATOM   113 C CD  . GLU A 1 14 ? 7.888   10.291  8.405   1.00 90.73  ? 14  GLU A CD  1 
ATOM   114 O OE1 . GLU A 1 14 ? 8.670   10.279  9.382   1.00 93.42  ? 14  GLU A OE1 1 
ATOM   115 O OE2 . GLU A 1 14 ? 8.260   10.023  7.240   1.00 87.21  ? 14  GLU A OE2 1 
ATOM   116 N N   . GLN A 1 15 ? 4.471   7.984   5.441   1.00 64.97  ? 15  GLN A N   1 
ATOM   117 C CA  . GLN A 1 15 ? 3.523   7.553   4.420   1.00 66.17  ? 15  GLN A CA  1 
ATOM   118 C C   . GLN A 1 15 ? 2.929   6.189   4.755   1.00 63.34  ? 15  GLN A C   1 
ATOM   119 O O   . GLN A 1 15 ? 1.748   5.934   4.483   1.00 61.87  ? 15  GLN A O   1 
ATOM   120 C CB  . GLN A 1 15 ? 4.207   7.528   3.055   1.00 65.15  ? 15  GLN A CB  1 
ATOM   121 C CG  . GLN A 1 15 ? 4.536   8.933   2.517   1.00 68.85  ? 15  GLN A CG  1 
ATOM   122 C CD  . GLN A 1 15 ? 5.168   8.885   1.141   1.00 71.99  ? 15  GLN A CD  1 
ATOM   123 O OE1 . GLN A 1 15 ? 5.960   7.990   0.845   1.00 76.21  ? 15  GLN A OE1 1 
ATOM   124 N NE2 . GLN A 1 15 ? 4.821   9.842   0.290   1.00 75.20  ? 15  GLN A NE2 1 
ATOM   125 N N   . LYS A 1 16 ? 3.721   5.296   5.348   1.00 62.66  ? 16  LYS A N   1 
ATOM   126 C CA  . LYS A 1 16 ? 3.182   3.976   5.656   1.00 58.91  ? 16  LYS A CA  1 
ATOM   127 C C   . LYS A 1 16 ? 2.201   4.047   6.822   1.00 57.35  ? 16  LYS A C   1 
ATOM   128 O O   . LYS A 1 16 ? 1.143   3.409   6.782   1.00 52.17  ? 16  LYS A O   1 
ATOM   129 C CB  . LYS A 1 16 ? 4.322   2.988   5.916   1.00 62.26  ? 16  LYS A CB  1 
ATOM   130 C CG  . LYS A 1 16 ? 4.940   2.448   4.597   1.00 59.12  ? 16  LYS A CG  1 
ATOM   131 C CD  . LYS A 1 16 ? 6.133   1.548   4.850   1.00 63.21  ? 16  LYS A CD  1 
ATOM   132 C CE  . LYS A 1 16 ? 7.432   2.337   4.798   1.00 68.53  ? 16  LYS A CE  1 
ATOM   133 N NZ  . LYS A 1 16 ? 8.592   1.548   5.320   1.00 68.43  ? 16  LYS A NZ  1 
ATOM   134 N N   . LYS A 1 17 ? 2.515   4.846   7.848   1.00 59.40  ? 17  LYS A N   1 
ATOM   135 C CA  . LYS A 1 17 ? 1.551   5.088   8.922   1.00 64.46  ? 17  LYS A CA  1 
ATOM   136 C C   . LYS A 1 17 ? 0.265   5.704   8.381   1.00 63.70  ? 17  LYS A C   1 
ATOM   137 O O   . LYS A 1 17 ? -0.838  5.287   8.752   1.00 63.43  ? 17  LYS A O   1 
ATOM   138 C CB  . LYS A 1 17 ? 2.181   5.978   9.997   1.00 67.21  ? 17  LYS A CB  1 
ATOM   139 C CG  . LYS A 1 17 ? 1.308   6.248   11.218  1.00 67.36  ? 17  LYS A CG  1 
ATOM   140 C CD  . LYS A 1 17 ? 2.125   6.878   12.336  1.00 72.05  ? 17  LYS A CD  1 
ATOM   141 C CE  . LYS A 1 17 ? 1.297   7.027   13.602  1.00 74.76  ? 17  LYS A CE  1 
ATOM   142 N NZ  . LYS A 1 17 ? 1.982   7.834   14.628  1.00 80.73  ? 17  LYS A NZ  1 
ATOM   143 N N   . ALA A 1 18 ? 0.384   6.675   7.472   1.00 65.13  ? 18  ALA A N   1 
ATOM   144 C CA  . ALA A 1 18 ? -0.794  7.260   6.834   1.00 62.61  ? 18  ALA A CA  1 
ATOM   145 C C   . ALA A 1 18 ? -1.585  6.224   6.029   1.00 59.53  ? 18  ALA A C   1 
ATOM   146 O O   . ALA A 1 18 ? -2.823  6.270   5.998   1.00 64.05  ? 18  ALA A O   1 
ATOM   147 C CB  . ALA A 1 18 ? -0.371  8.417   5.940   1.00 59.78  ? 18  ALA A CB  1 
ATOM   148 N N   . VAL A 1 19 ? -0.902  5.298   5.349   1.00 54.98  ? 19  VAL A N   1 
ATOM   149 C CA  . VAL A 1 19 ? -1.637  4.229   4.674   1.00 48.81  ? 19  VAL A CA  1 
ATOM   150 C C   . VAL A 1 19 ? -2.507  3.488   5.680   1.00 48.69  ? 19  VAL A C   1 
ATOM   151 O O   . VAL A 1 19 ? -3.711  3.303   5.473   1.00 50.69  ? 19  VAL A O   1 
ATOM   152 C CB  . VAL A 1 19 ? -0.679  3.263   3.947   1.00 49.00  ? 19  VAL A CB  1 
ATOM   153 C CG1 . VAL A 1 19 ? -1.433  1.986   3.518   1.00 46.85  ? 19  VAL A CG1 1 
ATOM   154 C CG2 . VAL A 1 19 ? -0.038  3.916   2.727   1.00 44.72  ? 19  VAL A CG2 1 
ATOM   155 N N   . ILE A 1 20 ? -1.913  3.081   6.801   1.00 49.37  ? 20  ILE A N   1 
ATOM   156 C CA  . ILE A 1 20 ? -2.659  2.338   7.811   1.00 52.08  ? 20  ILE A CA  1 
ATOM   157 C C   . ILE A 1 20 ? -3.824  3.175   8.333   1.00 57.17  ? 20  ILE A C   1 
ATOM   158 O O   . ILE A 1 20 ? -4.959  2.696   8.437   1.00 55.92  ? 20  ILE A O   1 
ATOM   159 C CB  . ILE A 1 20 ? -1.716  1.896   8.949   1.00 53.27  ? 20  ILE A CB  1 
ATOM   160 C CG1 . ILE A 1 20 ? -0.837  0.711   8.477   1.00 50.50  ? 20  ILE A CG1 1 
ATOM   161 C CG2 . ILE A 1 20 ? -2.517  1.512   10.191  1.00 47.31  ? 20  ILE A CG2 1 
ATOM   162 C CD1 . ILE A 1 20 ? 0.216   0.319   9.511   1.00 53.23  ? 20  ILE A CD1 1 
ATOM   163 N N   . GLU A 1 21 ? -3.564  4.446   8.635   1.00 53.99  ? 21  GLU A N   1 
ATOM   164 C CA  . GLU A 1 21 ? -4.590  5.298   9.228   1.00 58.77  ? 21  GLU A CA  1 
ATOM   165 C C   . GLU A 1 21 ? -5.717  5.577   8.235   1.00 56.94  ? 21  GLU A C   1 
ATOM   166 O O   . GLU A 1 21 ? -6.890  5.355   8.543   1.00 57.38  ? 21  GLU A O   1 
ATOM   167 C CB  . GLU A 1 21 ? -3.964  6.602   9.724   1.00 59.33  ? 21  GLU A CB  1 
ATOM   168 C CG  . GLU A 1 21 ? -3.375  6.520   11.136  1.00 68.76  ? 21  GLU A CG  1 
ATOM   169 C CD  . GLU A 1 21 ? -2.536  7.739   11.511  1.00 82.08  ? 21  GLU A CD  1 
ATOM   170 O OE1 . GLU A 1 21 ? -2.504  8.727   10.737  1.00 84.50  ? 21  GLU A OE1 1 
ATOM   171 O OE2 . GLU A 1 21 ? -1.917  7.719   12.600  1.00 85.15  ? 21  GLU A OE2 1 
ATOM   172 N N   . LYS A 1 22 ? -5.373  6.021   7.019   1.00 59.37  ? 22  LYS A N   1 
ATOM   173 C CA  . LYS A 1 22 ? -6.396  6.469   6.072   1.00 61.08  ? 22  LYS A CA  1 
ATOM   174 C C   . LYS A 1 22 ? -7.177  5.295   5.487   1.00 57.78  ? 22  LYS A C   1 
ATOM   175 O O   . LYS A 1 22 ? -8.397  5.391   5.293   1.00 56.86  ? 22  LYS A O   1 
ATOM   176 C CB  . LYS A 1 22 ? -5.758  7.316   4.967   1.00 56.89  ? 22  LYS A CB  1 
ATOM   177 C CG  . LYS A 1 22 ? -5.343  8.712   5.449   1.00 64.22  ? 22  LYS A CG  1 
ATOM   178 C CD  . LYS A 1 22 ? -4.330  9.372   4.525   1.00 65.83  ? 22  LYS A CD  1 
ATOM   179 C CE  . LYS A 1 22 ? -4.400  10.921  4.562   1.00 63.19  ? 22  LYS A CE  1 
ATOM   180 N NZ  . LYS A 1 22 ? -4.780  11.581  5.853   1.00 71.73  ? 22  LYS A NZ  1 
ATOM   181 N N   . VAL A 1 23 ? -6.507  4.173   5.213   1.00 54.86  ? 23  VAL A N   1 
ATOM   182 C CA  . VAL A 1 23 ? -7.229  3.008   4.711   1.00 49.17  ? 23  VAL A CA  1 
ATOM   183 C C   . VAL A 1 23 ? -8.179  2.476   5.774   1.00 49.05  ? 23  VAL A C   1 
ATOM   184 O O   . VAL A 1 23 ? -9.318  2.102   5.470   1.00 55.08  ? 23  VAL A O   1 
ATOM   185 C CB  . VAL A 1 23 ? -6.246  1.928   4.225   1.00 48.58  ? 23  VAL A CB  1 
ATOM   186 C CG1 . VAL A 1 23 ? -6.987  0.635   3.878   1.00 44.64  ? 23  VAL A CG1 1 
ATOM   187 C CG2 . VAL A 1 23 ? -5.469  2.442   3.036   1.00 51.29  ? 23  VAL A CG2 1 
ATOM   188 N N   . THR A 1 24 ? -7.732  2.426   7.032   1.00 50.89  ? 24  THR A N   1 
ATOM   189 C CA  . THR A 1 24 ? -8.617  2.018   8.122   1.00 54.42  ? 24  THR A CA  1 
ATOM   190 C C   . THR A 1 24 ? -9.836  2.932   8.218   1.00 56.13  ? 24  THR A C   1 
ATOM   191 O O   . THR A 1 24 ? -10.973 2.457   8.348   1.00 56.75  ? 24  THR A O   1 
ATOM   192 C CB  . THR A 1 24 ? -7.851  2.006   9.450   1.00 57.07  ? 24  THR A CB  1 
ATOM   193 O OG1 . THR A 1 24 ? -6.965  0.875   9.489   1.00 53.43  ? 24  THR A OG1 1 
ATOM   194 C CG2 . THR A 1 24 ? -8.819  1.963   10.649  1.00 55.54  ? 24  THR A CG2 1 
ATOM   195 N N   . GLN A 1 25 ? -9.619  4.253   8.161   1.00 54.46  ? 25  GLN A N   1 
ATOM   196 C CA  . GLN A 1 25 ? -10.739 5.193   8.183   1.00 58.02  ? 25  GLN A CA  1 
ATOM   197 C C   . GLN A 1 25 ? -11.642 5.007   6.969   1.00 60.16  ? 25  GLN A C   1 
ATOM   198 O O   . GLN A 1 25 ? -12.871 5.065   7.084   1.00 63.56  ? 25  GLN A O   1 
ATOM   199 C CB  . GLN A 1 25 ? -10.225 6.634   8.240   1.00 60.92  ? 25  GLN A CB  1 
ATOM   200 C CG  . GLN A 1 25 ? -11.344 7.686   8.330   1.00 69.93  ? 25  GLN A CG  1 
ATOM   201 C CD  . GLN A 1 25 ? -12.050 7.660   9.664   1.00 76.74  ? 25  GLN A CD  1 
ATOM   202 O OE1 . GLN A 1 25 ? -11.464 7.280   10.670  1.00 79.71  ? 25  GLN A OE1 1 
ATOM   203 N NE2 . GLN A 1 25 ? -13.311 8.084   9.687   1.00 84.35  ? 25  GLN A NE2 1 
ATOM   204 N N   . ALA A 1 26 ? -11.045 4.780   5.798   1.00 62.15  ? 26  ALA A N   1 
ATOM   205 C CA  . ALA A 1 26 ? -11.822 4.557   4.583   1.00 65.93  ? 26  ALA A CA  1 
ATOM   206 C C   . ALA A 1 26 ? -12.739 3.344   4.722   1.00 60.92  ? 26  ALA A C   1 
ATOM   207 O O   . ALA A 1 26 ? -13.916 3.396   4.335   1.00 62.63  ? 26  ALA A O   1 
ATOM   208 C CB  . ALA A 1 26 ? -10.874 4.374   3.397   1.00 65.11  ? 26  ALA A CB  1 
ATOM   209 N N   . LEU A 1 27 ? -12.226 2.249   5.282   1.00 57.20  ? 27  LEU A N   1 
ATOM   210 C CA  . LEU A 1 27 ? -13.053 1.058   5.452   1.00 54.20  ? 27  LEU A CA  1 
ATOM   211 C C   . LEU A 1 27 ? -14.124 1.280   6.516   1.00 59.04  ? 27  LEU A C   1 
ATOM   212 O O   . LEU A 1 27 ? -15.261 0.816   6.367   1.00 57.26  ? 27  LEU A O   1 
ATOM   213 C CB  . LEU A 1 27 ? -12.179 -0.144  5.809   1.00 49.29  ? 27  LEU A CB  1 
ATOM   214 C CG  . LEU A 1 27 ? -11.266 -0.754  4.731   1.00 48.44  ? 27  LEU A CG  1 
ATOM   215 C CD1 . LEU A 1 27 ? -10.495 -1.925  5.322   1.00 46.93  ? 27  LEU A CD1 1 
ATOM   216 C CD2 . LEU A 1 27 ? -12.048 -1.207  3.488   1.00 46.91  ? 27  LEU A CD2 1 
ATOM   217 N N   . HIS A 1 28 ? -13.773 1.982   7.600   1.00 60.80  ? 28  HIS A N   1 
ATOM   218 C CA  . HIS A 1 28 ? -14.768 2.327   8.617   1.00 63.08  ? 28  HIS A CA  1 
ATOM   219 C C   . HIS A 1 28 ? -15.919 3.123   8.018   1.00 65.68  ? 28  HIS A C   1 
ATOM   220 O O   . HIS A 1 28 ? -17.088 2.856   8.319   1.00 64.78  ? 28  HIS A O   1 
ATOM   221 C CB  . HIS A 1 28 ? -14.118 3.115   9.755   1.00 61.36  ? 28  HIS A CB  1 
ATOM   222 C CG  . HIS A 1 28 ? -15.106 3.772   10.676  1.00 66.07  ? 28  HIS A CG  1 
ATOM   223 N ND1 . HIS A 1 28 ? -15.899 3.056   11.546  1.00 67.73  ? 28  HIS A ND1 1 
ATOM   224 C CD2 . HIS A 1 28 ? -15.417 5.077   10.871  1.00 72.99  ? 28  HIS A CD2 1 
ATOM   225 C CE1 . HIS A 1 28 ? -16.659 3.892   12.237  1.00 76.89  ? 28  HIS A CE1 1 
ATOM   226 N NE2 . HIS A 1 28 ? -16.391 5.123   11.841  1.00 73.68  ? 28  HIS A NE2 1 
ATOM   227 N N   . GLU A 1 29 ? -15.615 4.106   7.168   1.00 62.50  ? 29  GLU A N   1 
ATOM   228 C CA  . GLU A 1 29 ? -16.678 4.962   6.646   1.00 71.01  ? 29  GLU A CA  1 
ATOM   229 C C   . GLU A 1 29 ? -17.488 4.267   5.562   1.00 70.09  ? 29  GLU A C   1 
ATOM   230 O O   . GLU A 1 29 ? -18.696 4.498   5.451   1.00 69.30  ? 29  GLU A O   1 
ATOM   231 C CB  . GLU A 1 29 ? -16.092 6.257   6.088   1.00 71.44  ? 29  GLU A CB  1 
ATOM   232 C CG  . GLU A 1 29 ? -15.419 7.128   7.122   1.00 77.54  ? 29  GLU A CG  1 
ATOM   233 C CD  . GLU A 1 29 ? -14.759 8.337   6.493   1.00 83.04  ? 29  GLU A CD  1 
ATOM   234 O OE1 . GLU A 1 29 ? -14.692 8.382   5.244   1.00 86.28  ? 29  GLU A OE1 1 
ATOM   235 O OE2 . GLU A 1 29 ? -14.295 9.226   7.238   1.00 81.12  ? 29  GLU A OE2 1 
ATOM   236 N N   . ALA A 1 30 ? -16.843 3.419   4.762   1.00 67.96  ? 30  ALA A N   1 
ATOM   237 C CA  . ALA A 1 30 ? -17.517 2.764   3.647   1.00 67.85  ? 30  ALA A CA  1 
ATOM   238 C C   . ALA A 1 30 ? -18.432 1.637   4.103   1.00 66.59  ? 30  ALA A C   1 
ATOM   239 O O   . ALA A 1 30 ? -19.444 1.368   3.453   1.00 65.42  ? 30  ALA A O   1 
ATOM   240 C CB  . ALA A 1 30 ? -16.481 2.211   2.664   1.00 61.91  ? 30  ALA A CB  1 
ATOM   241 N N   . THR A 1 31 ? -18.081 0.958   5.191   1.00 68.08  ? 31  THR A N   1 
ATOM   242 C CA  . THR A 1 31 ? -18.814 -0.211  5.643   1.00 69.02  ? 31  THR A CA  1 
ATOM   243 C C   . THR A 1 31 ? -19.441 -0.051  7.014   1.00 68.66  ? 31  THR A C   1 
ATOM   244 O O   . THR A 1 31 ? -20.201 -0.932  7.425   1.00 70.97  ? 31  THR A O   1 
ATOM   245 C CB  . THR A 1 31 ? -17.897 -1.443  5.707   1.00 63.24  ? 31  THR A CB  1 
ATOM   246 O OG1 . THR A 1 31 ? -17.002 -1.288  6.816   1.00 63.95  ? 31  THR A OG1 1 
ATOM   247 C CG2 . THR A 1 31 ? -17.099 -1.612  4.429   1.00 62.68  ? 31  THR A CG2 1 
ATOM   248 N N   . ASP A 1 32 ? -19.089 0.998   7.754   1.00 66.81  ? 32  ASP A N   1 
ATOM   249 C CA  . ASP A 1 32 ? -19.548 1.230   9.123   1.00 71.90  ? 32  ASP A CA  1 
ATOM   250 C C   . ASP A 1 32 ? -19.080 0.150   10.091  1.00 67.66  ? 32  ASP A C   1 
ATOM   251 O O   . ASP A 1 32 ? -19.658 -0.011  11.173  1.00 71.56  ? 32  ASP A O   1 
ATOM   252 C CB  . ASP A 1 32 ? -21.066 1.378   9.179   1.00 80.16  ? 32  ASP A CB  1 
ATOM   253 C CG  . ASP A 1 32 ? -21.532 2.646   8.523   1.00 88.91  ? 32  ASP A CG  1 
ATOM   254 O OD1 . ASP A 1 32 ? -22.450 2.571   7.677   1.00 95.17  ? 32  ASP A OD1 1 
ATOM   255 O OD2 . ASP A 1 32 ? -20.968 3.719   8.849   1.00 92.97  ? 32  ASP A OD2 1 
ATOM   256 N N   . ALA A 1 33 ? -18.039 -0.588  9.718   1.00 65.91  ? 33  ALA A N   1 
ATOM   257 C CA  . ALA A 1 33 ? -17.457 -1.573  10.611  1.00 64.66  ? 33  ALA A CA  1 
ATOM   258 C C   . ALA A 1 33 ? -16.754 -0.887  11.765  1.00 66.08  ? 33  ALA A C   1 
ATOM   259 O O   . ALA A 1 33 ? -16.125 0.161   11.596  1.00 70.03  ? 33  ALA A O   1 
ATOM   260 C CB  . ALA A 1 33 ? -16.456 -2.453  9.865   1.00 61.16  ? 33  ALA A CB  1 
ATOM   261 N N   . LYS A 1 34 ? -16.846 -1.489  12.940  1.00 67.27  ? 34  LYS A N   1 
ATOM   262 C CA  . LYS A 1 34 ? -16.112 -0.963  14.076  1.00 69.47  ? 34  LYS A CA  1 
ATOM   263 C C   . LYS A 1 34 ? -14.615 -0.995  13.788  1.00 67.20  ? 34  LYS A C   1 
ATOM   264 O O   . LYS A 1 34 ? -14.087 -1.963  13.230  1.00 61.45  ? 34  LYS A O   1 
ATOM   265 C CB  . LYS A 1 34 ? -16.465 -1.753  15.330  1.00 72.19  ? 34  LYS A CB  1 
ATOM   266 C CG  . LYS A 1 34 ? -17.655 -1.146  16.028  1.00 85.97  ? 34  LYS A CG  1 
ATOM   267 C CD  . LYS A 1 34 ? -18.558 -2.183  16.634  1.00 94.74  ? 34  LYS A CD  1 
ATOM   268 C CE  . LYS A 1 34 ? -18.026 -2.675  17.972  1.00 101.02 ? 34  LYS A CE  1 
ATOM   269 N NZ  . LYS A 1 34 ? -18.211 -4.177  18.137  1.00 103.85 ? 34  LYS A NZ  1 
ATOM   270 N N   . LYS A 1 35 ? -13.941 0.107   14.128  1.00 63.66  ? 35  LYS A N   1 
ATOM   271 C CA  . LYS A 1 35 ? -12.504 0.182   13.894  1.00 65.91  ? 35  LYS A CA  1 
ATOM   272 C C   . LYS A 1 35 ? -11.770 -0.956  14.582  1.00 62.25  ? 35  LYS A C   1 
ATOM   273 O O   . LYS A 1 35 ? -10.759 -1.439  14.063  1.00 59.25  ? 35  LYS A O   1 
ATOM   274 C CB  . LYS A 1 35 ? -11.957 1.516   14.378  1.00 71.34  ? 35  LYS A CB  1 
ATOM   275 C CG  . LYS A 1 35 ? -12.439 2.712   13.593  1.00 80.88  ? 35  LYS A CG  1 
ATOM   276 C CD  . LYS A 1 35 ? -11.335 3.751   13.505  1.00 87.51  ? 35  LYS A CD  1 
ATOM   277 C CE  . LYS A 1 35 ? -11.792 5.003   12.776  1.00 96.29  ? 35  LYS A CE  1 
ATOM   278 N NZ  . LYS A 1 35 ? -10.655 5.520   11.940  1.00 97.22  ? 35  LYS A NZ  1 
ATOM   279 N N   . GLU A 1 36 ? -12.266 -1.405  15.736  1.00 64.45  ? 36  GLU A N   1 
ATOM   280 C CA  . GLU A 1 36 ? -11.652 -2.538  16.415  1.00 65.12  ? 36  GLU A CA  1 
ATOM   281 C C   . GLU A 1 36 ? -11.492 -3.754  15.510  1.00 61.05  ? 36  GLU A C   1 
ATOM   282 O O   . GLU A 1 36 ? -10.557 -4.531  15.716  1.00 62.18  ? 36  GLU A O   1 
ATOM   283 C CB  . GLU A 1 36 ? -12.476 -2.935  17.634  1.00 67.72  ? 36  GLU A CB  1 
ATOM   284 C CG  . GLU A 1 36 ? -12.451 -1.947  18.771  1.00 77.99  ? 36  GLU A CG  1 
ATOM   285 C CD  . GLU A 1 36 ? -13.601 -0.974  18.700  1.00 79.42  ? 36  GLU A CD  1 
ATOM   286 O OE1 . GLU A 1 36 ? -13.794 -0.206  19.663  1.00 86.20  ? 36  GLU A OE1 1 
ATOM   287 O OE2 . GLU A 1 36 ? -14.294 -0.954  17.666  1.00 79.00  ? 36  GLU A OE2 1 
ATOM   288 N N   . THR A 1 37 ? -12.375 -3.940  14.528  1.00 57.62  ? 37  THR A N   1 
ATOM   289 C CA  . THR A 1 37 ? -12.335 -5.129  13.681  1.00 55.08  ? 37  THR A CA  1 
ATOM   290 C C   . THR A 1 37 ? -11.446 -4.977  12.453  1.00 56.32  ? 37  THR A C   1 
ATOM   291 O O   . THR A 1 37 ? -11.140 -5.984  11.800  1.00 51.79  ? 37  THR A O   1 
ATOM   292 C CB  . THR A 1 37 ? -13.744 -5.496  13.206  1.00 54.98  ? 37  THR A CB  1 
ATOM   293 O OG1 . THR A 1 37 ? -14.234 -4.459  12.347  1.00 56.29  ? 37  THR A OG1 1 
ATOM   294 C CG2 . THR A 1 37 ? -14.693 -5.683  14.393  1.00 58.93  ? 37  THR A CG2 1 
ATOM   295 N N   . ILE A 1 38 ? -11.024 -3.765  12.127  1.00 54.26  ? 38  ILE A N   1 
ATOM   296 C CA  . ILE A 1 38 ? -10.356 -3.485  10.859  1.00 52.65  ? 38  ILE A CA  1 
ATOM   297 C C   . ILE A 1 38 ? -8.864  -3.769  10.969  1.00 48.87  ? 38  ILE A C   1 
ATOM   298 O O   . ILE A 1 38 ? -8.207  -3.405  11.953  1.00 50.57  ? 38  ILE A O   1 
ATOM   299 C CB  . ILE A 1 38 ? -10.630 -2.035  10.433  1.00 54.96  ? 38  ILE A CB  1 
ATOM   300 C CG1 . ILE A 1 38 ? -12.147 -1.821  10.367  1.00 57.81  ? 38  ILE A CG1 1 
ATOM   301 C CG2 . ILE A 1 38 ? -9.962  -1.741  9.107   1.00 48.07  ? 38  ILE A CG2 1 
ATOM   302 C CD1 . ILE A 1 38 ? -12.580 -0.402  10.058  1.00 60.09  ? 38  ILE A CD1 1 
ATOM   303 N N   . ARG A 1 39 ? -8.321  -4.435  9.954   1.00 48.19  ? 39  ARG A N   1 
ATOM   304 C CA  . ARG A 1 39 ? -6.906  -4.755  9.906   1.00 45.69  ? 39  ARG A CA  1 
ATOM   305 C C   . ARG A 1 39 ? -6.360  -4.364  8.544   1.00 52.25  ? 39  ARG A C   1 
ATOM   306 O O   . ARG A 1 39 ? -6.988  -4.630  7.512   1.00 46.28  ? 39  ARG A O   1 
ATOM   307 C CB  . ARG A 1 39 ? -6.668  -6.252  10.127  1.00 45.20  ? 39  ARG A CB  1 
ATOM   308 C CG  . ARG A 1 39 ? -7.267  -6.816  11.393  1.00 47.12  ? 39  ARG A CG  1 
ATOM   309 C CD  . ARG A 1 39 ? -6.338  -6.579  12.552  1.00 47.94  ? 39  ARG A CD  1 
ATOM   310 N NE  . ARG A 1 39 ? -6.848  -7.163  13.789  1.00 61.19  ? 39  ARG A NE  1 
ATOM   311 C CZ  . ARG A 1 39 ? -7.911  -6.714  14.455  1.00 70.14  ? 39  ARG A CZ  1 
ATOM   312 N NH1 . ARG A 1 39 ? -8.604  -5.682  13.990  1.00 73.05  ? 39  ARG A NH1 1 
ATOM   313 N NH2 . ARG A 1 39 ? -8.298  -7.303  15.585  1.00 70.59  ? 39  ARG A NH2 1 
ATOM   314 N N   . VAL A 1 40 ? -5.183  -3.747  8.539   1.00 45.39  ? 40  VAL A N   1 
ATOM   315 C CA  . VAL A 1 40 ? -4.525  -3.315  7.315   1.00 43.36  ? 40  VAL A CA  1 
ATOM   316 C C   . VAL A 1 40 ? -3.052  -3.667  7.443   1.00 44.78  ? 40  VAL A C   1 
ATOM   317 O O   . VAL A 1 40 ? -2.412  -3.304  8.438   1.00 48.01  ? 40  VAL A O   1 
ATOM   318 C CB  . VAL A 1 40 ? -4.669  -1.799  7.084   1.00 42.61  ? 40  VAL A CB  1 
ATOM   319 C CG1 . VAL A 1 40 ? -3.957  -1.403  5.809   1.00 42.60  ? 40  VAL A CG1 1 
ATOM   320 C CG2 . VAL A 1 40 ? -6.137  -1.369  7.068   1.00 45.81  ? 40  VAL A CG2 1 
ATOM   321 N N   . TRP A 1 41 ? -2.509  -4.365  6.461   1.00 42.31  ? 41  TRP A N   1 
ATOM   322 C CA  . TRP A 1 41 ? -1.087  -4.661  6.490   1.00 38.89  ? 41  TRP A CA  1 
ATOM   323 C C   . TRP A 1 41 ? -0.487  -4.354  5.122   1.00 38.20  ? 41  TRP A C   1 
ATOM   324 O O   . TRP A 1 41 ? -1.192  -4.297  4.112   1.00 38.30  ? 41  TRP A O   1 
ATOM   325 C CB  . TRP A 1 41 ? -0.822  -6.111  6.949   1.00 39.56  ? 41  TRP A CB  1 
ATOM   326 C CG  . TRP A 1 41 ? -1.318  -7.218  6.068   1.00 41.15  ? 41  TRP A CG  1 
ATOM   327 C CD1 . TRP A 1 41 ? -0.592  -7.916  5.136   1.00 43.25  ? 41  TRP A CD1 1 
ATOM   328 C CD2 . TRP A 1 41 ? -2.631  -7.800  6.071   1.00 41.50  ? 41  TRP A CD2 1 
ATOM   329 N NE1 . TRP A 1 41 ? -1.382  -8.891  4.559   1.00 44.48  ? 41  TRP A NE1 1 
ATOM   330 C CE2 . TRP A 1 41 ? -2.636  -8.833  5.113   1.00 45.12  ? 41  TRP A CE2 1 
ATOM   331 C CE3 . TRP A 1 41 ? -3.806  -7.540  6.792   1.00 46.04  ? 41  TRP A CE3 1 
ATOM   332 C CZ2 . TRP A 1 41 ? -3.775  -9.602  4.842   1.00 43.73  ? 41  TRP A CZ2 1 
ATOM   333 C CZ3 . TRP A 1 41 ? -4.929  -8.309  6.521   1.00 48.09  ? 41  TRP A CZ3 1 
ATOM   334 C CH2 . TRP A 1 41 ? -4.899  -9.326  5.554   1.00 45.38  ? 41  TRP A CH2 1 
ATOM   335 N N   . ILE A 1 42 ? 0.826   -4.132  5.096   1.00 37.17  ? 42  ILE A N   1 
ATOM   336 C CA  . ILE A 1 42 ? 1.489   -3.538  3.934   1.00 36.83  ? 42  ILE A CA  1 
ATOM   337 C C   . ILE A 1 42 ? 2.655   -4.422  3.523   1.00 38.90  ? 42  ILE A C   1 
ATOM   338 O O   . ILE A 1 42 ? 3.565   -4.660  4.328   1.00 41.17  ? 42  ILE A O   1 
ATOM   339 C CB  . ILE A 1 42 ? 1.990   -2.108  4.226   1.00 42.63  ? 42  ILE A CB  1 
ATOM   340 C CG1 . ILE A 1 42 ? 0.837   -1.202  4.686   1.00 47.05  ? 42  ILE A CG1 1 
ATOM   341 C CG2 . ILE A 1 42 ? 2.683   -1.529  3.006   1.00 40.21  ? 42  ILE A CG2 1 
ATOM   342 C CD1 . ILE A 1 42 ? 1.303   0.193   5.213   1.00 44.64  ? 42  ILE A CD1 1 
ATOM   343 N N   . HIS A 1 43 ? 2.637   -4.886  2.269   1.00 39.21  ? 43  HIS A N   1 
ATOM   344 C CA  . HIS A 1 43 ? 3.781   -5.519  1.630   1.00 36.20  ? 43  HIS A CA  1 
ATOM   345 C C   . HIS A 1 43 ? 4.549   -4.468  0.841   1.00 40.06  ? 43  HIS A C   1 
ATOM   346 O O   . HIS A 1 43 ? 3.977   -3.819  -0.052  1.00 39.03  ? 43  HIS A O   1 
ATOM   347 C CB  . HIS A 1 43 ? 3.335   -6.634  0.679   1.00 34.75  ? 43  HIS A CB  1 
ATOM   348 C CG  . HIS A 1 43 ? 2.520   -7.707  1.330   1.00 35.70  ? 43  HIS A CG  1 
ATOM   349 N ND1 . HIS A 1 43 ? 3.092   -8.784  1.962   1.00 36.36  ? 43  HIS A ND1 1 
ATOM   350 C CD2 . HIS A 1 43 ? 1.180   -7.869  1.443   1.00 35.61  ? 43  HIS A CD2 1 
ATOM   351 C CE1 . HIS A 1 43 ? 2.143   -9.564  2.448   1.00 40.83  ? 43  HIS A CE1 1 
ATOM   352 N NE2 . HIS A 1 43 ? 0.970   -9.035  2.134   1.00 40.45  ? 43  HIS A NE2 1 
ATOM   353 N N   . GLU A 1 44 ? 5.837   -4.335  1.129   1.00 38.07  ? 44  GLU A N   1 
ATOM   354 C CA  . GLU A 1 44 ? 6.720   -3.441  0.392   1.00 43.01  ? 44  GLU A CA  1 
ATOM   355 C C   . GLU A 1 44 ? 7.487   -4.261  -0.638  1.00 42.54  ? 44  GLU A C   1 
ATOM   356 O O   . GLU A 1 44 ? 8.279   -5.137  -0.275  1.00 40.69  ? 44  GLU A O   1 
ATOM   357 C CB  . GLU A 1 44 ? 7.676   -2.718  1.340   1.00 46.05  ? 44  GLU A CB  1 
ATOM   358 C CG  . GLU A 1 44 ? 6.962   -1.834  2.347   1.00 52.38  ? 44  GLU A CG  1 
ATOM   359 C CD  . GLU A 1 44 ? 7.923   -1.155  3.304   1.00 56.67  ? 44  GLU A CD  1 
ATOM   360 O OE1 . GLU A 1 44 ? 8.068   -1.636  4.445   1.00 51.20  ? 44  GLU A OE1 1 
ATOM   361 O OE2 . GLU A 1 44 ? 8.548   -0.152  2.897   1.00 57.16  ? 44  GLU A OE2 1 
ATOM   362 N N   . MET A 1 45 ? 7.245   -3.978  -1.926  1.00 41.41  ? 45  MET A N   1 
ATOM   363 C CA  . MET A 1 45 ? 7.784   -4.789  -3.017  1.00 40.16  ? 45  MET A CA  1 
ATOM   364 C C   . MET A 1 45 ? 9.044   -4.147  -3.578  1.00 42.29  ? 45  MET A C   1 
ATOM   365 O O   . MET A 1 45 ? 9.029   -2.951  -3.895  1.00 40.69  ? 45  MET A O   1 
ATOM   366 C CB  . MET A 1 45 ? 6.748   -4.946  -4.129  1.00 38.93  ? 45  MET A CB  1 
ATOM   367 C CG  . MET A 1 45 ? 5.360   -5.349  -3.622  1.00 36.94  ? 45  MET A CG  1 
ATOM   368 S SD  . MET A 1 45 ? 5.442   -6.881  -2.634  1.00 38.59  ? 45  MET A SD  1 
ATOM   369 C CE  . MET A 1 45 ? 6.122   -8.022  -3.829  1.00 39.99  ? 45  MET A CE  1 
ATOM   370 N N   . PRO A 1 46 ? 10.134  -4.894  -3.705  1.00 44.53  ? 46  PRO A N   1 
ATOM   371 C CA  . PRO A 1 46 ? 11.299  -4.376  -4.429  1.00 44.87  ? 46  PRO A CA  1 
ATOM   372 C C   . PRO A 1 46 ? 10.917  -3.974  -5.841  1.00 45.30  ? 46  PRO A C   1 
ATOM   373 O O   . PRO A 1 46 ? 10.063  -4.590  -6.482  1.00 42.63  ? 46  PRO A O   1 
ATOM   374 C CB  . PRO A 1 46 ? 12.273  -5.558  -4.432  1.00 47.57  ? 46  PRO A CB  1 
ATOM   375 C CG  . PRO A 1 46 ? 11.832  -6.414  -3.250  1.00 44.43  ? 46  PRO A CG  1 
ATOM   376 C CD  . PRO A 1 46 ? 10.343  -6.267  -3.217  1.00 42.72  ? 46  PRO A CD  1 
ATOM   377 N N   . LYS A 1 47 ? 11.577  -2.924  -6.329  1.00 45.78  ? 47  LYS A N   1 
ATOM   378 C CA  . LYS A 1 47 ? 11.269  -2.406  -7.656  1.00 46.89  ? 47  LYS A CA  1 
ATOM   379 C C   . LYS A 1 47 ? 11.550  -3.444  -8.735  1.00 47.87  ? 47  LYS A C   1 
ATOM   380 O O   . LYS A 1 47 ? 10.827  -3.509  -9.734  1.00 47.31  ? 47  LYS A O   1 
ATOM   381 C CB  . LYS A 1 47 ? 12.045  -1.111  -7.894  1.00 53.10  ? 47  LYS A CB  1 
ATOM   382 C CG  . LYS A 1 47 ? 11.531  0.024   -7.002  1.00 58.39  ? 47  LYS A CG  1 
ATOM   383 C CD  . LYS A 1 47 ? 12.546  1.141   -6.812  1.00 72.77  ? 47  LYS A CD  1 
ATOM   384 C CE  . LYS A 1 47 ? 11.844  2.467   -6.563  1.00 74.13  ? 47  LYS A CE  1 
ATOM   385 N NZ  . LYS A 1 47 ? 12.826  3.532   -6.240  1.00 76.34  ? 47  LYS A NZ  1 
ATOM   386 N N   . GLU A 1 48 ? 12.548  -4.311  -8.525  1.00 49.18  ? 48  GLU A N   1 
ATOM   387 C CA  . GLU A 1 48 ? 12.784  -5.425  -9.441  1.00 50.61  ? 48  GLU A CA  1 
ATOM   388 C C   . GLU A 1 48 ? 11.630  -6.424  -9.454  1.00 45.75  ? 48  GLU A C   1 
ATOM   389 O O   . GLU A 1 48 ? 11.518  -7.203  -10.404 1.00 47.66  ? 48  GLU A O   1 
ATOM   390 C CB  . GLU A 1 48 ? 14.065  -6.164  -9.062  1.00 51.15  ? 48  GLU A CB  1 
ATOM   391 C CG  . GLU A 1 48 ? 15.363  -5.347  -9.211  1.00 58.01  ? 48  GLU A CG  1 
ATOM   392 C CD  . GLU A 1 48 ? 15.625  -4.418  -8.022  1.00 66.14  ? 48  GLU A CD  1 
ATOM   393 O OE1 . GLU A 1 48 ? 14.822  -4.434  -7.071  1.00 61.83  ? 48  GLU A OE1 1 
ATOM   394 O OE2 . GLU A 1 48 ? 16.637  -3.680  -8.035  1.00 69.39  ? 48  GLU A OE2 1 
ATOM   395 N N   . ASN A 1 49 ? 10.784  -6.430  -8.425  1.00 43.31  ? 49  ASN A N   1 
ATOM   396 C CA  . ASN A 1 49 ? 9.727   -7.429  -8.278  1.00 41.06  ? 49  ASN A CA  1 
ATOM   397 C C   . ASN A 1 49 ? 8.352   -6.918  -8.687  1.00 42.52  ? 49  ASN A C   1 
ATOM   398 O O   . ASN A 1 49 ? 7.347   -7.537  -8.324  1.00 41.38  ? 49  ASN A O   1 
ATOM   399 C CB  . ASN A 1 49 ? 9.658   -7.914  -6.829  1.00 39.15  ? 49  ASN A CB  1 
ATOM   400 C CG  . ASN A 1 49 ? 10.895  -8.663  -6.404  1.00 50.75  ? 49  ASN A CG  1 
ATOM   401 O OD1 . ASN A 1 49 ? 11.956  -8.517  -7.014  1.00 53.83  ? 49  ASN A OD1 1 
ATOM   402 N ND2 . ASN A 1 49 ? 10.775  -9.482  -5.366  1.00 46.84  ? 49  ASN A ND2 1 
ATOM   403 N N   . TRP A 1 50 ? 8.268   -5.800  -9.399  1.00 39.73  ? 50  TRP A N   1 
ATOM   404 C CA  . TRP A 1 50 ? 6.990   -5.132  -9.644  1.00 44.86  ? 50  TRP A CA  1 
ATOM   405 C C   . TRP A 1 50 ? 6.887   -4.827  -11.133 1.00 47.67  ? 50  TRP A C   1 
ATOM   406 O O   . TRP A 1 50 ? 7.557   -3.919  -11.634 1.00 44.74  ? 50  TRP A O   1 
ATOM   407 C CB  . TRP A 1 50 ? 6.908   -3.860  -8.800  1.00 44.42  ? 50  TRP A CB  1 
ATOM   408 C CG  . TRP A 1 50 ? 5.660   -3.043  -8.851  1.00 51.86  ? 50  TRP A CG  1 
ATOM   409 C CD1 . TRP A 1 50 ? 5.269   -2.183  -9.849  1.00 61.09  ? 50  TRP A CD1 1 
ATOM   410 C CD2 . TRP A 1 50 ? 4.670   -2.935  -7.819  1.00 57.03  ? 50  TRP A CD2 1 
ATOM   411 N NE1 . TRP A 1 50 ? 4.083   -1.568  -9.505  1.00 63.63  ? 50  TRP A NE1 1 
ATOM   412 C CE2 . TRP A 1 50 ? 3.693   -2.012  -8.268  1.00 61.09  ? 50  TRP A CE2 1 
ATOM   413 C CE3 . TRP A 1 50 ? 4.504   -3.543  -6.564  1.00 57.80  ? 50  TRP A CE3 1 
ATOM   414 C CZ2 . TRP A 1 50 ? 2.569   -1.679  -7.507  1.00 59.93  ? 50  TRP A CZ2 1 
ATOM   415 C CZ3 . TRP A 1 50 ? 3.386   -3.196  -5.793  1.00 57.74  ? 50  TRP A CZ3 1 
ATOM   416 C CH2 . TRP A 1 50 ? 2.428   -2.284  -6.278  1.00 59.31  ? 50  TRP A CH2 1 
ATOM   417 N N   . GLY A 1 51 ? 6.034   -5.571  -11.838 1.00 44.63  ? 51  GLY A N   1 
ATOM   418 C CA  . GLY A 1 51 ? 5.925   -5.453  -13.283 1.00 43.91  ? 51  GLY A CA  1 
ATOM   419 C C   . GLY A 1 51 ? 4.708   -4.635  -13.693 1.00 49.60  ? 51  GLY A C   1 
ATOM   420 O O   . GLY A 1 51 ? 3.596   -4.856  -13.199 1.00 46.48  ? 51  GLY A O   1 
ATOM   421 N N   . ILE A 1 52 ? 4.942   -3.697  -14.610 1.00 46.86  ? 52  ILE A N   1 
ATOM   422 C CA  . ILE A 1 52 ? 3.897   -2.876  -15.202 1.00 45.75  ? 52  ILE A CA  1 
ATOM   423 C C   . ILE A 1 52 ? 4.023   -3.047  -16.708 1.00 53.99  ? 52  ILE A C   1 
ATOM   424 O O   . ILE A 1 52 ? 5.026   -2.631  -17.307 1.00 53.72  ? 52  ILE A O   1 
ATOM   425 C CB  . ILE A 1 52 ? 4.011   -1.399  -14.791 1.00 52.92  ? 52  ILE A CB  1 
ATOM   426 C CG1 . ILE A 1 52 ? 4.020   -1.253  -13.260 1.00 50.27  ? 52  ILE A CG1 1 
ATOM   427 C CG2 . ILE A 1 52 ? 2.884   -0.568  -15.397 1.00 56.78  ? 52  ILE A CG2 1 
ATOM   428 C CD1 . ILE A 1 52 ? 4.808   -0.045  -12.767 1.00 49.66  ? 52  ILE A CD1 1 
ATOM   429 N N   . ALA A 1 53 ? 3.011   -3.664  -17.318 1.00 54.24  ? 53  ALA A N   1 
ATOM   430 C CA  . ALA A 1 53 ? 2.992   -3.936  -18.749 1.00 51.26  ? 53  ALA A CA  1 
ATOM   431 C C   . ALA A 1 53 ? 4.238   -4.692  -19.201 1.00 59.25  ? 53  ALA A C   1 
ATOM   432 O O   . ALA A 1 53 ? 4.750   -4.452  -20.299 1.00 56.42  ? 53  ALA A O   1 
ATOM   433 C CB  . ALA A 1 53 ? 2.835   -2.646  -19.570 1.00 64.58  ? 53  ALA A CB  1 
ATOM   434 N N   . GLY A 1 54 ? 4.746   -5.595  -18.360 1.00 53.20  ? 54  GLY A N   1 
ATOM   435 C CA  . GLY A 1 54 ? 5.901   -6.391  -18.719 1.00 53.47  ? 54  GLY A CA  1 
ATOM   436 C C   . GLY A 1 54 ? 7.249   -5.768  -18.410 1.00 57.88  ? 54  GLY A C   1 
ATOM   437 O O   . GLY A 1 54 ? 8.281   -6.391  -18.696 1.00 56.22  ? 54  GLY A O   1 
ATOM   438 N N   . VAL A 1 55 ? 7.285   -4.562  -17.846 1.00 55.51  ? 55  VAL A N   1 
ATOM   439 C CA  . VAL A 1 55 ? 8.529   -3.872  -17.532 1.00 57.94  ? 55  VAL A CA  1 
ATOM   440 C C   . VAL A 1 55 ? 8.559   -3.613  -16.031 1.00 54.89  ? 55  VAL A C   1 
ATOM   441 O O   . VAL A 1 55 ? 7.544   -3.227  -15.443 1.00 50.96  ? 55  VAL A O   1 
ATOM   442 C CB  . VAL A 1 55 ? 8.657   -2.557  -18.328 1.00 54.24  ? 55  VAL A CB  1 
ATOM   443 C CG1 . VAL A 1 55 ? 9.985   -1.917  -18.067 1.00 55.83  ? 55  VAL A CG1 1 
ATOM   444 C CG2 . VAL A 1 55 ? 8.459   -2.811  -19.826 1.00 60.27  ? 55  VAL A CG2 1 
ATOM   445 N N   . SER A 1 56 ? 9.712   -3.830  -15.407 1.00 54.94  ? 56  SER A N   1 
ATOM   446 C CA  . SER A 1 56 ? 9.797   -3.710  -13.956 1.00 50.97  ? 56  SER A CA  1 
ATOM   447 C C   . SER A 1 56 ? 9.874   -2.251  -13.531 1.00 57.55  ? 56  SER A C   1 
ATOM   448 O O   . SER A 1 56 ? 10.363  -1.390  -14.268 1.00 58.27  ? 56  SER A O   1 
ATOM   449 C CB  . SER A 1 56 ? 11.017  -4.452  -13.416 1.00 50.24  ? 56  SER A CB  1 
ATOM   450 O OG  . SER A 1 56 ? 12.205  -3.712  -13.657 1.00 58.81  ? 56  SER A OG  1 
ATOM   451 N N   . ALA A 1 57 ? 9.420   -1.976  -12.307 1.00 60.45  ? 57  ALA A N   1 
ATOM   452 C CA  . ALA A 1 57 ? 9.549   -0.615  -11.794 1.00 60.90  ? 57  ALA A CA  1 
ATOM   453 C C   . ALA A 1 57 ? 11.002  -0.153  -11.817 1.00 61.29  ? 57  ALA A C   1 
ATOM   454 O O   . ALA A 1 57 ? 11.279  1.027   -12.063 1.00 63.32  ? 57  ALA A O   1 
ATOM   455 C CB  . ALA A 1 57 ? 8.968   -0.520  -10.384 1.00 59.20  ? 57  ALA A CB  1 
ATOM   456 N N   . LYS A 1 58 ? 11.943  -1.074  -11.569 1.00 62.78  ? 58  LYS A N   1 
ATOM   457 C CA  . LYS A 1 58 ? 13.368  -0.736  -11.604 1.00 64.92  ? 58  LYS A CA  1 
ATOM   458 C C   . LYS A 1 58 ? 13.795  -0.204  -12.972 1.00 65.49  ? 58  LYS A C   1 
ATOM   459 O O   . LYS A 1 58 ? 14.405  0.872   -13.063 1.00 68.14  ? 58  LYS A O   1 
ATOM   460 C CB  . LYS A 1 58 ? 14.213  -1.952  -11.210 1.00 65.12  ? 58  LYS A CB  1 
ATOM   461 C CG  . LYS A 1 58 ? 15.634  -1.606  -10.739 1.00 73.38  ? 58  LYS A CG  1 
ATOM   462 C CD  . LYS A 1 58 ? 15.637  -0.353  -9.854  1.00 77.81  ? 58  LYS A CD  1 
ATOM   463 C CE  . LYS A 1 58 ? 16.470  -0.542  -8.593  1.00 82.46  ? 58  LYS A CE  1 
ATOM   464 N NZ  . LYS A 1 58 ? 16.462  0.666   -7.699  1.00 86.39  ? 58  LYS A NZ  1 
ATOM   465 N N   . ASP A 1 59 ? 13.509  -0.948  -14.052 1.00 63.73  ? 59  ASP A N   1 
ATOM   466 C CA  . ASP A 1 59 ? 13.895  -0.452  -15.377 1.00 64.99  ? 59  ASP A CA  1 
ATOM   467 C C   . ASP A 1 59 ? 13.211  0.865   -15.692 1.00 65.26  ? 59  ASP A C   1 
ATOM   468 O O   . ASP A 1 59 ? 13.782  1.704   -16.389 1.00 67.63  ? 59  ASP A O   1 
ATOM   469 C CB  . ASP A 1 59 ? 13.573  -1.455  -16.485 1.00 66.44  ? 59  ASP A CB  1 
ATOM   470 C CG  . ASP A 1 59 ? 14.428  -2.698  -16.415 1.00 77.38  ? 59  ASP A CG  1 
ATOM   471 O OD1 . ASP A 1 59 ? 15.416  -2.707  -15.648 1.00 77.64  ? 59  ASP A OD1 1 
ATOM   472 O OD2 . ASP A 1 59 ? 14.109  -3.671  -17.137 1.00 85.67  ? 59  ASP A OD2 1 
ATOM   473 N N   . LEU A 1 60 ? 11.991  1.066   -15.186 1.00 65.79  ? 60  LEU A N   1 
ATOM   474 C CA  . LEU A 1 60 ? 11.286  2.316   -15.456 1.00 70.55  ? 60  LEU A CA  1 
ATOM   475 C C   . LEU A 1 60 ? 11.931  3.482   -14.725 1.00 74.21  ? 60  LEU A C   1 
ATOM   476 O O   . LEU A 1 60 ? 12.073  4.575   -15.287 1.00 79.57  ? 60  LEU A O   1 
ATOM   477 C CB  . LEU A 1 60 ? 9.820   2.189   -15.060 1.00 69.69  ? 60  LEU A CB  1 
ATOM   478 C CG  . LEU A 1 60 ? 9.113   1.279   -16.062 1.00 73.98  ? 60  LEU A CG  1 
ATOM   479 C CD1 . LEU A 1 60 ? 7.656   0.985   -15.659 1.00 72.06  ? 60  LEU A CD1 1 
ATOM   480 C CD2 . LEU A 1 60 ? 9.215   1.920   -17.399 1.00 75.13  ? 60  LEU A CD2 1 
ATOM   481 N N   . GLY A 1 61 ? 12.333  3.259   -13.471 1.00 69.82  ? 61  GLY A N   1 
ATOM   482 C CA  . GLY A 1 61 ? 12.998  4.274   -12.669 1.00 73.59  ? 61  GLY A CA  1 
ATOM   483 C C   . GLY A 1 61 ? 14.241  4.850   -13.311 1.00 76.44  ? 61  GLY A C   1 
ATOM   484 O O   . GLY A 1 61 ? 14.649  5.957   -12.955 1.00 83.32  ? 61  GLY A O   1 
ATOM   485 N N   . ARG A 1 62 ? 14.858  4.121   -14.248 1.00 74.06  ? 62  ARG A N   1 
ATOM   486 C CA  . ARG A 1 62 ? 15.997  4.621   -15.012 1.00 77.38  ? 62  ARG A CA  1 
ATOM   487 C C   . ARG A 1 62 ? 15.615  5.662   -16.050 1.00 79.35  ? 62  ARG A C   1 
ATOM   488 O O   . ARG A 1 62 ? 16.504  6.217   -16.708 1.00 82.95  ? 62  ARG A O   1 
ATOM   489 C CB  . ARG A 1 62 ? 16.692  3.463   -15.722 1.00 80.92  ? 62  ARG A CB  1 
ATOM   490 C CG  . ARG A 1 62 ? 17.524  2.611   -14.811 1.00 82.45  ? 62  ARG A CG  1 
ATOM   491 C CD  . ARG A 1 62 ? 17.894  1.276   -15.434 1.00 80.54  ? 62  ARG A CD  1 
ATOM   492 N NE  . ARG A 1 62 ? 18.235  0.335   -14.373 1.00 76.23  ? 62  ARG A NE  1 
ATOM   493 C CZ  . ARG A 1 62 ? 19.296  0.454   -13.579 1.00 82.92  ? 62  ARG A CZ  1 
ATOM   494 N NH1 . ARG A 1 62 ? 20.171  1.446   -13.746 1.00 84.52  ? 62  ARG A NH1 1 
ATOM   495 N NH2 . ARG A 1 62 ? 19.497  -0.446  -12.624 1.00 83.69  ? 62  ARG A NH2 1 
ATOM   496 N N   . LEU A 1 63 ? 14.330  5.910   -16.240 1.00 81.50  ? 63  LEU A N   1 
ATOM   497 C CA  . LEU A 1 63 ? 13.838  6.690   -17.356 1.00 85.06  ? 63  LEU A CA  1 
ATOM   498 C C   . LEU A 1 63 ? 13.023  7.854   -16.827 1.00 89.50  ? 63  LEU A C   1 
ATOM   499 O O   . LEU A 1 63 ? 12.703  7.942   -15.637 1.00 88.89  ? 63  LEU A O   1 
ATOM   500 C CB  . LEU A 1 63 ? 13.001  5.815   -18.296 1.00 82.53  ? 63  LEU A CB  1 
ATOM   501 C CG  . LEU A 1 63 ? 13.709  4.472   -18.505 1.00 83.19  ? 63  LEU A CG  1 
ATOM   502 C CD1 . LEU A 1 63 ? 12.753  3.381   -18.884 1.00 82.71  ? 63  LEU A CD1 1 
ATOM   503 C CD2 . LEU A 1 63 ? 14.793  4.624   -19.543 1.00 83.40  ? 63  LEU A CD2 1 
ATOM   504 N N   . GLU A 1 64 ? 12.678  8.731   -17.749 1.00 95.00  ? 64  GLU A N   1 
ATOM   505 C CA  . GLU A 1 64 ? 12.157  10.025  -17.420 1.00 93.88  ? 64  GLU A CA  1 
ATOM   506 C C   . GLU A 1 64 ? 10.696  10.142  -17.839 1.00 92.95  ? 64  GLU A C   1 
ATOM   507 O O   . GLU A 1 64 ? 10.281  11.091  -18.500 1.00 98.34  ? 64  GLU A O   1 
ATOM   508 C CB  . GLU A 1 64 ? 13.033  11.041  -18.098 1.00 98.92  ? 64  GLU A CB  1 
ATOM   509 C CG  . GLU A 1 64 ? 13.040  12.398  -17.525 1.00 107.02 ? 64  GLU A CG  1 
ATOM   510 C CD  . GLU A 1 64 ? 13.714  13.355  -18.483 1.00 110.57 ? 64  GLU A CD  1 
ATOM   511 O OE1 . GLU A 1 64 ? 13.327  13.386  -19.686 1.00 110.18 ? 64  GLU A OE1 1 
ATOM   512 O OE2 . GLU A 1 64 ? 14.641  14.119  -18.094 1.00 115.69 ? 64  GLU A OE2 1 
HETATM 513 O O   . HOH B 2 .  ? 7.931   0.140   6.900   1.00 52.68  ? 101 HOH A O   1 
HETATM 514 O O   . HOH B 2 .  ? 10.826  -5.069  0.984   1.00 56.54  ? 102 HOH A O   1 
HETATM 515 O O   . HOH B 2 .  ? 12.078  -5.128  -17.137 1.00 63.05  ? 103 HOH A O   1 
HETATM 516 O O   . HOH B 2 .  ? 10.920  0.796   1.519   1.00 60.79  ? 104 HOH A O   1 
HETATM 517 O O   . HOH B 2 .  ? -5.927  -9.246  15.080  1.00 57.39  ? 105 HOH A O   1 
HETATM 518 O O   . HOH B 2 .  ? -6.134  -1.120  11.034  1.00 45.90  ? 106 HOH A O   1 
HETATM 519 O O   . HOH B 2 .  ? 7.804   1.543   0.785   1.00 51.03  ? 107 HOH A O   1 
HETATM 520 O O   . HOH B 2 .  ? 11.432  3.235   2.493   1.00 75.52  ? 108 HOH A O   1 
# 
loop_
_atom_site_anisotrop.id 
_atom_site_anisotrop.type_symbol 
_atom_site_anisotrop.pdbx_label_atom_id 
_atom_site_anisotrop.pdbx_label_alt_id 
_atom_site_anisotrop.pdbx_label_comp_id 
_atom_site_anisotrop.pdbx_label_asym_id 
_atom_site_anisotrop.pdbx_label_seq_id 
_atom_site_anisotrop.pdbx_PDB_ins_code 
_atom_site_anisotrop.U[1][1] 
_atom_site_anisotrop.U[2][2] 
_atom_site_anisotrop.U[3][3] 
_atom_site_anisotrop.U[1][2] 
_atom_site_anisotrop.U[1][3] 
_atom_site_anisotrop.U[2][3] 
_atom_site_anisotrop.pdbx_auth_seq_id 
_atom_site_anisotrop.pdbx_auth_comp_id 
_atom_site_anisotrop.pdbx_auth_asym_id 
_atom_site_anisotrop.pdbx_auth_atom_id 
1   N N   . PRO A 1  ? 0.6459 0.7735 0.6632 -0.0296 0.0683  -0.1490 1  PRO A N   
2   C CA  . PRO A 1  ? 0.6085 0.7113 0.6394 -0.0037 0.0409  -0.1424 1  PRO A CA  
3   C C   . PRO A 1  ? 0.5864 0.6543 0.5733 -0.0098 0.0253  -0.1181 1  PRO A C   
4   O O   . PRO A 1  ? 0.6383 0.6987 0.5847 -0.0245 0.0314  -0.1199 1  PRO A O   
5   C CB  . PRO A 1  ? 0.6650 0.7686 0.7155 0.0283  0.0418  -0.1704 1  PRO A CB  
6   C CG  . PRO A 1  ? 0.7349 0.8519 0.7748 0.0182  0.0702  -0.1939 1  PRO A CG  
7   C CD  . PRO A 1  ? 0.6905 0.8396 0.7265 -0.0163 0.0882  -0.1855 1  PRO A CD  
8   N N   . PHE A 2  ? 0.5141 0.5678 0.5117 -0.0008 0.0064  -0.0992 2  PHE A N   
9   C CA  . PHE A 2  ? 0.5365 0.5700 0.5068 -0.0063 -0.0074 -0.0744 2  PHE A CA  
10  C C   . PHE A 2  ? 0.5452 0.5563 0.5199 0.0173  -0.0210 -0.0773 2  PHE A C   
11  O O   . PHE A 2  ? 0.4817 0.4965 0.4821 0.0375  -0.0260 -0.0873 2  PHE A O   
12  C CB  . PHE A 2  ? 0.5750 0.6103 0.5570 -0.0146 -0.0122 -0.0458 2  PHE A CB  
13  C CG  . PHE A 2  ? 0.6369 0.6869 0.6084 -0.0377 0.0021  -0.0305 2  PHE A CG  
14  C CD1 . PHE A 2  ? 0.6621 0.7304 0.6016 -0.0543 0.0163  -0.0417 2  PHE A CD1 
15  C CD2 . PHE A 2  ? 0.6648 0.7065 0.6552 -0.0434 0.0050  -0.0041 2  PHE A CD2 
16  C CE1 . PHE A 2  ? 0.7304 0.8154 0.6509 -0.0770 0.0323  -0.0237 2  PHE A CE1 
17  C CE2 . PHE A 2  ? 0.7347 0.7842 0.7101 -0.0652 0.0216  0.0186  2  PHE A CE2 
18  C CZ  . PHE A 2  ? 0.7531 0.8275 0.6904 -0.0823 0.0347  0.0103  2  PHE A CZ  
19  N N   . ALA A 3  ? 0.5507 0.5440 0.4996 0.0122  -0.0265 -0.0685 3  ALA A N   
20  C CA  . ALA A 3  ? 0.5873 0.5575 0.5362 0.0302  -0.0349 -0.0641 3  ALA A CA  
21  C C   . ALA A 3  ? 0.5417 0.5162 0.4866 0.0191  -0.0435 -0.0412 3  ALA A C   
22  O O   . ALA A 3  ? 0.5662 0.5519 0.4951 -0.0028 -0.0448 -0.0346 3  ALA A O   
23  C CB  . ALA A 3  ? 0.5802 0.5185 0.5108 0.0361  -0.0268 -0.0780 3  ALA A CB  
24  N N   . GLN A 4  ? 0.4890 0.4621 0.4500 0.0346  -0.0495 -0.0321 4  GLN A N   
25  C CA  . GLN A 4  ? 0.4530 0.4335 0.4202 0.0316  -0.0543 -0.0129 4  GLN A CA  
26  C C   . GLN A 4  ? 0.4589 0.4196 0.4133 0.0396  -0.0509 -0.0145 4  GLN A C   
27  O O   . GLN A 4  ? 0.5195 0.4676 0.4707 0.0604  -0.0500 -0.0203 4  GLN A O   
28  C CB  . GLN A 4  ? 0.4868 0.4748 0.4821 0.0437  -0.0562 -0.0058 4  GLN A CB  
29  C CG  . GLN A 4  ? 0.5558 0.5550 0.5690 0.0477  -0.0579 0.0125  4  GLN A CG  
30  C CD  . GLN A 4  ? 0.5594 0.5573 0.6048 0.0571  -0.0556 0.0204  4  GLN A CD  
31  O OE1 . GLN A 4  ? 0.5947 0.5789 0.6486 0.0600  -0.0513 0.0047  4  GLN A OE1 
32  N NE2 . GLN A 4  ? 0.4519 0.4642 0.5197 0.0610  -0.0575 0.0439  4  GLN A NE2 
33  N N   . ILE A 5  ? 0.4858 0.4463 0.4307 0.0210  -0.0483 -0.0092 5  ILE A N   
34  C CA  . ILE A 5  ? 0.5064 0.4388 0.4369 0.0217  -0.0384 -0.0085 5  ILE A CA  
35  C C   . ILE A 5  ? 0.4638 0.4197 0.4116 0.0183  -0.0367 0.0065  5  ILE A C   
36  O O   . ILE A 5  ? 0.4606 0.4558 0.4309 0.0045  -0.0439 0.0146  5  ILE A O   
37  C CB  . ILE A 5  ? 0.5282 0.4377 0.4414 -0.0032 -0.0300 -0.0201 5  ILE A CB  
38  C CG1 . ILE A 5  ? 0.5906 0.4875 0.4928 -0.0011 -0.0286 -0.0392 5  ILE A CG1 
39  C CG2 . ILE A 5  ? 0.5607 0.4231 0.4585 -0.0011 -0.0139 -0.0156 5  ILE A CG2 
40  C CD1 . ILE A 5  ? 0.6020 0.4795 0.5048 0.0332  -0.0278 -0.0426 5  ILE A CD1 
41  N N   . TYR A 6  ? 0.5088 0.4462 0.4457 0.0325  -0.0264 0.0117  6  TYR A N   
42  C CA  . TYR A 6  ? 0.5403 0.5006 0.4929 0.0287  -0.0171 0.0230  6  TYR A CA  
43  C C   . TYR A 6  ? 0.5894 0.5190 0.5214 0.0129  0.0014  0.0291  6  TYR A C   
44  O O   . TYR A 6  ? 0.6221 0.5075 0.5196 0.0282  0.0099  0.0336  6  TYR A O   
45  C CB  . TYR A 6  ? 0.5423 0.5104 0.4959 0.0560  -0.0147 0.0225  6  TYR A CB  
46  C CG  . TYR A 6  ? 0.5280 0.5109 0.5032 0.0690  -0.0278 0.0136  6  TYR A CG  
47  C CD1 . TYR A 6  ? 0.4532 0.4671 0.4683 0.0690  -0.0302 0.0200  6  TYR A CD1 
48  C CD2 . TYR A 6  ? 0.5609 0.5271 0.5216 0.0814  -0.0362 0.0002  6  TYR A CD2 
49  C CE1 . TYR A 6  ? 0.4666 0.4807 0.5019 0.0788  -0.0373 0.0160  6  TYR A CE1 
50  C CE2 . TYR A 6  ? 0.5486 0.5250 0.5333 0.0866  -0.0433 -0.0092 6  TYR A CE2 
51  C CZ  . TYR A 6  ? 0.5009 0.4942 0.5202 0.0840  -0.0420 0.0001  6  TYR A CZ  
52  O OH  . TYR A 6  ? 0.5170 0.5068 0.5600 0.0875  -0.0443 -0.0055 6  TYR A OH  
53  N N   . ILE A 7  ? 0.5689 0.5237 0.5240 -0.0181 0.0074  0.0311  7  ILE A N   
54  C CA  . ILE A 7  ? 0.6448 0.5709 0.5891 -0.0418 0.0308  0.0363  7  ILE A CA  
55  C C   . ILE A 7  ? 0.6166 0.5992 0.5994 -0.0568 0.0416  0.0438  7  ILE A C   
56  O O   . ILE A 7  ? 0.5115 0.5578 0.5353 -0.0531 0.0271  0.0431  7  ILE A O   
57  C CB  . ILE A 7  ? 0.6875 0.5868 0.6280 -0.0772 0.0333  0.0209  7  ILE A CB  
58  C CG1 . ILE A 7  ? 0.6100 0.5794 0.5859 -0.1036 0.0137  0.0084  7  ILE A CG1 
59  C CG2 . ILE A 7  ? 0.7603 0.6010 0.6675 -0.0596 0.0297  0.0110  7  ILE A CG2 
60  C CD1 . ILE A 7  ? 0.6023 0.5591 0.5734 -0.1472 0.0164  -0.0159 7  ILE A CD1 
61  N N   . LEU A 8  ? 0.6000 0.5587 0.5723 -0.0735 0.0699  0.0534  8  LEU A N   
62  C CA  . LEU A 8  ? 0.5750 0.5932 0.5914 -0.0959 0.0860  0.0573  8  LEU A CA  
63  C C   . LEU A 8  ? 0.6126 0.6791 0.6740 -0.1391 0.0757  0.0424  8  LEU A C   
64  O O   . LEU A 8  ? 0.6748 0.7053 0.7189 -0.1624 0.0693  0.0279  8  LEU A O   
65  C CB  . LEU A 8  ? 0.6420 0.6187 0.6308 -0.1073 0.1242  0.0735  8  LEU A CB  
66  C CG  . LEU A 8  ? 0.6905 0.6576 0.6423 -0.0694 0.1369  0.0884  8  LEU A CG  
67  C CD1 . LEU A 8  ? 0.7917 0.7029 0.6964 -0.0805 0.1746  0.1124  8  LEU A CD1 
68  C CD2 . LEU A 8  ? 0.6605 0.7114 0.6624 -0.0593 0.1393  0.0819  8  LEU A CD2 
69  N N   . GLU A 9  ? 0.5251 0.6807 0.6468 -0.1484 0.0735  0.0429  9  GLU A N   
70  C CA  . GLU A 9  ? 0.5297 0.7498 0.6991 -0.1939 0.0645  0.0286  9  GLU A CA  
71  C C   . GLU A 9  ? 0.6964 0.8673 0.8535 -0.2438 0.0952  0.0187  9  GLU A C   
72  O O   . GLU A 9  ? 0.7563 0.8614 0.8814 -0.2414 0.1294  0.0330  9  GLU A O   
73  C CB  . GLU A 9  ? 0.4998 0.8304 0.7449 -0.1913 0.0623  0.0344  9  GLU A CB  
74  C CG  . GLU A 9  ? 0.5855 0.9680 0.8565 -0.1465 0.0307  0.0448  9  GLU A CG  
75  C CD  . GLU A 9  ? 0.5445 1.0398 0.9006 -0.1389 0.0276  0.0519  9  GLU A CD  
76  O OE1 . GLU A 9  ? 0.4955 1.0431 0.8838 -0.1095 -0.0024 0.0632  9  GLU A OE1 
77  O OE2 . GLU A 9  ? 0.5549 1.0876 0.9487 -0.1615 0.0568  0.0485  9  GLU A OE2 
78  N N   . GLY A 10 ? 0.7040 0.9073 0.8854 -0.2913 0.0840  -0.0056 10 GLY A N   
79  C CA  . GLY A 10 ? 0.7678 0.9329 0.9534 -0.3484 0.1157  -0.0212 10 GLY A CA  
80  C C   . GLY A 10 ? 0.7996 0.8593 0.9331 -0.3678 0.1227  -0.0408 10 GLY A C   
81  O O   . GLY A 10 ? 0.9123 0.9144 1.0450 -0.4131 0.1563  -0.0520 10 GLY A O   
82  N N   . ARG A 11 ? 0.7963 0.8266 0.8907 -0.3361 0.0968  -0.0463 11 ARG A N   
83  C CA  . ARG A 11 ? 0.9009 0.8365 0.9531 -0.3518 0.1066  -0.0698 11 ARG A CA  
84  C C   . ARG A 11 ? 0.9296 0.9190 0.9974 -0.3991 0.0854  -0.1136 11 ARG A C   
85  O O   . ARG A 11 ? 0.8696 0.9691 0.9652 -0.4001 0.0500  -0.1171 11 ARG A O   
86  C CB  . ARG A 11 ? 0.8864 0.7610 0.8886 -0.2942 0.0959  -0.0564 11 ARG A CB  
87  C CG  . ARG A 11 ? 0.9815 0.8042 0.9603 -0.2519 0.1151  -0.0183 11 ARG A CG  
88  C CD  . ARG A 11 ? 1.0345 0.7958 0.9685 -0.2008 0.1064  -0.0093 11 ARG A CD  
89  N NE  . ARG A 11 ? 1.1077 0.8323 1.0149 -0.1624 0.1210  0.0264  11 ARG A NE  
90  C CZ  . ARG A 11 ? 1.1769 0.8226 1.0582 -0.1659 0.1543  0.0473  11 ARG A CZ  
91  N NH1 . ARG A 11 ? 1.2187 0.8033 1.1043 -0.2083 0.1803  0.0339  11 ARG A NH1 
92  N NH2 . ARG A 11 ? 1.1992 0.8256 1.0471 -0.1283 0.1627  0.0817  11 ARG A NH2 
93  N N   . THR A 12 ? 0.9399 0.8489 0.9876 -0.4373 0.1081  -0.1468 12 THR A N   
94  C CA  . THR A 12 ? 0.9589 0.9131 1.0145 -0.4913 0.0933  -0.1982 12 THR A CA  
95  C C   . THR A 12 ? 0.9244 0.9195 0.9475 -0.4619 0.0559  -0.2070 12 THR A C   
96  O O   . THR A 12 ? 0.9252 0.8766 0.9165 -0.4054 0.0521  -0.1817 12 THR A O   
97  C CB  . THR A 12 ? 1.0049 0.8484 1.0395 -0.5158 0.1286  -0.2286 12 THR A CB  
98  O OG1 . THR A 12 ? 1.0220 0.7631 1.0074 -0.4796 0.1389  -0.2302 12 THR A OG1 
99  C CG2 . THR A 12 ? 1.0625 0.8414 1.1168 -0.5294 0.1701  -0.2060 12 THR A CG2 
100 N N   . PRO A 13 ? 0.9165 0.8355 0.7985 -0.2342 -0.2151 -0.1804 13 PRO A N   
101 C CA  . PRO A 13 ? 0.9453 0.8723 0.7914 -0.2234 -0.2175 -0.2034 13 PRO A CA  
102 C C   . PRO A 13 ? 1.0205 0.8651 0.8471 -0.2107 -0.1923 -0.2347 13 PRO A C   
103 O O   . PRO A 13 ? 1.0171 0.8626 0.8282 -0.1817 -0.1867 -0.2400 13 PRO A O   
104 C CB  . PRO A 13 ? 0.8950 0.8731 0.7181 -0.2703 -0.2373 -0.2249 13 PRO A CB  
105 C CG  . PRO A 13 ? 0.9422 0.9167 0.7890 -0.3120 -0.2405 -0.2249 13 PRO A CG  
106 C CD  . PRO A 13 ? 0.8887 0.8578 0.7777 -0.2845 -0.2324 -0.1841 13 PRO A CD  
107 N N   . GLU A 14 ? 1.0426 0.8151 0.8710 -0.2300 -0.1754 -0.2534 14 GLU A N   
108 C CA  . GLU A 14 ? 1.0803 0.7696 0.8915 -0.2108 -0.1486 -0.2805 14 GLU A CA  
109 C C   . GLU A 14 ? 1.0120 0.6875 0.8465 -0.1537 -0.1367 -0.2533 14 GLU A C   
110 O O   . GLU A 14 ? 1.0186 0.6735 0.8410 -0.1250 -0.1228 -0.2676 14 GLU A O   
111 C CB  . GLU A 14 ? 1.1712 0.7780 0.9797 -0.2413 -0.1325 -0.3014 14 GLU A CB  
112 C CG  . GLU A 14 ? 1.3261 0.9371 1.1080 -0.3031 -0.1442 -0.3363 14 GLU A CG  
113 C CD  . GLU A 14 ? 1.3176 1.0028 1.1270 -0.3402 -0.1699 -0.3117 14 GLU A CD  
114 O OE1 . GLU A 14 ? 1.3370 1.0727 1.1400 -0.3702 -0.1858 -0.3256 14 GLU A OE1 
115 O OE2 . GLU A 14 ? 1.2522 0.9595 1.1018 -0.3221 -0.1710 -0.2694 14 GLU A OE2 
116 N N   . GLN A 15 ? 0.9697 0.6610 0.8379 -0.1368 -0.1422 -0.2136 15 GLN A N   
117 C CA  . GLN A 15 ? 0.9804 0.6656 0.8683 -0.0841 -0.1355 -0.1874 15 GLN A CA  
118 C C   . GLN A 15 ? 0.9262 0.6718 0.8086 -0.0611 -0.1488 -0.1805 15 GLN A C   
119 O O   . GLN A 15 ? 0.9093 0.6441 0.7974 -0.0244 -0.1401 -0.1782 15 GLN A O   
120 C CB  . GLN A 15 ? 0.9549 0.6479 0.8725 -0.0730 -0.1398 -0.1471 15 GLN A CB  
121 C CG  . GLN A 15 ? 1.0236 0.6432 0.9492 -0.0873 -0.1208 -0.1476 15 GLN A CG  
122 C CD  . GLN A 15 ? 1.0509 0.6809 1.0037 -0.0734 -0.1222 -0.1045 15 GLN A CD  
123 O OE1 . GLN A 15 ? 1.0772 0.7769 1.0416 -0.0761 -0.1402 -0.0804 15 GLN A OE1 
124 N NE2 . GLN A 15 ? 1.1121 0.6727 1.0724 -0.0555 -0.1018 -0.0931 15 GLN A NE2 
125 N N   . LYS A 16 ? 0.8993 0.7098 0.7718 -0.0826 -0.1698 -0.1760 16 LYS A N   
126 C CA  . LYS A 16 ? 0.8380 0.6978 0.7025 -0.0620 -0.1810 -0.1669 16 LYS A CA  
127 C C   . LYS A 16 ? 0.8314 0.6786 0.6692 -0.0640 -0.1690 -0.1996 16 LYS A C   
128 O O   . LYS A 16 ? 0.7618 0.6176 0.6028 -0.0357 -0.1645 -0.1951 16 LYS A O   
129 C CB  . LYS A 16 ? 0.8589 0.7883 0.7186 -0.0786 -0.2055 -0.1484 16 LYS A CB  
130 C CG  . LYS A 16 ? 0.8023 0.7551 0.6889 -0.0570 -0.2157 -0.1082 16 LYS A CG  
131 C CD  . LYS A 16 ? 0.8321 0.8540 0.7155 -0.0699 -0.2377 -0.0893 16 LYS A CD  
132 C CE  . LYS A 16 ? 0.8895 0.9269 0.7875 -0.1048 -0.2412 -0.0877 16 LYS A CE  
133 N NZ  . LYS A 16 ? 0.8635 0.9786 0.7580 -0.1208 -0.2632 -0.0741 16 LYS A NZ  
134 N N   . LYS A 17 ? 0.8732 0.6994 0.6842 -0.0981 -0.1628 -0.2337 17 LYS A N   
135 C CA  . LYS A 17 ? 0.9539 0.7598 0.7356 -0.0973 -0.1462 -0.2676 17 LYS A CA  
136 C C   . LYS A 17 ? 0.9566 0.7088 0.7549 -0.0608 -0.1208 -0.2729 17 LYS A C   
137 O O   . LYS A 17 ? 0.9505 0.7139 0.7457 -0.0381 -0.1099 -0.2787 17 LYS A O   
138 C CB  . LYS A 17 ? 1.0084 0.7910 0.7543 -0.1405 -0.1440 -0.3060 17 LYS A CB  
139 C CG  . LYS A 17 ? 1.0306 0.7927 0.7362 -0.1417 -0.1259 -0.3446 17 LYS A CG  
140 C CD  . LYS A 17 ? 1.1039 0.8596 0.7740 -0.1813 -0.1323 -0.3721 17 LYS A CD  
141 C CE  . LYS A 17 ? 1.1551 0.8993 0.7861 -0.1722 -0.1160 -0.3973 17 LYS A CE  
142 N NZ  . LYS A 17 ? 1.2453 0.9735 0.8485 -0.1999 -0.1205 -0.4206 17 LYS A NZ  
143 N N   . ALA A 18 ? 0.9862 0.6839 0.8046 -0.0533 -0.1108 -0.2676 18 ALA A N   
144 C CA  . ALA A 18 ? 0.9640 0.6141 0.8009 -0.0131 -0.0883 -0.2669 18 ALA A CA  
145 C C   . ALA A 18 ? 0.9002 0.5947 0.7669 0.0263  -0.0963 -0.2355 18 ALA A C   
146 O O   . ALA A 18 ? 0.9559 0.6440 0.8336 0.0579  -0.0813 -0.2402 18 ALA A O   
147 C CB  . ALA A 18 ? 0.9455 0.5298 0.7959 -0.0129 -0.0783 -0.2603 18 ALA A CB  
148 N N   . VAL A 19 ? 0.8229 0.5625 0.7034 0.0255  -0.1196 -0.2039 19 VAL A N   
149 C CA  . VAL A 19 ? 0.7245 0.5035 0.6265 0.0578  -0.1295 -0.1785 19 VAL A CA  
150 C C   . VAL A 19 ? 0.7155 0.5290 0.6055 0.0586  -0.1262 -0.1930 19 VAL A C   
151 O O   . VAL A 19 ? 0.7325 0.5525 0.6411 0.0865  -0.1172 -0.1913 19 VAL A O   
152 C CB  . VAL A 19 ? 0.7112 0.5307 0.6199 0.0550  -0.1545 -0.1464 19 VAL A CB  
153 C CG1 . VAL A 19 ? 0.6671 0.5258 0.5871 0.0808  -0.1668 -0.1270 19 VAL A CG1 
154 C CG2 . VAL A 19 ? 0.6611 0.4514 0.5870 0.0634  -0.1547 -0.1255 19 VAL A CG2 
155 N N   . ILE A 20 ? 0.7256 0.5651 0.5853 0.0274  -0.1328 -0.2063 20 ILE A N   
156 C CA  . ILE A 20 ? 0.7540 0.6273 0.5975 0.0257  -0.1282 -0.2169 20 ILE A CA  
157 C C   . ILE A 20 ? 0.8288 0.6723 0.6714 0.0398  -0.0991 -0.2447 20 ILE A C   
158 O O   . ILE A 20 ? 0.8000 0.6674 0.6573 0.0601  -0.0899 -0.2420 20 ILE A O   
159 C CB  . ILE A 20 ? 0.7722 0.6751 0.5768 -0.0099 -0.1401 -0.2262 20 ILE A CB  
160 C CG1 . ILE A 20 ? 0.7212 0.6677 0.5298 -0.0128 -0.1675 -0.1929 20 ILE A CG1 
161 C CG2 . ILE A 20 ? 0.6986 0.6221 0.4767 -0.0141 -0.1271 -0.2447 20 ILE A CG2 
162 C CD1 . ILE A 20 ? 0.7562 0.7371 0.5292 -0.0446 -0.1820 -0.1976 20 ILE A CD1 
163 N N   . GLU A 21 ? 0.8114 0.6017 0.6381 0.0298  -0.0837 -0.2713 21 GLU A N   
164 C CA  . GLU A 21 ? 0.8862 0.6420 0.7047 0.0450  -0.0534 -0.3009 21 GLU A CA  
165 C C   . GLU A 21 ? 0.8529 0.5964 0.7141 0.0898  -0.0406 -0.2865 21 GLU A C   
166 O O   . GLU A 21 ? 0.8462 0.6137 0.7203 0.1123  -0.0250 -0.2911 21 GLU A O   
167 C CB  . GLU A 21 ? 0.9258 0.6160 0.7124 0.0224  -0.0409 -0.3338 21 GLU A CB  
168 C CG  . GLU A 21 ? 1.0583 0.7609 0.7934 -0.0164 -0.0437 -0.3634 21 GLU A CG  
169 C CD  . GLU A 21 ? 1.2587 0.8978 0.9623 -0.0478 -0.0391 -0.3951 21 GLU A CD  
170 O OE1 . GLU A 21 ? 1.3049 0.8806 1.0254 -0.0381 -0.0283 -0.3954 21 GLU A OE1 
171 O OE2 . GLU A 21 ? 1.3085 0.9588 0.9682 -0.0836 -0.0462 -0.4201 21 GLU A OE2 
172 N N   . LYS A 22 ? 0.8857 0.5992 0.7711 0.1035  -0.0477 -0.2664 22 LYS A N   
173 C CA  . LYS A 22 ? 0.9007 0.5975 0.8224 0.1479  -0.0356 -0.2536 22 LYS A CA  
174 C C   . LYS A 22 ? 0.8257 0.5880 0.7816 0.1698  -0.0504 -0.2270 22 LYS A C   
175 O O   . LYS A 22 ? 0.7999 0.5770 0.7835 0.2025  -0.0374 -0.2258 22 LYS A O   
176 C CB  . LYS A 22 ? 0.8626 0.5051 0.7938 0.1555  -0.0379 -0.2384 22 LYS A CB  
177 C CG  . LYS A 22 ? 0.9917 0.5535 0.8950 0.1410  -0.0160 -0.2670 22 LYS A CG  
178 C CD  . LYS A 22 ? 1.0271 0.5409 0.9333 0.1306  -0.0221 -0.2497 22 LYS A CD  
179 C CE  . LYS A 22 ? 1.0310 0.4474 0.9223 0.1360  0.0058  -0.2698 22 LYS A CE  
180 N NZ  . LYS A 22 ? 1.1642 0.5403 1.0208 0.1254  0.0293  -0.3151 22 LYS A NZ  
181 N N   . VAL A 23 ? 0.7757 0.5784 0.7303 0.1521  -0.0773 -0.2060 23 VAL A N   
182 C CA  . VAL A 23 ? 0.6763 0.5340 0.6578 0.1676  -0.0923 -0.1840 23 VAL A CA  
183 C C   . VAL A 23 ? 0.6616 0.5595 0.6426 0.1636  -0.0795 -0.1982 23 VAL A C   
184 O O   . VAL A 23 ? 0.7153 0.6479 0.7297 0.1856  -0.0767 -0.1900 23 VAL A O   
185 C CB  . VAL A 23 ? 0.6636 0.5455 0.6367 0.1509  -0.1217 -0.1601 23 VAL A CB  
186 C CG1 . VAL A 23 ? 0.5908 0.5221 0.5833 0.1604  -0.1369 -0.1422 23 VAL A CG1 
187 C CG2 . VAL A 23 ? 0.7066 0.5562 0.6860 0.1611  -0.1311 -0.1423 23 VAL A CG2 
188 N N   . THR A 24 ? 0.6972 0.5955 0.6407 0.1345  -0.0718 -0.2187 24 THR A N   
189 C CA  . THR A 24 ? 0.7321 0.6659 0.6696 0.1308  -0.0547 -0.2325 24 THR A CA  
190 C C   . THR A 24 ? 0.7495 0.6732 0.7099 0.1620  -0.0247 -0.2488 24 THR A C   
191 O O   . THR A 24 ? 0.7323 0.7026 0.7213 0.1767  -0.0152 -0.2438 24 THR A O   
192 C CB  . THR A 24 ? 0.7848 0.7138 0.6699 0.0966  -0.0504 -0.2539 24 THR A CB  
193 O OG1 . THR A 24 ? 0.7346 0.6923 0.6033 0.0729  -0.0772 -0.2339 24 THR A OG1 
194 C CG2 . THR A 24 ? 0.7617 0.7150 0.6336 0.0975  -0.0235 -0.2740 24 THR A CG2 
195 N N   . GLN A 25 ? 0.7526 0.6153 0.7014 0.1726  -0.0085 -0.2677 25 GLN A N   
196 C CA  . GLN A 25 ? 0.7966 0.6422 0.7657 0.2092  0.0215  -0.2818 25 GLN A CA  
197 C C   . GLN A 25 ? 0.7946 0.6707 0.8206 0.2466  0.0142  -0.2545 25 GLN A C   
198 O O   . GLN A 25 ? 0.8150 0.7269 0.8731 0.2745  0.0320  -0.2559 25 GLN A O   
199 C CB  . GLN A 25 ? 0.8707 0.6313 0.8126 0.2130  0.0386  -0.3050 25 GLN A CB  
200 C CG  . GLN A 25 ? 0.9897 0.7215 0.9457 0.2556  0.0734  -0.3212 25 GLN A CG  
201 C CD  . GLN A 25 ? 1.0754 0.8301 1.0103 0.2550  0.1011  -0.3492 25 GLN A CD  
202 O OE1 . GLN A 25 ? 1.1252 0.8865 1.0168 0.2184  0.0986  -0.3665 25 GLN A OE1 
203 N NE2 . GLN A 25 ? 1.1571 0.9267 1.1213 0.2978  0.1287  -0.3532 25 GLN A NE2 
204 N N   . ALA A 26 ? 0.8182 0.6858 0.8574 0.2482  -0.0124 -0.2293 26 ALA A N   
205 C CA  . ALA A 26 ? 0.8399 0.7378 0.9273 0.2819  -0.0244 -0.2033 26 ALA A CA  
206 C C   . ALA A 26 ? 0.7395 0.7178 0.8575 0.2793  -0.0336 -0.1925 26 ALA A C   
207 O O   . ALA A 26 ? 0.7331 0.7510 0.8953 0.3098  -0.0275 -0.1853 26 ALA A O   
208 C CB  . ALA A 26 ? 0.8377 0.7139 0.9223 0.2786  -0.0524 -0.1790 26 ALA A CB  
209 N N   . LEU A 27 ? 0.6908 0.6951 0.7872 0.2429  -0.0477 -0.1901 27 LEU A N   
210 C CA  . LEU A 27 ? 0.6213 0.6943 0.7439 0.2347  -0.0554 -0.1790 27 LEU A CA  
211 C C   . LEU A 27 ? 0.6671 0.7744 0.8020 0.2409  -0.0233 -0.1964 27 LEU A C   
212 O O   . LEU A 27 ? 0.6094 0.7767 0.7894 0.2523  -0.0208 -0.1870 27 LEU A O   
213 C CB  . LEU A 27 ? 0.5670 0.6487 0.6573 0.1964  -0.0762 -0.1702 27 LEU A CB  
214 C CG  . LEU A 27 ? 0.5638 0.6301 0.6467 0.1911  -0.1097 -0.1483 27 LEU A CG  
215 C CD1 . LEU A 27 ? 0.5529 0.6287 0.6015 0.1572  -0.1242 -0.1415 27 LEU A CD1 
216 C CD2 . LEU A 27 ? 0.5203 0.6160 0.6462 0.2129  -0.1287 -0.1287 27 LEU A CD2 
217 N N   . HIS A 28 ? 0.7143 0.7869 0.8090 0.2324  0.0017  -0.2223 28 HIS A N   
218 C CA  . HIS A 28 ? 0.7322 0.8317 0.8327 0.2436  0.0369  -0.2412 28 HIS A CA  
219 C C   . HIS A 28 ? 0.7431 0.8576 0.8947 0.2906  0.0541  -0.2398 28 HIS A C   
220 O O   . HIS A 28 ? 0.6976 0.8761 0.8878 0.3042  0.0706  -0.2372 28 HIS A O   
221 C CB  . HIS A 28 ? 0.7480 0.7945 0.7889 0.2304  0.0595  -0.2733 28 HIS A CB  
222 C CG  . HIS A 28 ? 0.8040 0.8616 0.8449 0.2520  0.1005  -0.2968 28 HIS A CG  
223 N ND1 . HIS A 28 ? 0.8010 0.9234 0.8492 0.2440  0.1174  -0.2965 28 HIS A ND1 
224 C CD2 . HIS A 28 ? 0.9106 0.9203 0.9424 0.2827  0.1300  -0.3211 28 HIS A CD2 
225 C CE1 . HIS A 28 ? 0.9191 1.0387 0.9638 0.2704  0.1563  -0.3198 28 HIS A CE1 
226 N NE2 . HIS A 28 ? 0.9055 0.9546 0.9393 0.2955  0.1644  -0.3359 28 HIS A NE2 
227 N N   . GLU A 29 ? 0.7206 0.7797 0.8745 0.3171  0.0513  -0.2390 29 GLU A N   
228 C CA  . GLU A 29 ? 0.8108 0.8788 1.0084 0.3674  0.0696  -0.2369 29 GLU A CA  
229 C C   . GLU A 29 ? 0.7548 0.8935 1.0147 0.3844  0.0456  -0.2070 29 GLU A C   
230 O O   . GLU A 29 ? 0.7111 0.9021 1.0197 0.4176  0.0606  -0.2025 29 GLU A O   
231 C CB  . GLU A 29 ? 0.8529 0.8321 1.0293 0.3909  0.0757  -0.2432 29 GLU A CB  
232 C CG  . GLU A 29 ? 0.9750 0.8786 1.0924 0.3768  0.1013  -0.2769 29 GLU A CG  
233 C CD  . GLU A 29 ? 1.0823 0.8942 1.1785 0.3826  0.1057  -0.2728 29 GLU A CD  
234 O OE1 . GLU A 29 ? 1.1143 0.9262 1.2376 0.3904  0.0872  -0.2390 29 GLU A OE1 
235 O OE2 . GLU A 29 ? 1.0964 0.8383 1.1476 0.3722  0.1284  -0.3004 29 GLU A OE2 
236 N N   . ALA A 30 ? 0.7271 0.8701 0.9850 0.3620  0.0085  -0.1870 30 ALA A N   
237 C CA  . ALA A 30 ? 0.6890 0.8909 0.9981 0.3754  -0.0187 -0.1613 30 ALA A CA  
238 C C   . ALA A 30 ? 0.6320 0.9212 0.9770 0.3555  -0.0211 -0.1561 30 ALA A C   
239 O O   . ALA A 30 ? 0.5767 0.9312 0.9776 0.3739  -0.0314 -0.1416 30 ALA A O   
240 C CB  . ALA A 30 ? 0.6324 0.8023 0.9177 0.3557  -0.0552 -0.1430 30 ALA A CB  
241 N N   . THR A 31 ? 0.6600 0.9531 0.9737 0.3166  -0.0129 -0.1658 31 THR A N   
242 C CA  . THR A 31 ? 0.6379 1.0052 0.9793 0.2905  -0.0153 -0.1576 31 THR A CA  
243 C C   . THR A 31 ? 0.6235 1.0220 0.9634 0.2864  0.0242  -0.1738 31 THR A C   
244 O O   . THR A 31 ? 0.6200 1.0868 0.9898 0.2670  0.0282  -0.1652 31 THR A O   
245 C CB  . THR A 31 ? 0.5827 0.9335 0.8867 0.2454  -0.0421 -0.1482 31 THR A CB  
246 O OG1 . THR A 31 ? 0.6266 0.9322 0.8708 0.2241  -0.0257 -0.1642 31 THR A OG1 
247 C CG2 . THR A 31 ? 0.5919 0.9041 0.8854 0.2490  -0.0785 -0.1342 31 THR A CG2 
248 N N   . ASP A 32 ? 0.6300 0.9772 0.9312 0.3007  0.0536  -0.1972 32 ASP A N   
249 C CA  . ASP A 32 ? 0.6939 1.0595 0.9786 0.2985  0.0936  -0.2167 32 ASP A CA  
250 C C   . ASP A 32 ? 0.6496 1.0268 0.8944 0.2505  0.0915  -0.2156 32 ASP A C   
251 O O   . ASP A 32 ? 0.6877 1.1033 0.9279 0.2436  0.1217  -0.2236 32 ASP A O   
252 C CB  . ASP A 32 ? 0.7486 1.1968 1.1005 0.3286  0.1179  -0.2118 32 ASP A CB  
253 C CG  . ASP A 32 ? 0.8561 1.2861 1.2362 0.3838  0.1301  -0.2168 32 ASP A CG  
254 O OD1 . ASP A 32 ? 0.8919 1.3847 1.3393 0.4091  0.1200  -0.1983 32 ASP A OD1 
255 O OD2 . ASP A 32 ? 0.9494 1.3003 1.2827 0.4012  0.1491  -0.2391 32 ASP A OD2 
256 N N   . ALA A 33 ? 0.6482 0.9932 0.8627 0.2200  0.0578  -0.2041 33 ALA A N   
257 C CA  . ALA A 33 ? 0.6470 0.9933 0.8166 0.1782  0.0541  -0.2009 33 ALA A CA  
258 C C   . ALA A 33 ? 0.7026 1.0022 0.8058 0.1719  0.0770  -0.2278 33 ALA A C   
259 O O   . ALA A 33 ? 0.7810 1.0208 0.8589 0.1869  0.0787  -0.2459 33 ALA A O   
260 C CB  . ALA A 33 ? 0.6178 0.9364 0.7696 0.1543  0.0128  -0.1820 33 ALA A CB  
261 N N   . LYS A 34 ? 0.7193 1.0449 0.7917 0.1476  0.0939  -0.2298 34 LYS A N   
262 C CA  . LYS A 34 ? 0.7846 1.0690 0.7858 0.1371  0.1108  -0.2557 34 LYS A CA  
263 C C   . LYS A 34 ? 0.7906 1.0166 0.7460 0.1174  0.0787  -0.2561 34 LYS A C   
264 O O   . LYS A 34 ? 0.7146 0.9455 0.6746 0.0988  0.0474  -0.2315 34 LYS A O   
265 C CB  . LYS A 34 ? 0.8136 1.1418 0.7876 0.1140  0.1318  -0.2521 34 LYS A CB  
266 C CG  . LYS A 34 ? 0.9695 1.3359 0.9613 0.1383  0.1768  -0.2681 34 LYS A CG  
267 C CD  . LYS A 34 ? 1.0482 1.4893 1.0623 0.1217  0.1944  -0.2471 34 LYS A CD  
268 C CE  . LYS A 34 ? 1.1544 1.5905 1.0934 0.0930  0.2066  -0.2512 34 LYS A CE  
269 N NZ  . LYS A 34 ? 1.1720 1.6527 1.1211 0.0593  0.1964  -0.2155 34 LYS A NZ  
270 N N   . LYS A 35 ? 0.7785 0.9483 0.6920 0.1225  0.0870  -0.2847 35 LYS A N   
271 C CA  . LYS A 35 ? 0.8363 0.9574 0.7106 0.1021  0.0582  -0.2863 35 LYS A CA  
272 C C   . LYS A 35 ? 0.7971 0.9384 0.6296 0.0674  0.0414  -0.2724 35 LYS A C   
273 O O   . LYS A 35 ? 0.7670 0.8941 0.5901 0.0526  0.0098  -0.2565 35 LYS A O   
274 C CB  . LYS A 35 ? 0.9395 1.0003 0.7707 0.1054  0.0731  -0.3227 35 LYS A CB  
275 C CG  . LYS A 35 ? 1.0620 1.0842 0.9270 0.1408  0.0866  -0.3341 35 LYS A CG  
276 C CD  . LYS A 35 ? 1.1837 1.1303 1.0109 0.1316  0.0800  -0.3563 35 LYS A CD  
277 C CE  . LYS A 35 ? 1.3029 1.1989 1.1567 0.1679  0.0967  -0.3669 35 LYS A CE  
278 N NZ  . LYS A 35 ? 1.3359 1.1745 1.1836 0.1569  0.0733  -0.3626 35 LYS A NZ  
279 N N   . GLU A 36 ? 0.8221 0.9981 0.6286 0.0568  0.0632  -0.2760 36 GLU A N   
280 C CA  . GLU A 36 ? 0.8376 1.0337 0.6030 0.0271  0.0491  -0.2583 36 GLU A CA  
281 C C   . GLU A 36 ? 0.7698 0.9824 0.5675 0.0191  0.0189  -0.2208 36 GLU A C   
282 O O   . GLU A 36 ? 0.7973 1.0055 0.5597 -0.0010 -0.0032 -0.2052 36 GLU A O   
283 C CB  . GLU A 36 ? 0.8639 1.1014 0.6076 0.0211  0.0808  -0.2604 36 GLU A CB  
284 C CG  . GLU A 36 ? 1.0179 1.2379 0.7074 0.0242  0.1093  -0.2982 36 GLU A CG  
285 C CD  . GLU A 36 ? 1.0236 1.2462 0.7479 0.0560  0.1446  -0.3196 36 GLU A CD  
286 O OE1 . GLU A 36 ? 1.1283 1.3380 0.8089 0.0631  0.1744  -0.3515 36 GLU A OE1 
287 O OE2 . GLU A 36 ? 0.9905 1.2275 0.7837 0.0762  0.1421  -0.3052 36 GLU A OE2 
288 N N   . THR A 37 ? 0.6987 0.9300 0.5603 0.0351  0.0171  -0.2065 37 THR A N   
289 C CA  . THR A 37 ? 0.6534 0.8972 0.5424 0.0264  -0.0103 -0.1742 37 THR A CA  
290 C C   . THR A 37 ? 0.6780 0.8849 0.5770 0.0347  -0.0426 -0.1673 37 THR A C   
291 O O   . THR A 37 ? 0.6183 0.8250 0.5243 0.0270  -0.0679 -0.1427 37 THR A O   
292 C CB  . THR A 37 ? 0.6158 0.9044 0.5687 0.0356  0.0001  -0.1620 37 THR A CB  
293 O OG1 . THR A 37 ? 0.6192 0.9025 0.6171 0.0658  0.0037  -0.1747 37 THR A OG1 
294 C CG2 . THR A 37 ? 0.6522 0.9857 0.6013 0.0276  0.0357  -0.1654 37 THR A CG2 
295 N N   . ILE A 38 ? 0.6638 0.8367 0.5610 0.0500  -0.0409 -0.1876 38 ILE A N   
296 C CA  . ILE A 38 ? 0.6479 0.7897 0.5628 0.0618  -0.0661 -0.1797 38 ILE A CA  
297 C C   . ILE A 38 ? 0.6228 0.7408 0.4934 0.0435  -0.0886 -0.1740 38 ILE A C   
298 O O   . ILE A 38 ? 0.6621 0.7710 0.4882 0.0280  -0.0819 -0.1902 38 ILE A O   
299 C CB  . ILE A 38 ? 0.6798 0.7934 0.6150 0.0870  -0.0513 -0.2008 38 ILE A CB  
300 C CG1 . ILE A 38 ? 0.6886 0.8368 0.6711 0.1092  -0.0284 -0.2037 38 ILE A CG1 
301 C CG2 . ILE A 38 ? 0.5974 0.6794 0.5494 0.0995  -0.0751 -0.1893 38 ILE A CG2 
302 C CD1 . ILE A 38 ? 0.7201 0.8411 0.7218 0.1402  -0.0087 -0.2233 38 ILE A CD1 
303 N N   . ARG A 39 ? 0.5977 0.6615 0.5718 -0.0386 0.1620  -0.2109 39 ARG A N   
304 C CA  . ARG A 39 ? 0.5947 0.6130 0.5281 -0.0465 0.1369  -0.1946 39 ARG A CA  
305 C C   . ARG A 39 ? 0.6619 0.6860 0.6372 -0.0312 0.1125  -0.1745 39 ARG A C   
306 O O   . ARG A 39 ? 0.5609 0.6228 0.5749 -0.0268 0.1108  -0.1640 39 ARG A O   
307 C CB  . ARG A 39 ? 0.6092 0.6162 0.4921 -0.0704 0.1371  -0.1820 39 ARG A CB  
308 C CG  . ARG A 39 ? 0.6527 0.6521 0.4857 -0.0911 0.1626  -0.1970 39 ARG A CG  
309 C CD  . ARG A 39 ? 0.6982 0.6515 0.4719 -0.0961 0.1555  -0.2024 39 ARG A CD  
310 N NE  . ARG A 39 ? 0.8905 0.8306 0.6039 -0.1186 0.1795  -0.2141 39 ARG A NE  
311 C CZ  . ARG A 39 ? 0.9948 0.9564 0.7139 -0.1234 0.2110  -0.2401 39 ARG A CZ  
312 N NH1 . ARG A 39 ? 0.9969 0.9948 0.7839 -0.1020 0.2212  -0.2563 39 ARG A NH1 
313 N NH2 . ARG A 39 ? 1.0264 0.9733 0.6822 -0.1481 0.2340  -0.2493 39 ARG A NH2 
314 N N   . VAL A 40 ? 0.5904 0.5797 0.5546 -0.0272 0.0936  -0.1693 40 VAL A N   
315 C CA  . VAL A 40 ? 0.5538 0.5435 0.5501 -0.0169 0.0723  -0.1502 40 VAL A CA  
316 C C   . VAL A 40 ? 0.5907 0.5564 0.5544 -0.0277 0.0530  -0.1386 40 VAL A C   
317 O O   . VAL A 40 ? 0.6504 0.5912 0.5824 -0.0356 0.0496  -0.1496 40 VAL A O   
318 C CB  . VAL A 40 ? 0.5381 0.5133 0.5676 0.0019  0.0718  -0.1573 40 VAL A CB  
319 C CG1 . VAL A 40 ? 0.5309 0.5027 0.5851 0.0075  0.0508  -0.1346 40 VAL A CG1 
320 C CG2 . VAL A 40 ? 0.5561 0.5606 0.6237 0.0211  0.0917  -0.1693 40 VAL A CG2 
321 N N   . TRP A 41 ? 0.5532 0.5302 0.5243 -0.0283 0.0406  -0.1178 41 TRP A N   
322 C CA  . TRP A 41 ? 0.5200 0.4860 0.4718 -0.0331 0.0230  -0.1058 41 TRP A CA  
323 C C   . TRP A 41 ? 0.4959 0.4739 0.4817 -0.0276 0.0106  -0.0885 41 TRP A C   
324 O O   . TRP A 41 ? 0.4831 0.4764 0.4958 -0.0217 0.0143  -0.0821 41 TRP A O   
325 C CB  . TRP A 41 ? 0.5443 0.5043 0.4543 -0.0387 0.0248  -0.0981 41 TRP A CB  
326 C CG  . TRP A 41 ? 0.5619 0.5291 0.4725 -0.0390 0.0328  -0.0871 41 TRP A CG  
327 C CD1 . TRP A 41 ? 0.5877 0.5555 0.5000 -0.0341 0.0255  -0.0703 41 TRP A CD1 
328 C CD2 . TRP A 41 ? 0.5658 0.5402 0.4709 -0.0481 0.0517  -0.0945 41 TRP A CD2 
329 N NE1 . TRP A 41 ? 0.6075 0.5734 0.5092 -0.0411 0.0386  -0.0682 41 TRP A NE1 
330 C CE2 . TRP A 41 ? 0.6140 0.5874 0.5129 -0.0520 0.0534  -0.0823 41 TRP A CE2 
331 C CE3 . TRP A 41 ? 0.6196 0.6045 0.5251 -0.0551 0.0694  -0.1120 41 TRP A CE3 
332 C CZ2 . TRP A 41 ? 0.5960 0.5781 0.4873 -0.0677 0.0696  -0.0871 41 TRP A CZ2 
333 C CZ3 . TRP A 41 ? 0.6395 0.6428 0.5449 -0.0683 0.0860  -0.1152 41 TRP A CZ3 
334 C CH2 . TRP A 41 ? 0.6085 0.6098 0.5058 -0.0770 0.0846  -0.1028 41 TRP A CH2 
335 N N   . ILE A 42 ? 0.4838 0.4606 0.4680 -0.0313 -0.0045 -0.0809 42 ILE A N   
336 C CA  . ILE A 42 ? 0.4662 0.4525 0.4809 -0.0309 -0.0139 -0.0675 42 ILE A CA  
337 C C   . ILE A 42 ? 0.4871 0.4927 0.4983 -0.0306 -0.0222 -0.0525 42 ILE A C   
338 O O   . ILE A 42 ? 0.5188 0.5306 0.5149 -0.0334 -0.0315 -0.0532 42 ILE A O   
339 C CB  . ILE A 42 ? 0.5426 0.5109 0.5661 -0.0399 -0.0211 -0.0754 42 ILE A CB  
340 C CG1 . ILE A 42 ? 0.6070 0.5482 0.6326 -0.0336 -0.0092 -0.0922 42 ILE A CG1 
341 C CG2 . ILE A 42 ? 0.5011 0.4761 0.5506 -0.0441 -0.0285 -0.0592 42 ILE A CG2 
342 C CD1 . ILE A 42 ? 0.5905 0.4951 0.6104 -0.0448 -0.0123 -0.1057 42 ILE A CD1 
343 N N   . HIS A 43 ? 0.4823 0.5002 0.5072 -0.0259 -0.0187 -0.0393 43 HIS A N   
344 C CA  . HIS A 43 ? 0.4361 0.4736 0.4656 -0.0226 -0.0222 -0.0260 43 HIS A CA  
345 C C   . HIS A 43 ? 0.4704 0.5227 0.5289 -0.0317 -0.0290 -0.0186 43 HIS A C   
346 O O   . HIS A 43 ? 0.4558 0.5005 0.5266 -0.0351 -0.0262 -0.0139 43 HIS A O   
347 C CB  . HIS A 43 ? 0.4216 0.4576 0.4409 -0.0161 -0.0106 -0.0191 43 HIS A CB  
348 C CG  . HIS A 43 ? 0.4519 0.4665 0.4380 -0.0135 -0.0009 -0.0257 43 HIS A CG  
349 N ND1 . HIS A 43 ? 0.4746 0.4757 0.4314 -0.0042 0.0009  -0.0226 43 HIS A ND1 
350 C CD2 . HIS A 43 ? 0.4571 0.4623 0.4337 -0.0201 0.0083  -0.0343 43 HIS A CD2 
351 C CE1 . HIS A 43 ? 0.5508 0.5256 0.4748 -0.0086 0.0119  -0.0286 43 HIS A CE1 
352 N NE2 . HIS A 43 ? 0.5389 0.5210 0.4769 -0.0203 0.0174  -0.0371 43 HIS A NE2 
353 N N   . GLU A 44 ? 0.4340 0.5103 0.5023 -0.0367 -0.0381 -0.0156 44 GLU A N   
354 C CA  . GLU A 44 ? 0.4814 0.5769 0.5758 -0.0515 -0.0421 -0.0081 44 GLU A CA  
355 C C   . GLU A 44 ? 0.4603 0.5889 0.5670 -0.0434 -0.0347 0.0047  44 GLU A C   
356 O O   . GLU A 44 ? 0.4269 0.5835 0.5356 -0.0305 -0.0362 0.0069  44 GLU A O   
357 C CB  . GLU A 44 ? 0.5124 0.6239 0.6135 -0.0685 -0.0558 -0.0154 44 GLU A CB  
358 C CG  . GLU A 44 ? 0.6124 0.6832 0.6947 -0.0785 -0.0595 -0.0321 44 GLU A CG  
359 C CD  . GLU A 44 ? 0.6626 0.7475 0.7432 -0.1016 -0.0739 -0.0423 44 GLU A CD  
360 O OE1 . GLU A 44 ? 0.5969 0.6913 0.6573 -0.0988 -0.0828 -0.0504 44 GLU A OE1 
361 O OE2 . GLU A 44 ? 0.6634 0.7495 0.7589 -0.1259 -0.0767 -0.0415 44 GLU A OE2 
362 N N   . MET A 45 ? 0.4455 0.5699 0.5578 -0.0490 -0.0260 0.0136  45 MET A N   
363 C CA  . MET A 45 ? 0.4207 0.5689 0.5361 -0.0420 -0.0137 0.0226  45 MET A CA  
364 C C   . MET A 45 ? 0.4255 0.6127 0.5685 -0.0580 -0.0126 0.0303  45 MET A C   
365 O O   . MET A 45 ? 0.4072 0.5828 0.5560 -0.0803 -0.0165 0.0345  45 MET A O   
366 C CB  . MET A 45 ? 0.4191 0.5433 0.5165 -0.0427 -0.0048 0.0274  45 MET A CB  
367 C CG  . MET A 45 ? 0.4110 0.5049 0.4878 -0.0347 -0.0061 0.0192  45 MET A CG  
368 S SD  . MET A 45 ? 0.4416 0.5286 0.4960 -0.0164 -0.0003 0.0100  45 MET A SD  
369 C CE  . MET A 45 ? 0.4599 0.5561 0.5034 -0.0075 0.0173  0.0155  45 MET A CE  
370 N N   . PRO A 46 ? 0.4331 0.6657 0.5931 -0.0471 -0.0061 0.0326  46 PRO A N   
371 C CA  . PRO A 46 ? 0.4114 0.6921 0.6011 -0.0644 0.0004  0.0396  46 PRO A CA  
372 C C   . PRO A 46 ? 0.4284 0.6891 0.6037 -0.0794 0.0142  0.0485  46 PRO A C   
373 O O   . PRO A 46 ? 0.4141 0.6443 0.5613 -0.0684 0.0227  0.0493  46 PRO A O   
374 C CB  . PRO A 46 ? 0.4227 0.7536 0.6312 -0.0375 0.0103  0.0400  46 PRO A CB  
375 C CG  . PRO A 46 ? 0.3966 0.7047 0.5869 -0.0109 -0.0007 0.0345  46 PRO A CG  
376 C CD  . PRO A 46 ? 0.4099 0.6508 0.5623 -0.0167 -0.0021 0.0299  46 PRO A CD  
377 N N   . LYS A 47 ? 0.4233 0.7020 0.6143 -0.1089 0.0156  0.0558  47 LYS A N   
378 C CA  . LYS A 47 ? 0.4515 0.7078 0.6223 -0.1268 0.0267  0.0682  47 LYS A CA  
379 C C   . LYS A 47 ? 0.4589 0.7392 0.6206 -0.1144 0.0490  0.0698  47 LYS A C   
380 O O   . LYS A 47 ? 0.4733 0.7229 0.6015 -0.1181 0.0558  0.0767  47 LYS A O   
381 C CB  . LYS A 47 ? 0.5221 0.7888 0.7068 -0.1645 0.0264  0.0765  47 LYS A CB  
382 C CG  . LYS A 47 ? 0.6079 0.8249 0.7857 -0.1787 0.0076  0.0737  47 LYS A CG  
383 C CD  . LYS A 47 ? 0.7793 1.0115 0.9740 -0.2191 0.0061  0.0749  47 LYS A CD  
384 C CE  . LYS A 47 ? 0.8323 0.9842 1.0001 -0.2375 -0.0037 0.0779  47 LYS A CE  
385 N NZ  . LYS A 47 ? 0.8554 1.0123 1.0328 -0.2825 -0.0048 0.0751  47 LYS A NZ  
386 N N   . GLU A 48 ? 0.4487 0.7826 0.6373 -0.0969 0.0602  0.0629  48 GLU A N   
387 C CA  . GLU A 48 ? 0.4666 0.8139 0.6425 -0.0786 0.0853  0.0599  48 GLU A CA  
388 C C   . GLU A 48 ? 0.4370 0.7299 0.5712 -0.0564 0.0860  0.0528  48 GLU A C   
389 O O   . GLU A 48 ? 0.4742 0.7563 0.5802 -0.0502 0.1069  0.0491  48 GLU A O   
390 C CB  . GLU A 48 ? 0.4368 0.8516 0.6550 -0.0553 0.0966  0.0540  48 GLU A CB  
391 C CG  . GLU A 48 ? 0.4826 0.9727 0.7489 -0.0803 0.1014  0.0590  48 GLU A CG  
392 C CD  . GLU A 48 ? 0.5699 1.0782 0.8650 -0.0992 0.0734  0.0597  48 GLU A CD  
393 O OE1 . GLU A 48 ? 0.5365 0.9991 0.8138 -0.0890 0.0520  0.0559  48 GLU A OE1 
394 O OE2 . GLU A 48 ? 0.5779 1.1473 0.9112 -0.1274 0.0743  0.0624  48 GLU A OE2 
395 N N   . ASN A 49 ? 0.4199 0.6788 0.5469 -0.0480 0.0660  0.0491  49 ASN A N   
396 C CA  . ASN A 49 ? 0.4188 0.6319 0.5092 -0.0311 0.0673  0.0411  49 ASN A CA  
397 C C   . ASN A 49 ? 0.4600 0.6334 0.5220 -0.0480 0.0570  0.0446  49 ASN A C   
398 O O   . ASN A 49 ? 0.4638 0.6059 0.5028 -0.0402 0.0533  0.0374  49 ASN A O   
399 C CB  . ASN A 49 ? 0.3946 0.6001 0.4925 -0.0099 0.0547  0.0346  49 ASN A CB  
400 C CG  . ASN A 49 ? 0.5205 0.7648 0.6427 0.0160  0.0625  0.0335  49 ASN A CG  
401 O OD1 . ASN A 49 ? 0.5341 0.8271 0.6842 0.0151  0.0745  0.0368  49 ASN A OD1 
402 N ND2 . ASN A 49 ? 0.4806 0.7065 0.5926 0.0405  0.0561  0.0300  49 ASN A ND2 
403 N N   . TRP A 50 ? 0.4235 0.5989 0.4872 -0.0705 0.0518  0.0569  50 TRP A N   
404 C CA  . TRP A 50 ? 0.5047 0.6489 0.5507 -0.0804 0.0367  0.0643  50 TRP A CA  
405 C C   . TRP A 50 ? 0.5495 0.6926 0.5691 -0.0986 0.0434  0.0776  50 TRP A C   
406 O O   . TRP A 50 ? 0.5071 0.6592 0.5335 -0.1157 0.0453  0.0908  50 TRP A O   
407 C CB  . TRP A 50 ? 0.4946 0.6284 0.5646 -0.0860 0.0190  0.0692  50 TRP A CB  
408 C CG  . TRP A 50 ? 0.6021 0.7045 0.6638 -0.0874 0.0036  0.0771  50 TRP A CG  
409 C CD1 . TRP A 50 ? 0.7288 0.8161 0.7763 -0.0990 -0.0020 0.0959  50 TRP A CD1 
410 C CD2 . TRP A 50 ? 0.6712 0.7556 0.7399 -0.0740 -0.0080 0.0679  50 TRP A CD2 
411 N NE1 . TRP A 50 ? 0.7682 0.8312 0.8182 -0.0886 -0.0175 0.0997  50 TRP A NE1 
412 C CE2 . TRP A 50 ? 0.7309 0.7945 0.7958 -0.0740 -0.0195 0.0809  50 TRP A CE2 
413 C CE3 . TRP A 50 ? 0.6787 0.7631 0.7543 -0.0611 -0.0085 0.0509  50 TRP A CE3 
414 C CZ2 . TRP A 50 ? 0.7176 0.7669 0.7926 -0.0593 -0.0290 0.0748  50 TRP A CZ2 
415 C CZ3 . TRP A 50 ? 0.6826 0.7492 0.7620 -0.0522 -0.0170 0.0442  50 TRP A CZ3 
416 C CH2 . TRP A 50 ? 0.7061 0.7587 0.7886 -0.0503 -0.0259 0.0549  50 TRP A CH2 
417 N N   . GLY A 51 ? 0.5265 0.6579 0.5112 -0.0993 0.0465  0.0746  51 GLY A N   
418 C CA  . GLY A 51 ? 0.5290 0.6610 0.4784 -0.1180 0.0526  0.0860  51 GLY A CA  
419 C C   . GLY A 51 ? 0.6104 0.7281 0.5461 -0.1256 0.0290  0.1030  51 GLY A C   
420 O O   . GLY A 51 ? 0.5716 0.6838 0.5107 -0.1162 0.0149  0.0977  51 GLY A O   
421 N N   . ILE A 52 ? 0.5818 0.6961 0.5027 -0.1422 0.0257  0.1250  52 ILE A N   
422 C CA  . ILE A 52 ? 0.5781 0.6790 0.4813 -0.1462 0.0027  0.1477  52 ILE A CA  
423 C C   . ILE A 52 ? 0.6978 0.8043 0.5494 -0.1686 0.0101  0.1601  52 ILE A C   
424 O O   . ILE A 52 ? 0.6990 0.8045 0.5378 -0.1855 0.0255  0.1700  52 ILE A O   
425 C CB  . ILE A 52 ? 0.6700 0.7451 0.5955 -0.1436 -0.0106 0.1672  52 ILE A CB  
426 C CG1 . ILE A 52 ? 0.6240 0.6922 0.5939 -0.1254 -0.0143 0.1503  52 ILE A CG1 
427 C CG2 . ILE A 52 ? 0.7305 0.7884 0.6386 -0.1387 -0.0355 0.1938  52 ILE A CG2 
428 C CD1 . ILE A 52 ? 0.6184 0.6614 0.6068 -0.1333 -0.0142 0.1584  52 ILE A CD1 
429 N N   . ALA A 53 ? 0.7082 0.8242 0.5282 -0.1727 0.0000  0.1585  53 ALA A N   
430 C CA  . ALA A 53 ? 0.6883 0.8100 0.4493 -0.1969 0.0049  0.1673  53 ALA A CA  
431 C C   . ALA A 53 ? 0.7956 0.9206 0.5352 -0.2099 0.0418  0.1496  53 ALA A C   
432 O O   . ALA A 53 ? 0.7735 0.8987 0.4716 -0.2319 0.0538  0.1618  53 ALA A O   
433 C CB  . ALA A 53 ? 0.8688 0.9778 0.6073 -0.2068 -0.0137 0.2053  53 ALA A CB  
434 N N   . GLY A 54 ? 0.7089 0.8370 0.4756 -0.1947 0.0614  0.1220  54 GLY A N   
435 C CA  . GLY A 54 ? 0.7144 0.8492 0.4680 -0.1979 0.0979  0.1037  54 GLY A CA  
436 C C   . GLY A 54 ? 0.7511 0.9036 0.5445 -0.1952 0.1141  0.1093  54 GLY A C   
437 O O   . GLY A 54 ? 0.7247 0.8945 0.5169 -0.1939 0.1463  0.0947  54 GLY A O   
438 N N   . VAL A 55 ? 0.7101 0.8604 0.5385 -0.1951 0.0944  0.1286  55 VAL A N   
439 C CA  . VAL A 55 ? 0.7219 0.8918 0.5875 -0.2011 0.1071  0.1339  55 VAL A CA  
440 C C   . VAL A 55 ? 0.6646 0.8351 0.5860 -0.1808 0.0915  0.1268  55 VAL A C   
441 O O   . VAL A 55 ? 0.6214 0.7664 0.5484 -0.1708 0.0659  0.1318  55 VAL A O   
442 C CB  . VAL A 55 ? 0.6877 0.8430 0.5303 -0.2298 0.1008  0.1641  55 VAL A CB  
443 C CG1 . VAL A 55 ? 0.6881 0.8675 0.5658 -0.2449 0.1176  0.1667  55 VAL A CG1 
444 C CG2 . VAL A 55 ? 0.7877 0.9390 0.5634 -0.2514 0.1119  0.1734  55 VAL A CG2 
445 N N   . SER A 56 ? 0.6400 0.8445 0.6026 -0.1743 0.1071  0.1148  56 SER A N   
446 C CA  . SER A 56 ? 0.5730 0.7817 0.5818 -0.1565 0.0922  0.1060  56 SER A CA  
447 C C   . SER A 56 ? 0.6558 0.8488 0.6822 -0.1747 0.0748  0.1214  56 SER A C   
448 O O   . SER A 56 ? 0.6692 0.8608 0.6843 -0.2024 0.0814  0.1378  56 SER A O   
449 C CB  . SER A 56 ? 0.5346 0.7921 0.5822 -0.1416 0.1107  0.0900  56 SER A CB  
450 O OG  . SER A 56 ? 0.6204 0.9192 0.6950 -0.1641 0.1223  0.0974  56 SER A OG  
451 N N   . ALA A 57 ? 0.9181 0.9504 0.4284 -0.2303 0.0468  0.1942  57 ALA A N   
452 C CA  . ALA A 57 ? 0.8740 0.9445 0.4952 -0.2506 0.0688  0.1584  57 ALA A CA  
453 C C   . ALA A 57 ? 0.8399 0.9401 0.5488 -0.2458 0.0804  0.1528  57 ALA A C   
454 O O   . ALA A 57 ? 0.8293 0.9390 0.6374 -0.2512 0.1077  0.1457  57 ALA A O   
455 C CB  . ALA A 57 ? 0.8435 0.9530 0.4529 -0.2841 0.0472  0.1117  57 ALA A CB  
456 N N   . LYS A 58 ? 0.8637 0.9794 0.5424 -0.2364 0.0578  0.1592  58 LYS A N   
457 C CA  . LYS A 58 ? 0.8494 1.0019 0.6154 -0.2308 0.0670  0.1607  58 LYS A CA  
458 C C   . LYS A 58 ? 0.8447 0.9796 0.6641 -0.2040 0.1092  0.1983  58 LYS A C   
459 O O   . LYS A 58 ? 0.8332 0.9958 0.7602 -0.2144 0.1303  0.1943  58 LYS A O   
460 C CB  . LYS A 58 ? 0.8612 1.0304 0.5825 -0.2189 0.0346  0.1685  58 LYS A CB  
461 C CG  . LYS A 58 ? 0.9138 1.1410 0.7331 -0.2264 0.0305  0.1605  58 LYS A CG  
462 C CD  . LYS A 58 ? 0.9305 1.1929 0.8333 -0.2688 0.0303  0.1192  58 LYS A CD  
463 C CE  . LYS A 58 ? 0.9633 1.2780 0.8916 -0.2982 -0.0092 0.0937  58 LYS A CE  
464 N NZ  . LYS A 58 ? 0.9819 1.3219 0.9787 -0.3417 -0.0122 0.0480  58 LYS A NZ  
465 N N   . ASP A 59 ? 0.8637 0.9518 0.6059 -0.1719 0.1201  0.2364  59 ASP A N   
466 C CA  . ASP A 59 ? 0.8706 0.9450 0.6536 -0.1491 0.1619  0.2738  59 ASP A CA  
467 C C   . ASP A 59 ? 0.8546 0.9199 0.7054 -0.1691 0.1853  0.2737  59 ASP A C   
468 O O   . ASP A 59 ? 0.8523 0.9310 0.7863 -0.1665 0.2158  0.2948  59 ASP A O   
469 C CB  . ASP A 59 ? 0.9451 0.9617 0.6178 -0.1144 0.1687  0.3107  59 ASP A CB  
470 C CG  . ASP A 59 ? 1.1003 1.1196 0.7199 -0.0851 0.1527  0.3154  59 ASP A CG  
471 O OD1 . ASP A 59 ? 1.0635 1.1381 0.7485 -0.0895 0.1414  0.2985  59 ASP A OD1 
472 O OD2 . ASP A 59 ? 1.2600 1.2188 0.7761 -0.0577 0.1474  0.3309  59 ASP A OD2 
473 N N   . LEU A 60 ? 0.8777 0.9229 0.6990 -0.1888 0.1710  0.2526  60 LEU A N   
474 C CA  . LEU A 60 ? 0.9181 0.9519 0.8106 -0.2043 0.1914  0.2514  60 LEU A CA  
475 C C   . LEU A 60 ? 0.9094 0.9849 0.9255 -0.2286 0.1960  0.2169  60 LEU A C   
476 O O   . LEU A 60 ? 0.9480 1.0201 1.0551 -0.2340 0.2194  0.2306  60 LEU A O   
477 C CB  . LEU A 60 ? 0.9344 0.9435 0.7699 -0.2159 0.1764  0.2373  60 LEU A CB  
478 C CG  . LEU A 60 ? 1.0424 0.9992 0.7692 -0.1957 0.1736  0.2825  60 LEU A CG  
479 C CD1 . LEU A 60 ? 1.0419 0.9811 0.7151 -0.2012 0.1520  0.2703  60 LEU A CD1 
480 C CD2 . LEU A 60 ? 1.0538 0.9799 0.8210 -0.1801 0.2038  0.3187  60 LEU A CD2 
481 N N   . GLY A 61 ? 0.8407 0.9530 0.8589 -0.2465 0.1701  0.1738  61 GLY A N   
482 C CA  . GLY A 61 ? 0.8419 0.9898 0.9643 -0.2736 0.1672  0.1368  61 GLY A CA  
483 C C   . GLY A 61 ? 0.8384 1.0091 1.0569 -0.2699 0.1857  0.1656  61 GLY A C   
484 O O   . GLY A 61 ? 0.8865 1.0727 1.2063 -0.2938 0.1875  0.1454  61 GLY A O   
485 N N   . ARG A 62 ? 0.8172 0.9908 1.0060 -0.2407 0.1994  0.2123  62 ARG A N   
486 C CA  . ARG A 62 ? 0.8199 1.0229 1.0973 -0.2339 0.2236  0.2486  62 ARG A CA  
487 C C   . ARG A 62 ? 0.8344 1.0107 1.1699 -0.2361 0.2543  0.2800  62 ARG A C   
488 O O   . ARG A 62 ? 0.8436 1.0475 1.2606 -0.2361 0.2754  0.3139  62 ARG A O   
489 C CB  . ARG A 62 ? 0.8807 1.0950 1.0990 -0.1969 0.2340  0.2862  62 ARG A CB  
490 C CG  . ARG A 62 ? 0.8908 1.1464 1.0958 -0.1946 0.2053  0.2672  62 ARG A CG  
491 C CD  . ARG A 62 ? 0.8969 1.1450 1.0186 -0.1516 0.2106  0.2960  62 ARG A CD  
492 N NE  . ARG A 62 ? 0.8479 1.1170 0.9316 -0.1532 0.1703  0.2713  62 ARG A NE  
493 C CZ  . ARG A 62 ? 0.8859 1.2159 1.0486 -0.1685 0.1515  0.2605  62 ARG A CZ  
494 N NH1 . ARG A 62 ? 0.8495 1.2270 1.1350 -0.1823 0.1704  0.2731  62 ARG A NH1 
495 N NH2 . ARG A 62 ? 0.9054 1.2495 1.0250 -0.1723 0.1104  0.2415  62 ARG A NH2 
496 N N   . LEU A 63 ? 0.8903 1.0179 1.1885 -0.2383 0.2560  0.2750  63 LEU A N   
497 C CA  . LEU A 63 ? 0.9339 1.0293 1.2687 -0.2367 0.2814  0.3144  63 LEU A CA  
498 C C   . LEU A 63 ? 0.9737 1.0472 1.3798 -0.2618 0.2744  0.2818  63 LEU A C   
499 O O   . LEU A 63 ? 0.9639 1.0434 1.3701 -0.2770 0.2535  0.2262  63 LEU A O   
500 C CB  . LEU A 63 ? 0.9555 1.0062 1.1739 -0.2113 0.2899  0.3501  63 LEU A CB  
501 C CG  . LEU A 63 ? 0.9895 1.0533 1.1183 -0.1832 0.2892  0.3636  63 LEU A CG  
502 C CD1 . LEU A 63 ? 1.0463 1.0589 1.0371 -0.1639 0.2789  0.3747  63 LEU A CD1 
503 C CD2 . LEU A 63 ? 0.9703 1.0592 1.1393 -0.1677 0.3192  0.4058  63 LEU A CD2 
504 N N   . GLU A 64 ? 1.0328 1.0799 1.4968 -0.2651 0.2926  0.3178  64 GLU A N   
505 C CA  . GLU A 64 ? 0.9929 1.0191 1.5551 -0.2867 0.2891  0.2945  64 GLU A CA  
506 C C   . GLU A 64 ? 1.0107 0.9893 1.5317 -0.2760 0.2882  0.3014  64 GLU A C   
507 O O   . GLU A 64 ? 1.0736 1.0263 1.6367 -0.2720 0.2836  0.3139  64 GLU A O   
508 C CB  . GLU A 64 ? 1.0242 1.0606 1.6739 -0.2925 0.2913  0.3194  64 GLU A CB  
509 C CG  . GLU A 64 ? 1.0925 1.1168 1.8569 -0.3173 0.2796  0.2874  64 GLU A CG  
510 C CD  . GLU A 64 ? 1.1176 1.1437 1.9398 -0.3164 0.2774  0.3239  64 GLU A CD  
511 O OE1 . GLU A 64 ? 1.1337 1.1414 1.9112 -0.2963 0.2824  0.3636  64 GLU A OE1 
512 O OE2 . GLU A 64 ? 1.1460 1.1925 2.0570 -0.3383 0.2677  0.3142  64 GLU A OE2 
# 
loop_
_pdbx_poly_seq_scheme.asym_id 
_pdbx_poly_seq_scheme.entity_id 
_pdbx_poly_seq_scheme.seq_id 
_pdbx_poly_seq_scheme.mon_id 
_pdbx_poly_seq_scheme.ndb_seq_num 
_pdbx_poly_seq_scheme.pdb_seq_num 
_pdbx_poly_seq_scheme.auth_seq_num 
_pdbx_poly_seq_scheme.pdb_mon_id 
_pdbx_poly_seq_scheme.auth_mon_id 
_pdbx_poly_seq_scheme.pdb_strand_id 
_pdbx_poly_seq_scheme.pdb_ins_code 
_pdbx_poly_seq_scheme.hetero 
A 1 1  PRO 1  1  1  PRO PRO A . n 
A 1 2  PHE 2  2  2  PHE PHE A . n 
A 1 3  ALA 3  3  3  ALA ALA A . n 
A 1 4  GLN 4  4  4  GLN GLN A . n 
A 1 5  ILE 5  5  5  ILE ILE A . n 
A 1 6  TYR 6  6  6  TYR TYR A . n 
A 1 7  ILE 7  7  7  ILE ILE A . n 
A 1 8  LEU 8  8  8  LEU LEU A . n 
A 1 9  GLU 9  9  9  GLU GLU A . n 
A 1 10 GLY 10 10 10 GLY GLY A . n 
A 1 11 ARG 11 11 11 ARG ARG A . n 
A 1 12 THR 12 12 12 THR THR A . n 
A 1 13 PRO 13 13 13 PRO PRO A . n 
A 1 14 GLU 14 14 14 GLU GLU A . n 
A 1 15 GLN 15 15 15 GLN GLN A . n 
A 1 16 LYS 16 16 16 LYS LYS A . n 
A 1 17 LYS 17 17 17 LYS LYS A . n 
A 1 18 ALA 18 18 18 ALA ALA A . n 
A 1 19 VAL 19 19 19 VAL VAL A . n 
A 1 20 ILE 20 20 20 ILE ILE A . n 
A 1 21 GLU 21 21 21 GLU GLU A . n 
A 1 22 LYS 22 22 22 LYS LYS A . n 
A 1 23 VAL 23 23 23 VAL VAL A . n 
A 1 24 THR 24 24 24 THR THR A . n 
A 1 25 GLN 25 25 25 GLN GLN A . n 
A 1 26 ALA 26 26 26 ALA ALA A . n 
A 1 27 LEU 27 27 27 LEU LEU A . n 
A 1 28 HIS 28 28 28 HIS HIS A . n 
A 1 29 GLU 29 29 29 GLU GLU A . n 
A 1 30 ALA 30 30 30 ALA ALA A . n 
A 1 31 THR 31 31 31 THR THR A . n 
A 1 32 ASP 32 32 32 ASP ASP A . n 
A 1 33 ALA 33 33 33 ALA ALA A . n 
A 1 34 LYS 34 34 34 LYS LYS A . n 
A 1 35 LYS 35 35 35 LYS LYS A . n 
A 1 36 GLU 36 36 36 GLU GLU A . n 
A 1 37 THR 37 37 37 THR THR A . n 
A 1 38 ILE 38 38 38 ILE ILE A . n 
A 1 39 ARG 39 39 39 ARG ARG A . n 
A 1 40 VAL 40 40 40 VAL VAL A . n 
A 1 41 TRP 41 41 41 TRP TRP A . n 
A 1 42 ILE 42 42 42 ILE ILE A . n 
A 1 43 HIS 43 43 43 HIS HIS A . n 
A 1 44 GLU 44 44 44 GLU GLU A . n 
A 1 45 MET 45 45 45 MET MET A . n 
A 1 46 PRO 46 46 46 PRO PRO A . n 
A 1 47 LYS 47 47 47 LYS LYS A . n 
A 1 48 GLU 48 48 48 GLU GLU A . n 
A 1 49 ASN 49 49 49 ASN ASN A . n 
A 1 50 TRP 50 50 50 TRP TRP A . n 
A 1 51 GLY 51 51 51 GLY GLY A . n 
A 1 52 ILE 52 52 52 ILE ILE A . n 
A 1 53 ALA 53 53 53 ALA ALA A . n 
A 1 54 GLY 54 54 54 GLY GLY A . n 
A 1 55 VAL 55 55 55 VAL VAL A . n 
A 1 56 SER 56 56 56 SER SER A . n 
A 1 57 ALA 57 57 57 ALA ALA A . n 
A 1 58 LYS 58 58 58 LYS LYS A . n 
A 1 59 ASP 59 59 59 ASP ASP A . n 
A 1 60 LEU 60 60 60 LEU LEU A . n 
A 1 61 GLY 61 61 61 GLY GLY A . n 
A 1 62 ARG 62 62 62 ARG ARG A . n 
A 1 63 LEU 63 63 63 LEU LEU A . n 
A 1 64 GLU 64 64 64 GLU GLU A . n 
A 1 65 HIS 65 65 ?  ?   ?   A . n 
A 1 66 HIS 66 66 ?  ?   ?   A . n 
A 1 67 HIS 67 67 ?  ?   ?   A . n 
A 1 68 HIS 68 68 ?  ?   ?   A . n 
A 1 69 HIS 69 69 ?  ?   ?   A . n 
A 1 70 HIS 70 70 ?  ?   ?   A . n 
# 
_pdbx_contact_author.id                 2 
_pdbx_contact_author.email              lidefeng@im.ac.cn 
_pdbx_contact_author.name_first         De-Feng 
_pdbx_contact_author.name_last          Li 
_pdbx_contact_author.name_mi            ? 
_pdbx_contact_author.role               'principal investigator/group leader' 
_pdbx_contact_author.identifier_ORCID   0000-0002-8683-019X 
# 
loop_
_pdbx_nonpoly_scheme.asym_id 
_pdbx_nonpoly_scheme.entity_id 
_pdbx_nonpoly_scheme.mon_id 
_pdbx_nonpoly_scheme.ndb_seq_num 
_pdbx_nonpoly_scheme.pdb_seq_num 
_pdbx_nonpoly_scheme.auth_seq_num 
_pdbx_nonpoly_scheme.pdb_mon_id 
_pdbx_nonpoly_scheme.auth_mon_id 
_pdbx_nonpoly_scheme.pdb_strand_id 
_pdbx_nonpoly_scheme.pdb_ins_code 
B 2 HOH 1 101 4 HOH HOH A . 
B 2 HOH 2 102 5 HOH HOH A . 
B 2 HOH 3 103 6 HOH HOH A . 
B 2 HOH 4 104 7 HOH HOH A . 
B 2 HOH 5 105 3 HOH HOH A . 
B 2 HOH 6 106 1 HOH HOH A . 
B 2 HOH 7 107 2 HOH HOH A . 
B 2 HOH 8 108 8 HOH HOH A . 
# 
_pdbx_struct_assembly.id                   1 
_pdbx_struct_assembly.details              author_and_software_defined_assembly 
_pdbx_struct_assembly.method_details       PISA 
_pdbx_struct_assembly.oligomeric_details   hexameric 
_pdbx_struct_assembly.oligomeric_count     6 
# 
_pdbx_struct_assembly_gen.assembly_id       1 
_pdbx_struct_assembly_gen.oper_expression   1,2,3,4,5,6 
_pdbx_struct_assembly_gen.asym_id_list      A,B 
# 
loop_
_pdbx_struct_assembly_prop.biol_id 
_pdbx_struct_assembly_prop.type 
_pdbx_struct_assembly_prop.value 
_pdbx_struct_assembly_prop.details 
1 'ABSA (A^2)' 12630 ? 
1 MORE         -70   ? 
1 'SSA (A^2)'  17190 ? 
# 
loop_
_pdbx_struct_oper_list.id 
_pdbx_struct_oper_list.type 
_pdbx_struct_oper_list.name 
_pdbx_struct_oper_list.symmetry_operation 
_pdbx_struct_oper_list.matrix[1][1] 
_pdbx_struct_oper_list.matrix[1][2] 
_pdbx_struct_oper_list.matrix[1][3] 
_pdbx_struct_oper_list.vector[1] 
_pdbx_struct_oper_list.matrix[2][1] 
_pdbx_struct_oper_list.matrix[2][2] 
_pdbx_struct_oper_list.matrix[2][3] 
_pdbx_struct_oper_list.vector[2] 
_pdbx_struct_oper_list.matrix[3][1] 
_pdbx_struct_oper_list.matrix[3][2] 
_pdbx_struct_oper_list.matrix[3][3] 
_pdbx_struct_oper_list.vector[3] 
1 'identity operation'         1_555 x,y,z        1.0000000000  0.0000000000  0.0000000000  0.0000000000   0.0000000000  1.0000000000  0.0000000000  0.0000000000   0.0000000000  0.0000000000  1.0000000000  0.0000000000   
2 'crystal symmetry operation' 2_555 -y,x-y,z     0.7913207884  0.5873283754  0.1698728624  7.0675891198   0.1070546862  -0.4066521966 0.9072889756  -16.3781042108 0.6019557326  -0.6997709415 -0.3846685917 -8.9143773741  
3 'crystal symmetry operation' 3_555 -x+y,-x,z    0.7913207884  0.1070546862  0.6019557326  1.5266831754   0.5873283754  -0.4066521966 -0.6997709415 -17.0492099367 0.1698728624  0.9072889756  -0.3846685917 10.2300008061  
4 'crystal symmetry operation' 4_556 y,x,-z+1     -0.9990476827 0.0308044270  -0.0309000817 -5.7751039140  0.0308044270  -0.0035750887 -0.9995190374 -14.0205789090 -0.0309000817 -0.9995190374 0.0026227714  -14.1551609661 
5 'crystal symmetry operation' 5_556 x-y,-y,-z+1  -0.8058699229 -0.5776727610 -0.1298762816 -13.0650255717 -0.5776727610 0.7189805095  0.3864727781  -4.8342228091  -0.1298762816 0.3864727781  -0.9131105865 1.9732965331   
6 'crystal symmetry operation' 6_556 -x,-x+y,-z+1 -0.7777239712 -0.1475147275 -0.6110522317 -8.1416322057  -0.1475147275 -0.9021010275 0.4055282251  -24.1376784281 -0.6110522317 0.4055282251  0.6798249987  2.8655052562 
# 
loop_
_pdbx_audit_revision_history.ordinal 
_pdbx_audit_revision_history.data_content_type 
_pdbx_audit_revision_history.major_revision 
_pdbx_audit_revision_history.minor_revision 
_pdbx_audit_revision_history.revision_date 
1 'Structure model' 1 0 2023-03-29 
2 'Structure model' 1 1 2023-11-29 
# 
_pdbx_audit_revision_details.ordinal             1 
_pdbx_audit_revision_details.revision_ordinal    1 
_pdbx_audit_revision_details.data_content_type   'Structure model' 
_pdbx_audit_revision_details.provider            repository 
_pdbx_audit_revision_details.type                'Initial release' 
_pdbx_audit_revision_details.description         ? 
_pdbx_audit_revision_details.details             ? 
# 
loop_
_pdbx_audit_revision_group.ordinal 
_pdbx_audit_revision_group.revision_ordinal 
_pdbx_audit_revision_group.data_content_type 
_pdbx_audit_revision_group.group 
1 2 'Structure model' 'Data collection'        
2 2 'Structure model' 'Refinement description' 
# 
loop_
_pdbx_audit_revision_category.ordinal 
_pdbx_audit_revision_category.revision_ordinal 
_pdbx_audit_revision_category.data_content_type 
_pdbx_audit_revision_category.category 
1 2 'Structure model' chem_comp_atom                
2 2 'Structure model' chem_comp_bond                
3 2 'Structure model' pdbx_initial_refinement_model 
# 
loop_
_pdbx_refine_tls.id 
_pdbx_refine_tls.pdbx_refine_id 
_pdbx_refine_tls.details 
_pdbx_refine_tls.method 
_pdbx_refine_tls.origin_x 
_pdbx_refine_tls.origin_y 
_pdbx_refine_tls.origin_z 
_pdbx_refine_tls.T[1][1] 
_pdbx_refine_tls.T[1][1]_esd 
_pdbx_refine_tls.T[1][2] 
_pdbx_refine_tls.T[1][2]_esd 
_pdbx_refine_tls.T[1][3] 
_pdbx_refine_tls.T[1][3]_esd 
_pdbx_refine_tls.T[2][2] 
_pdbx_refine_tls.T[2][2]_esd 
_pdbx_refine_tls.T[2][3] 
_pdbx_refine_tls.T[2][3]_esd 
_pdbx_refine_tls.T[3][3] 
_pdbx_refine_tls.T[3][3]_esd 
_pdbx_refine_tls.L[1][1] 
_pdbx_refine_tls.L[1][1]_esd 
_pdbx_refine_tls.L[1][2] 
_pdbx_refine_tls.L[1][2]_esd 
_pdbx_refine_tls.L[1][3] 
_pdbx_refine_tls.L[1][3]_esd 
_pdbx_refine_tls.L[2][2] 
_pdbx_refine_tls.L[2][2]_esd 
_pdbx_refine_tls.L[2][3] 
_pdbx_refine_tls.L[2][3]_esd 
_pdbx_refine_tls.L[3][3] 
_pdbx_refine_tls.L[3][3]_esd 
_pdbx_refine_tls.S[1][1] 
_pdbx_refine_tls.S[1][1]_esd 
_pdbx_refine_tls.S[1][2] 
_pdbx_refine_tls.S[1][2]_esd 
_pdbx_refine_tls.S[1][3] 
_pdbx_refine_tls.S[1][3]_esd 
_pdbx_refine_tls.S[2][1] 
_pdbx_refine_tls.S[2][1]_esd 
_pdbx_refine_tls.S[2][2] 
_pdbx_refine_tls.S[2][2]_esd 
_pdbx_refine_tls.S[2][3] 
_pdbx_refine_tls.S[2][3]_esd 
_pdbx_refine_tls.S[3][1] 
_pdbx_refine_tls.S[3][1]_esd 
_pdbx_refine_tls.S[3][2] 
_pdbx_refine_tls.S[3][2]_esd 
_pdbx_refine_tls.S[3][3] 
_pdbx_refine_tls.S[3][3]_esd 
1 'X-RAY DIFFRACTION' ? refined 1.0170  -1.8872 0.9814   0.4491 ? -0.0360 ? -0.0263 ? 0.4049 ? 0.0001  ? 0.3916 ? 8.9007 ? 0.5439  ? -2.5107 ? 5.6171 ? 0.9952  ? 7.2091 ? 0.6744  ? -0.4159 ? 0.4956 ? 0.0018  ? -0.4043 ? -0.4447 ? -0.8244 ? 0.7603  ? -0.0726 ? 
2 'X-RAY DIFFRACTION' ? refined -7.9672 3.0921  8.6006   0.7147 ? 0.1199  ? -0.0428 ? 0.5983 ? -0.2570 ? 0.6210 ? 3.6504 ? -0.7253 ? -0.7403 ? 3.2163 ? -0.8371 ? 5.6566 ? 0.3266  ? -0.9779 ? 0.9674 ? 0.7079  ? -0.3276 ? 0.5866  ? -1.2400 ? -0.4652 ? -0.2739 ? 
3 'X-RAY DIFFRACTION' ? refined 4.8607  -4.4745 -4.1780  0.3679 ? -0.0435 ? -0.0099 ? 0.4533 ? 0.0251  ? 0.4498 ? 3.8802 ? 1.4765  ? -1.2401 ? 4.3420 ? 0.0809  ? 7.8144 ? -0.2031 ? 0.2088  ? 0.4846 ? -0.0676 ? 0.0440  ? -0.2359 ? -0.1520 ? 0.4331  ? 0.1694  ? 
4 'X-RAY DIFFRACTION' ? refined 13.6617 3.2945  -14.9708 0.8241 ? -0.2170 ? 0.2036  ? 0.9427 ? 0.2357  ? 0.8927 ? 5.3494 ? 1.7805  ? 2.2988  ? 4.9123 ? -2.4116 ? 4.4309 ? -0.0719 ? -0.5494 ? 1.9002 ? -0.3481 ? -0.4916 ? -1.2661 ? -0.0142 ? 0.8350  ? -0.1601 ? 
# 
loop_
_pdbx_refine_tls_group.id 
_pdbx_refine_tls_group.pdbx_refine_id 
_pdbx_refine_tls_group.refine_tls_id 
_pdbx_refine_tls_group.beg_label_asym_id 
_pdbx_refine_tls_group.beg_label_seq_id 
_pdbx_refine_tls_group.beg_auth_asym_id 
_pdbx_refine_tls_group.beg_auth_seq_id 
_pdbx_refine_tls_group.beg_PDB_ins_code 
_pdbx_refine_tls_group.end_label_asym_id 
_pdbx_refine_tls_group.end_label_seq_id 
_pdbx_refine_tls_group.end_auth_asym_id 
_pdbx_refine_tls_group.end_auth_seq_id 
_pdbx_refine_tls_group.end_PDB_ins_code 
_pdbx_refine_tls_group.selection 
_pdbx_refine_tls_group.selection_details 
1 'X-RAY DIFFRACTION' 1 ? ? A 1  ? ? ? A 12 ? ? 
;chain 'A' and (resid 1 through 12 )
;
2 'X-RAY DIFFRACTION' 2 ? ? A 13 ? ? ? A 38 ? ? 
;chain 'A' and (resid 13 through 38 )
;
3 'X-RAY DIFFRACTION' 3 ? ? A 39 ? ? ? A 56 ? ? 
;chain 'A' and (resid 39 through 56 )
;
4 'X-RAY DIFFRACTION' 4 ? ? A 57 ? ? ? A 64 ? ? 
;chain 'A' and (resid 57 through 64 )
;
# 
loop_
_software.citation_id 
_software.classification 
_software.compiler_name 
_software.compiler_version 
_software.contact_author 
_software.contact_author_email 
_software.date 
_software.description 
_software.dependencies 
_software.hardware 
_software.language 
_software.location 
_software.mods 
_software.name 
_software.os 
_software.os_version 
_software.type 
_software.version 
_software.pdbx_ordinal 
? 'data scaling'    ? ? ? ? ? ? ? ? ? ? ? Aimless     ? ? ? .         1 
? refinement        ? ? ? ? ? ? ? ? ? ? ? PHENIX      ? ? ? 1.14_3260 2 
? 'data extraction' ? ? ? ? ? ? ? ? ? ? ? PDB_EXTRACT ? ? ? 3.27      3 
? 'model building'  ? ? ? ? ? ? ? ? ? ? ? Coot        ? ? ? .         4 
? phasing           ? ? ? ? ? ? ? ? ? ? ? PHENIX      ? ? ? 1.14_3260 5 
? 'data reduction'  ? ? ? ? ? ? ? ? ? ? ? XDS         ? ? ? .         6 
# 
loop_
_pdbx_unobs_or_zero_occ_residues.id 
_pdbx_unobs_or_zero_occ_residues.PDB_model_num 
_pdbx_unobs_or_zero_occ_residues.polymer_flag 
_pdbx_unobs_or_zero_occ_residues.occupancy_flag 
_pdbx_unobs_or_zero_occ_residues.auth_asym_id 
_pdbx_unobs_or_zero_occ_residues.auth_comp_id 
_pdbx_unobs_or_zero_occ_residues.auth_seq_id 
_pdbx_unobs_or_zero_occ_residues.PDB_ins_code 
_pdbx_unobs_or_zero_occ_residues.label_asym_id 
_pdbx_unobs_or_zero_occ_residues.label_comp_id 
_pdbx_unobs_or_zero_occ_residues.label_seq_id 
1 1 Y 1 A HIS 65 ? A HIS 65 
2 1 Y 1 A HIS 66 ? A HIS 66 
3 1 Y 1 A HIS 67 ? A HIS 67 
4 1 Y 1 A HIS 68 ? A HIS 68 
5 1 Y 1 A HIS 69 ? A HIS 69 
6 1 Y 1 A HIS 70 ? A HIS 70 
# 
loop_
_chem_comp_atom.comp_id 
_chem_comp_atom.atom_id 
_chem_comp_atom.type_symbol 
_chem_comp_atom.pdbx_aromatic_flag 
_chem_comp_atom.pdbx_stereo_config 
_chem_comp_atom.pdbx_ordinal 
ALA N    N N N 1   
ALA CA   C N S 2   
ALA C    C N N 3   
ALA O    O N N 4   
ALA CB   C N N 5   
ALA OXT  O N N 6   
ALA H    H N N 7   
ALA H2   H N N 8   
ALA HA   H N N 9   
ALA HB1  H N N 10  
ALA HB2  H N N 11  
ALA HB3  H N N 12  
ALA HXT  H N N 13  
ARG N    N N N 14  
ARG CA   C N S 15  
ARG C    C N N 16  
ARG O    O N N 17  
ARG CB   C N N 18  
ARG CG   C N N 19  
ARG CD   C N N 20  
ARG NE   N N N 21  
ARG CZ   C N N 22  
ARG NH1  N N N 23  
ARG NH2  N N N 24  
ARG OXT  O N N 25  
ARG H    H N N 26  
ARG H2   H N N 27  
ARG HA   H N N 28  
ARG HB2  H N N 29  
ARG HB3  H N N 30  
ARG HG2  H N N 31  
ARG HG3  H N N 32  
ARG HD2  H N N 33  
ARG HD3  H N N 34  
ARG HE   H N N 35  
ARG HH11 H N N 36  
ARG HH12 H N N 37  
ARG HH21 H N N 38  
ARG HH22 H N N 39  
ARG HXT  H N N 40  
ASN N    N N N 41  
ASN CA   C N S 42  
ASN C    C N N 43  
ASN O    O N N 44  
ASN CB   C N N 45  
ASN CG   C N N 46  
ASN OD1  O N N 47  
ASN ND2  N N N 48  
ASN OXT  O N N 49  
ASN H    H N N 50  
ASN H2   H N N 51  
ASN HA   H N N 52  
ASN HB2  H N N 53  
ASN HB3  H N N 54  
ASN HD21 H N N 55  
ASN HD22 H N N 56  
ASN HXT  H N N 57  
ASP N    N N N 58  
ASP CA   C N S 59  
ASP C    C N N 60  
ASP O    O N N 61  
ASP CB   C N N 62  
ASP CG   C N N 63  
ASP OD1  O N N 64  
ASP OD2  O N N 65  
ASP OXT  O N N 66  
ASP H    H N N 67  
ASP H2   H N N 68  
ASP HA   H N N 69  
ASP HB2  H N N 70  
ASP HB3  H N N 71  
ASP HD2  H N N 72  
ASP HXT  H N N 73  
GLN N    N N N 74  
GLN CA   C N S 75  
GLN C    C N N 76  
GLN O    O N N 77  
GLN CB   C N N 78  
GLN CG   C N N 79  
GLN CD   C N N 80  
GLN OE1  O N N 81  
GLN NE2  N N N 82  
GLN OXT  O N N 83  
GLN H    H N N 84  
GLN H2   H N N 85  
GLN HA   H N N 86  
GLN HB2  H N N 87  
GLN HB3  H N N 88  
GLN HG2  H N N 89  
GLN HG3  H N N 90  
GLN HE21 H N N 91  
GLN HE22 H N N 92  
GLN HXT  H N N 93  
GLU N    N N N 94  
GLU CA   C N S 95  
GLU C    C N N 96  
GLU O    O N N 97  
GLU CB   C N N 98  
GLU CG   C N N 99  
GLU CD   C N N 100 
GLU OE1  O N N 101 
GLU OE2  O N N 102 
GLU OXT  O N N 103 
GLU H    H N N 104 
GLU H2   H N N 105 
GLU HA   H N N 106 
GLU HB2  H N N 107 
GLU HB3  H N N 108 
GLU HG2  H N N 109 
GLU HG3  H N N 110 
GLU HE2  H N N 111 
GLU HXT  H N N 112 
GLY N    N N N 113 
GLY CA   C N N 114 
GLY C    C N N 115 
GLY O    O N N 116 
GLY OXT  O N N 117 
GLY H    H N N 118 
GLY H2   H N N 119 
GLY HA2  H N N 120 
GLY HA3  H N N 121 
GLY HXT  H N N 122 
HIS N    N N N 123 
HIS CA   C N S 124 
HIS C    C N N 125 
HIS O    O N N 126 
HIS CB   C N N 127 
HIS CG   C Y N 128 
HIS ND1  N Y N 129 
HIS CD2  C Y N 130 
HIS CE1  C Y N 131 
HIS NE2  N Y N 132 
HIS OXT  O N N 133 
HIS H    H N N 134 
HIS H2   H N N 135 
HIS HA   H N N 136 
HIS HB2  H N N 137 
HIS HB3  H N N 138 
HIS HD1  H N N 139 
HIS HD2  H N N 140 
HIS HE1  H N N 141 
HIS HE2  H N N 142 
HIS HXT  H N N 143 
HOH O    O N N 144 
HOH H1   H N N 145 
HOH H2   H N N 146 
ILE N    N N N 147 
ILE CA   C N S 148 
ILE C    C N N 149 
ILE O    O N N 150 
ILE CB   C N S 151 
ILE CG1  C N N 152 
ILE CG2  C N N 153 
ILE CD1  C N N 154 
ILE OXT  O N N 155 
ILE H    H N N 156 
ILE H2   H N N 157 
ILE HA   H N N 158 
ILE HB   H N N 159 
ILE HG12 H N N 160 
ILE HG13 H N N 161 
ILE HG21 H N N 162 
ILE HG22 H N N 163 
ILE HG23 H N N 164 
ILE HD11 H N N 165 
ILE HD12 H N N 166 
ILE HD13 H N N 167 
ILE HXT  H N N 168 
LEU N    N N N 169 
LEU CA   C N S 170 
LEU C    C N N 171 
LEU O    O N N 172 
LEU CB   C N N 173 
LEU CG   C N N 174 
LEU CD1  C N N 175 
LEU CD2  C N N 176 
LEU OXT  O N N 177 
LEU H    H N N 178 
LEU H2   H N N 179 
LEU HA   H N N 180 
LEU HB2  H N N 181 
LEU HB3  H N N 182 
LEU HG   H N N 183 
LEU HD11 H N N 184 
LEU HD12 H N N 185 
LEU HD13 H N N 186 
LEU HD21 H N N 187 
LEU HD22 H N N 188 
LEU HD23 H N N 189 
LEU HXT  H N N 190 
LYS N    N N N 191 
LYS CA   C N S 192 
LYS C    C N N 193 
LYS O    O N N 194 
LYS CB   C N N 195 
LYS CG   C N N 196 
LYS CD   C N N 197 
LYS CE   C N N 198 
LYS NZ   N N N 199 
LYS OXT  O N N 200 
LYS H    H N N 201 
LYS H2   H N N 202 
LYS HA   H N N 203 
LYS HB2  H N N 204 
LYS HB3  H N N 205 
LYS HG2  H N N 206 
LYS HG3  H N N 207 
LYS HD2  H N N 208 
LYS HD3  H N N 209 
LYS HE2  H N N 210 
LYS HE3  H N N 211 
LYS HZ1  H N N 212 
LYS HZ2  H N N 213 
LYS HZ3  H N N 214 
LYS HXT  H N N 215 
MET N    N N N 216 
MET CA   C N S 217 
MET C    C N N 218 
MET O    O N N 219 
MET CB   C N N 220 
MET CG   C N N 221 
MET SD   S N N 222 
MET CE   C N N 223 
MET OXT  O N N 224 
MET H    H N N 225 
MET H2   H N N 226 
MET HA   H N N 227 
MET HB2  H N N 228 
MET HB3  H N N 229 
MET HG2  H N N 230 
MET HG3  H N N 231 
MET HE1  H N N 232 
MET HE2  H N N 233 
MET HE3  H N N 234 
MET HXT  H N N 235 
PHE N    N N N 236 
PHE CA   C N S 237 
PHE C    C N N 238 
PHE O    O N N 239 
PHE CB   C N N 240 
PHE CG   C Y N 241 
PHE CD1  C Y N 242 
PHE CD2  C Y N 243 
PHE CE1  C Y N 244 
PHE CE2  C Y N 245 
PHE CZ   C Y N 246 
PHE OXT  O N N 247 
PHE H    H N N 248 
PHE H2   H N N 249 
PHE HA   H N N 250 
PHE HB2  H N N 251 
PHE HB3  H N N 252 
PHE HD1  H N N 253 
PHE HD2  H N N 254 
PHE HE1  H N N 255 
PHE HE2  H N N 256 
PHE HZ   H N N 257 
PHE HXT  H N N 258 
PRO N    N N N 259 
PRO CA   C N S 260 
PRO C    C N N 261 
PRO O    O N N 262 
PRO CB   C N N 263 
PRO CG   C N N 264 
PRO CD   C N N 265 
PRO OXT  O N N 266 
PRO H    H N N 267 
PRO HA   H N N 268 
PRO HB2  H N N 269 
PRO HB3  H N N 270 
PRO HG2  H N N 271 
PRO HG3  H N N 272 
PRO HD2  H N N 273 
PRO HD3  H N N 274 
PRO HXT  H N N 275 
SER N    N N N 276 
SER CA   C N S 277 
SER C    C N N 278 
SER O    O N N 279 
SER CB   C N N 280 
SER OG   O N N 281 
SER OXT  O N N 282 
SER H    H N N 283 
SER H2   H N N 284 
SER HA   H N N 285 
SER HB2  H N N 286 
SER HB3  H N N 287 
SER HG   H N N 288 
SER HXT  H N N 289 
THR N    N N N 290 
THR CA   C N S 291 
THR C    C N N 292 
THR O    O N N 293 
THR CB   C N R 294 
THR OG1  O N N 295 
THR CG2  C N N 296 
THR OXT  O N N 297 
THR H    H N N 298 
THR H2   H N N 299 
THR HA   H N N 300 
THR HB   H N N 301 
THR HG1  H N N 302 
THR HG21 H N N 303 
THR HG22 H N N 304 
THR HG23 H N N 305 
THR HXT  H N N 306 
TRP N    N N N 307 
TRP CA   C N S 308 
TRP C    C N N 309 
TRP O    O N N 310 
TRP CB   C N N 311 
TRP CG   C Y N 312 
TRP CD1  C Y N 313 
TRP CD2  C Y N 314 
TRP NE1  N Y N 315 
TRP CE2  C Y N 316 
TRP CE3  C Y N 317 
TRP CZ2  C Y N 318 
TRP CZ3  C Y N 319 
TRP CH2  C Y N 320 
TRP OXT  O N N 321 
TRP H    H N N 322 
TRP H2   H N N 323 
TRP HA   H N N 324 
TRP HB2  H N N 325 
TRP HB3  H N N 326 
TRP HD1  H N N 327 
TRP HE1  H N N 328 
TRP HE3  H N N 329 
TRP HZ2  H N N 330 
TRP HZ3  H N N 331 
TRP HH2  H N N 332 
TRP HXT  H N N 333 
TYR N    N N N 334 
TYR CA   C N S 335 
TYR C    C N N 336 
TYR O    O N N 337 
TYR CB   C N N 338 
TYR CG   C Y N 339 
TYR CD1  C Y N 340 
TYR CD2  C Y N 341 
TYR CE1  C Y N 342 
TYR CE2  C Y N 343 
TYR CZ   C Y N 344 
TYR OH   O N N 345 
TYR OXT  O N N 346 
TYR H    H N N 347 
TYR H2   H N N 348 
TYR HA   H N N 349 
TYR HB2  H N N 350 
TYR HB3  H N N 351 
TYR HD1  H N N 352 
TYR HD2  H N N 353 
TYR HE1  H N N 354 
TYR HE2  H N N 355 
TYR HH   H N N 356 
TYR HXT  H N N 357 
VAL N    N N N 358 
VAL CA   C N S 359 
VAL C    C N N 360 
VAL O    O N N 361 
VAL CB   C N N 362 
VAL CG1  C N N 363 
VAL CG2  C N N 364 
VAL OXT  O N N 365 
VAL H    H N N 366 
VAL H2   H N N 367 
VAL HA   H N N 368 
VAL HB   H N N 369 
VAL HG11 H N N 370 
VAL HG12 H N N 371 
VAL HG13 H N N 372 
VAL HG21 H N N 373 
VAL HG22 H N N 374 
VAL HG23 H N N 375 
VAL HXT  H N N 376 
# 
loop_
_chem_comp_bond.comp_id 
_chem_comp_bond.atom_id_1 
_chem_comp_bond.atom_id_2 
_chem_comp_bond.value_order 
_chem_comp_bond.pdbx_aromatic_flag 
_chem_comp_bond.pdbx_stereo_config 
_chem_comp_bond.pdbx_ordinal 
ALA N   CA   sing N N 1   
ALA N   H    sing N N 2   
ALA N   H2   sing N N 3   
ALA CA  C    sing N N 4   
ALA CA  CB   sing N N 5   
ALA CA  HA   sing N N 6   
ALA C   O    doub N N 7   
ALA C   OXT  sing N N 8   
ALA CB  HB1  sing N N 9   
ALA CB  HB2  sing N N 10  
ALA CB  HB3  sing N N 11  
ALA OXT HXT  sing N N 12  
ARG N   CA   sing N N 13  
ARG N   H    sing N N 14  
ARG N   H2   sing N N 15  
ARG CA  C    sing N N 16  
ARG CA  CB   sing N N 17  
ARG CA  HA   sing N N 18  
ARG C   O    doub N N 19  
ARG C   OXT  sing N N 20  
ARG CB  CG   sing N N 21  
ARG CB  HB2  sing N N 22  
ARG CB  HB3  sing N N 23  
ARG CG  CD   sing N N 24  
ARG CG  HG2  sing N N 25  
ARG CG  HG3  sing N N 26  
ARG CD  NE   sing N N 27  
ARG CD  HD2  sing N N 28  
ARG CD  HD3  sing N N 29  
ARG NE  CZ   sing N N 30  
ARG NE  HE   sing N N 31  
ARG CZ  NH1  sing N N 32  
ARG CZ  NH2  doub N N 33  
ARG NH1 HH11 sing N N 34  
ARG NH1 HH12 sing N N 35  
ARG NH2 HH21 sing N N 36  
ARG NH2 HH22 sing N N 37  
ARG OXT HXT  sing N N 38  
ASN N   CA   sing N N 39  
ASN N   H    sing N N 40  
ASN N   H2   sing N N 41  
ASN CA  C    sing N N 42  
ASN CA  CB   sing N N 43  
ASN CA  HA   sing N N 44  
ASN C   O    doub N N 45  
ASN C   OXT  sing N N 46  
ASN CB  CG   sing N N 47  
ASN CB  HB2  sing N N 48  
ASN CB  HB3  sing N N 49  
ASN CG  OD1  doub N N 50  
ASN CG  ND2  sing N N 51  
ASN ND2 HD21 sing N N 52  
ASN ND2 HD22 sing N N 53  
ASN OXT HXT  sing N N 54  
ASP N   CA   sing N N 55  
ASP N   H    sing N N 56  
ASP N   H2   sing N N 57  
ASP CA  C    sing N N 58  
ASP CA  CB   sing N N 59  
ASP CA  HA   sing N N 60  
ASP C   O    doub N N 61  
ASP C   OXT  sing N N 62  
ASP CB  CG   sing N N 63  
ASP CB  HB2  sing N N 64  
ASP CB  HB3  sing N N 65  
ASP CG  OD1  doub N N 66  
ASP CG  OD2  sing N N 67  
ASP OD2 HD2  sing N N 68  
ASP OXT HXT  sing N N 69  
GLN N   CA   sing N N 70  
GLN N   H    sing N N 71  
GLN N   H2   sing N N 72  
GLN CA  C    sing N N 73  
GLN CA  CB   sing N N 74  
GLN CA  HA   sing N N 75  
GLN C   O    doub N N 76  
GLN C   OXT  sing N N 77  
GLN CB  CG   sing N N 78  
GLN CB  HB2  sing N N 79  
GLN CB  HB3  sing N N 80  
GLN CG  CD   sing N N 81  
GLN CG  HG2  sing N N 82  
GLN CG  HG3  sing N N 83  
GLN CD  OE1  doub N N 84  
GLN CD  NE2  sing N N 85  
GLN NE2 HE21 sing N N 86  
GLN NE2 HE22 sing N N 87  
GLN OXT HXT  sing N N 88  
GLU N   CA   sing N N 89  
GLU N   H    sing N N 90  
GLU N   H2   sing N N 91  
GLU CA  C    sing N N 92  
GLU CA  CB   sing N N 93  
GLU CA  HA   sing N N 94  
GLU C   O    doub N N 95  
GLU C   OXT  sing N N 96  
GLU CB  CG   sing N N 97  
GLU CB  HB2  sing N N 98  
GLU CB  HB3  sing N N 99  
GLU CG  CD   sing N N 100 
GLU CG  HG2  sing N N 101 
GLU CG  HG3  sing N N 102 
GLU CD  OE1  doub N N 103 
GLU CD  OE2  sing N N 104 
GLU OE2 HE2  sing N N 105 
GLU OXT HXT  sing N N 106 
GLY N   CA   sing N N 107 
GLY N   H    sing N N 108 
GLY N   H2   sing N N 109 
GLY CA  C    sing N N 110 
GLY CA  HA2  sing N N 111 
GLY CA  HA3  sing N N 112 
GLY C   O    doub N N 113 
GLY C   OXT  sing N N 114 
GLY OXT HXT  sing N N 115 
HIS N   CA   sing N N 116 
HIS N   H    sing N N 117 
HIS N   H2   sing N N 118 
HIS CA  C    sing N N 119 
HIS CA  CB   sing N N 120 
HIS CA  HA   sing N N 121 
HIS C   O    doub N N 122 
HIS C   OXT  sing N N 123 
HIS CB  CG   sing N N 124 
HIS CB  HB2  sing N N 125 
HIS CB  HB3  sing N N 126 
HIS CG  ND1  sing Y N 127 
HIS CG  CD2  doub Y N 128 
HIS ND1 CE1  doub Y N 129 
HIS ND1 HD1  sing N N 130 
HIS CD2 NE2  sing Y N 131 
HIS CD2 HD2  sing N N 132 
HIS CE1 NE2  sing Y N 133 
HIS CE1 HE1  sing N N 134 
HIS NE2 HE2  sing N N 135 
HIS OXT HXT  sing N N 136 
HOH O   H1   sing N N 137 
HOH O   H2   sing N N 138 
ILE N   CA   sing N N 139 
ILE N   H    sing N N 140 
ILE N   H2   sing N N 141 
ILE CA  C    sing N N 142 
ILE CA  CB   sing N N 143 
ILE CA  HA   sing N N 144 
ILE C   O    doub N N 145 
ILE C   OXT  sing N N 146 
ILE CB  CG1  sing N N 147 
ILE CB  CG2  sing N N 148 
ILE CB  HB   sing N N 149 
ILE CG1 CD1  sing N N 150 
ILE CG1 HG12 sing N N 151 
ILE CG1 HG13 sing N N 152 
ILE CG2 HG21 sing N N 153 
ILE CG2 HG22 sing N N 154 
ILE CG2 HG23 sing N N 155 
ILE CD1 HD11 sing N N 156 
ILE CD1 HD12 sing N N 157 
ILE CD1 HD13 sing N N 158 
ILE OXT HXT  sing N N 159 
LEU N   CA   sing N N 160 
LEU N   H    sing N N 161 
LEU N   H2   sing N N 162 
LEU CA  C    sing N N 163 
LEU CA  CB   sing N N 164 
LEU CA  HA   sing N N 165 
LEU C   O    doub N N 166 
LEU C   OXT  sing N N 167 
LEU CB  CG   sing N N 168 
LEU CB  HB2  sing N N 169 
LEU CB  HB3  sing N N 170 
LEU CG  CD1  sing N N 171 
LEU CG  CD2  sing N N 172 
LEU CG  HG   sing N N 173 
LEU CD1 HD11 sing N N 174 
LEU CD1 HD12 sing N N 175 
LEU CD1 HD13 sing N N 176 
LEU CD2 HD21 sing N N 177 
LEU CD2 HD22 sing N N 178 
LEU CD2 HD23 sing N N 179 
LEU OXT HXT  sing N N 180 
LYS N   CA   sing N N 181 
LYS N   H    sing N N 182 
LYS N   H2   sing N N 183 
LYS CA  C    sing N N 184 
LYS CA  CB   sing N N 185 
LYS CA  HA   sing N N 186 
LYS C   O    doub N N 187 
LYS C   OXT  sing N N 188 
LYS CB  CG   sing N N 189 
LYS CB  HB2  sing N N 190 
LYS CB  HB3  sing N N 191 
LYS CG  CD   sing N N 192 
LYS CG  HG2  sing N N 193 
LYS CG  HG3  sing N N 194 
LYS CD  CE   sing N N 195 
LYS CD  HD2  sing N N 196 
LYS CD  HD3  sing N N 197 
LYS CE  NZ   sing N N 198 
LYS CE  HE2  sing N N 199 
LYS CE  HE3  sing N N 200 
LYS NZ  HZ1  sing N N 201 
LYS NZ  HZ2  sing N N 202 
LYS NZ  HZ3  sing N N 203 
LYS OXT HXT  sing N N 204 
MET N   CA   sing N N 205 
MET N   H    sing N N 206 
MET N   H2   sing N N 207 
MET CA  C    sing N N 208 
MET CA  CB   sing N N 209 
MET CA  HA   sing N N 210 
MET C   O    doub N N 211 
MET C   OXT  sing N N 212 
MET CB  CG   sing N N 213 
MET CB  HB2  sing N N 214 
MET CB  HB3  sing N N 215 
MET CG  SD   sing N N 216 
MET CG  HG2  sing N N 217 
MET CG  HG3  sing N N 218 
MET SD  CE   sing N N 219 
MET CE  HE1  sing N N 220 
MET CE  HE2  sing N N 221 
MET CE  HE3  sing N N 222 
MET OXT HXT  sing N N 223 
PHE N   CA   sing N N 224 
PHE N   H    sing N N 225 
PHE N   H2   sing N N 226 
PHE CA  C    sing N N 227 
PHE CA  CB   sing N N 228 
PHE CA  HA   sing N N 229 
PHE C   O    doub N N 230 
PHE C   OXT  sing N N 231 
PHE CB  CG   sing N N 232 
PHE CB  HB2  sing N N 233 
PHE CB  HB3  sing N N 234 
PHE CG  CD1  doub Y N 235 
PHE CG  CD2  sing Y N 236 
PHE CD1 CE1  sing Y N 237 
PHE CD1 HD1  sing N N 238 
PHE CD2 CE2  doub Y N 239 
PHE CD2 HD2  sing N N 240 
PHE CE1 CZ   doub Y N 241 
PHE CE1 HE1  sing N N 242 
PHE CE2 CZ   sing Y N 243 
PHE CE2 HE2  sing N N 244 
PHE CZ  HZ   sing N N 245 
PHE OXT HXT  sing N N 246 
PRO N   CA   sing N N 247 
PRO N   CD   sing N N 248 
PRO N   H    sing N N 249 
PRO CA  C    sing N N 250 
PRO CA  CB   sing N N 251 
PRO CA  HA   sing N N 252 
PRO C   O    doub N N 253 
PRO C   OXT  sing N N 254 
PRO CB  CG   sing N N 255 
PRO CB  HB2  sing N N 256 
PRO CB  HB3  sing N N 257 
PRO CG  CD   sing N N 258 
PRO CG  HG2  sing N N 259 
PRO CG  HG3  sing N N 260 
PRO CD  HD2  sing N N 261 
PRO CD  HD3  sing N N 262 
PRO OXT HXT  sing N N 263 
SER N   CA   sing N N 264 
SER N   H    sing N N 265 
SER N   H2   sing N N 266 
SER CA  C    sing N N 267 
SER CA  CB   sing N N 268 
SER CA  HA   sing N N 269 
SER C   O    doub N N 270 
SER C   OXT  sing N N 271 
SER CB  OG   sing N N 272 
SER CB  HB2  sing N N 273 
SER CB  HB3  sing N N 274 
SER OG  HG   sing N N 275 
SER OXT HXT  sing N N 276 
THR N   CA   sing N N 277 
THR N   H    sing N N 278 
THR N   H2   sing N N 279 
THR CA  C    sing N N 280 
THR CA  CB   sing N N 281 
THR CA  HA   sing N N 282 
THR C   O    doub N N 283 
THR C   OXT  sing N N 284 
THR CB  OG1  sing N N 285 
THR CB  CG2  sing N N 286 
THR CB  HB   sing N N 287 
THR OG1 HG1  sing N N 288 
THR CG2 HG21 sing N N 289 
THR CG2 HG22 sing N N 290 
THR CG2 HG23 sing N N 291 
THR OXT HXT  sing N N 292 
TRP N   CA   sing N N 293 
TRP N   H    sing N N 294 
TRP N   H2   sing N N 295 
TRP CA  C    sing N N 296 
TRP CA  CB   sing N N 297 
TRP CA  HA   sing N N 298 
TRP C   O    doub N N 299 
TRP C   OXT  sing N N 300 
TRP CB  CG   sing N N 301 
TRP CB  HB2  sing N N 302 
TRP CB  HB3  sing N N 303 
TRP CG  CD1  doub Y N 304 
TRP CG  CD2  sing Y N 305 
TRP CD1 NE1  sing Y N 306 
TRP CD1 HD1  sing N N 307 
TRP CD2 CE2  doub Y N 308 
TRP CD2 CE3  sing Y N 309 
TRP NE1 CE2  sing Y N 310 
TRP NE1 HE1  sing N N 311 
TRP CE2 CZ2  sing Y N 312 
TRP CE3 CZ3  doub Y N 313 
TRP CE3 HE3  sing N N 314 
TRP CZ2 CH2  doub Y N 315 
TRP CZ2 HZ2  sing N N 316 
TRP CZ3 CH2  sing Y N 317 
TRP CZ3 HZ3  sing N N 318 
TRP CH2 HH2  sing N N 319 
TRP OXT HXT  sing N N 320 
TYR N   CA   sing N N 321 
TYR N   H    sing N N 322 
TYR N   H2   sing N N 323 
TYR CA  C    sing N N 324 
TYR CA  CB   sing N N 325 
TYR CA  HA   sing N N 326 
TYR C   O    doub N N 327 
TYR C   OXT  sing N N 328 
TYR CB  CG   sing N N 329 
TYR CB  HB2  sing N N 330 
TYR CB  HB3  sing N N 331 
TYR CG  CD1  doub Y N 332 
TYR CG  CD2  sing Y N 333 
TYR CD1 CE1  sing Y N 334 
TYR CD1 HD1  sing N N 335 
TYR CD2 CE2  doub Y N 336 
TYR CD2 HD2  sing N N 337 
TYR CE1 CZ   doub Y N 338 
TYR CE1 HE1  sing N N 339 
TYR CE2 CZ   sing Y N 340 
TYR CE2 HE2  sing N N 341 
TYR CZ  OH   sing N N 342 
TYR OH  HH   sing N N 343 
TYR OXT HXT  sing N N 344 
VAL N   CA   sing N N 345 
VAL N   H    sing N N 346 
VAL N   H2   sing N N 347 
VAL CA  C    sing N N 348 
VAL CA  CB   sing N N 349 
VAL CA  HA   sing N N 350 
VAL C   O    doub N N 351 
VAL C   OXT  sing N N 352 
VAL CB  CG1  sing N N 353 
VAL CB  CG2  sing N N 354 
VAL CB  HB   sing N N 355 
VAL CG1 HG11 sing N N 356 
VAL CG1 HG12 sing N N 357 
VAL CG1 HG13 sing N N 358 
VAL CG2 HG21 sing N N 359 
VAL CG2 HG22 sing N N 360 
VAL CG2 HG23 sing N N 361 
VAL OXT HXT  sing N N 362 
# 
_pdbx_audit_support.funding_organization   'Ministry of Science and Technology (MoST, China)' 
_pdbx_audit_support.country                China 
_pdbx_audit_support.grant_number           2020YFC1808801 
_pdbx_audit_support.ordinal                1 
# 
_pdbx_entity_nonpoly.entity_id   2 
_pdbx_entity_nonpoly.name        water 
_pdbx_entity_nonpoly.comp_id     HOH 
# 
_pdbx_initial_refinement_model.id               1 
_pdbx_initial_refinement_model.entity_id_list   ? 
_pdbx_initial_refinement_model.type             'experimental model' 
_pdbx_initial_refinement_model.source_name      PDB 
_pdbx_initial_refinement_model.accession_code   4FAZ 
_pdbx_initial_refinement_model.details          ? 
# 
_pdbx_struct_assembly_auth_evidence.id                     1 
_pdbx_struct_assembly_auth_evidence.assembly_id            1 
_pdbx_struct_assembly_auth_evidence.experimental_support   'gel filtration' 
_pdbx_struct_assembly_auth_evidence.details                hexamer 
# 
